data_5CZT
#
_entry.id   5CZT
#
_cell.length_a   75.647
_cell.length_b   140.828
_cell.length_c   77.266
_cell.angle_alpha   90.00
_cell.angle_beta   98.56
_cell.angle_gamma   90.00
#
_symmetry.space_group_name_H-M   'P 1 21 1'
#
loop_
_entity.id
_entity.type
_entity.pdbx_description
1 polymer 'Phospho-2-dehydro-3-deoxyheptonate aldolase'
2 non-polymer 'MANGANESE (II) ION'
3 non-polymer PHENYLALANINE
4 non-polymer 'CHLORIDE ION'
5 water water
#
_entity_poly.entity_id   1
_entity_poly.type   'polypeptide(L)'
_entity_poly.pdbx_seq_one_letter_code
;MTHHYPTDDIKIKEVKELLPPIAHLYELPISKEASGLVHRTRQEISDLVHGRDKRLLVIIGPCSIHDPKAALEYAERLLK
LRKQYENELLIVMRVYFEKPRTTVGWKGLINDPHLDGTFDINFGLRQARSLLLSLNNMGMPASTEFLDMITPQYYADLIS
WGAIGARTTESQVHRALASGLSCPVGFKNGTDGNLKIAIDAIGAASHSHHFLSVTKAGHSAIVHTGGNPDCHVILRGGKE
PNYDAEHVSEAAEQLRAAGVTDKLMIDCSHANSRKDYTRQMEVAQDIAAQLEQDGGNIMGVMVESHLVEGRQDKPEVYGK
SITDACIGWGATEELLALLAGANKKRMARAS
;
_entity_poly.pdbx_strand_id   A,B,C,D
#
loop_
_chem_comp.id
_chem_comp.type
_chem_comp.name
_chem_comp.formula
CL non-polymer 'CHLORIDE ION' 'Cl -1'
MN non-polymer 'MANGANESE (II) ION' 'Mn 2'
#
# COMPACT_ATOMS: atom_id res chain seq x y z
N HIS A 4 -0.56 -24.90 16.81
CA HIS A 4 0.23 -23.74 16.28
C HIS A 4 0.18 -22.56 17.27
N TYR A 5 1.31 -22.22 17.88
CA TYR A 5 1.37 -21.17 18.92
C TYR A 5 1.60 -19.81 18.28
N PRO A 6 1.07 -18.73 18.89
CA PRO A 6 1.22 -17.43 18.25
C PRO A 6 2.61 -16.83 18.50
N THR A 7 3.19 -16.21 17.48
CA THR A 7 4.49 -15.58 17.62
C THR A 7 4.58 -14.15 17.11
N ASP A 8 3.55 -13.67 16.42
CA ASP A 8 3.61 -12.40 15.74
C ASP A 8 2.72 -11.41 16.45
N ASP A 9 3.23 -10.20 16.67
CA ASP A 9 2.44 -9.12 17.23
C ASP A 9 1.81 -9.44 18.60
N ILE A 10 2.49 -10.26 19.41
CA ILE A 10 1.98 -10.65 20.74
C ILE A 10 1.69 -9.45 21.67
N LYS A 11 2.58 -8.49 21.66
CA LYS A 11 2.48 -7.33 22.57
C LYS A 11 2.04 -6.07 21.81
N ILE A 12 1.24 -6.26 20.77
CA ILE A 12 0.77 -5.13 19.96
C ILE A 12 -0.75 -4.99 20.15
N LYS A 13 -1.20 -3.78 20.45
CA LYS A 13 -2.63 -3.51 20.54
C LYS A 13 -3.23 -3.23 19.18
N GLU A 14 -2.54 -2.45 18.37
CA GLU A 14 -3.10 -2.04 17.13
C GLU A 14 -1.98 -1.61 16.19
N VAL A 15 -2.11 -1.96 14.91
CA VAL A 15 -1.28 -1.42 13.85
C VAL A 15 -2.29 -0.79 12.87
N LYS A 16 -2.25 0.52 12.69
CA LYS A 16 -3.21 1.20 11.81
C LYS A 16 -2.48 1.91 10.69
N GLU A 17 -3.05 1.82 9.50
CA GLU A 17 -2.49 2.48 8.33
C GLU A 17 -2.58 4.00 8.49
N LEU A 18 -1.51 4.70 8.15
CA LEU A 18 -1.49 6.17 8.12
C LEU A 18 -1.64 6.67 6.71
N LEU A 19 -2.21 7.86 6.55
CA LEU A 19 -2.15 8.47 5.26
C LEU A 19 -0.70 8.56 4.87
N PRO A 20 -0.40 8.30 3.61
CA PRO A 20 0.97 8.43 3.12
C PRO A 20 1.37 9.91 3.05
N PRO A 21 2.67 10.20 3.07
CA PRO A 21 3.16 11.56 2.89
C PRO A 21 2.53 12.30 1.70
N ILE A 22 2.45 11.62 0.55
CA ILE A 22 1.89 12.21 -0.65
C ILE A 22 0.44 12.74 -0.45
N ALA A 23 -0.33 12.16 0.46
CA ALA A 23 -1.67 12.70 0.71
C ALA A 23 -1.59 14.12 1.26
N HIS A 24 -0.66 14.31 2.20
CA HIS A 24 -0.50 15.62 2.82
C HIS A 24 0.14 16.59 1.85
N LEU A 25 1.12 16.13 1.10
CA LEU A 25 1.76 16.94 0.06
C LEU A 25 0.75 17.37 -1.01
N TYR A 26 -0.19 16.49 -1.33
CA TYR A 26 -1.23 16.81 -2.32
C TYR A 26 -2.12 17.95 -1.89
N GLU A 27 -2.53 17.93 -0.63
CA GLU A 27 -3.42 18.95 -0.09
C GLU A 27 -2.64 20.21 0.28
N LEU A 28 -1.37 20.07 0.63
CA LEU A 28 -0.57 21.19 1.09
C LEU A 28 0.77 21.21 0.37
N PRO A 29 0.73 21.40 -0.97
CA PRO A 29 1.99 21.45 -1.69
C PRO A 29 2.82 22.67 -1.28
N ILE A 30 4.13 22.53 -1.29
CA ILE A 30 4.97 23.66 -0.97
C ILE A 30 4.78 24.78 -2.04
N SER A 31 4.66 26.02 -1.60
CA SER A 31 4.51 27.14 -2.53
C SER A 31 5.84 27.62 -3.12
N LYS A 32 5.74 28.46 -4.12
CA LYS A 32 6.92 29.01 -4.75
C LYS A 32 7.73 29.84 -3.74
N GLU A 33 7.05 30.63 -2.94
CA GLU A 33 7.67 31.52 -1.98
C GLU A 33 8.29 30.74 -0.83
N ALA A 34 7.60 29.70 -0.37
CA ALA A 34 8.14 28.88 0.72
C ALA A 34 9.37 28.14 0.24
N SER A 35 9.32 27.63 -0.99
CA SER A 35 10.43 26.92 -1.60
C SER A 35 11.69 27.81 -1.61
N GLY A 36 11.49 29.05 -2.02
CA GLY A 36 12.57 30.05 -2.07
C GLY A 36 13.16 30.33 -0.71
N LEU A 37 12.28 30.50 0.28
CA LEU A 37 12.74 30.74 1.65
C LEU A 37 13.51 29.55 2.24
N VAL A 38 13.00 28.34 2.07
CA VAL A 38 13.66 27.15 2.59
C VAL A 38 15.02 26.96 1.90
N HIS A 39 15.06 27.12 0.58
CA HIS A 39 16.30 26.96 -0.14
C HIS A 39 17.37 27.97 0.28
N ARG A 40 16.96 29.23 0.34
CA ARG A 40 17.84 30.30 0.71
C ARG A 40 18.29 30.16 2.18
N THR A 41 17.38 29.84 3.08
CA THR A 41 17.72 29.72 4.49
C THR A 41 18.72 28.56 4.73
N ARG A 42 18.54 27.43 4.05
CA ARG A 42 19.46 26.29 4.18
C ARG A 42 20.87 26.67 3.71
N GLN A 43 20.92 27.38 2.60
CA GLN A 43 22.15 27.96 2.10
C GLN A 43 22.85 28.92 3.09
N GLU A 44 22.08 29.90 3.60
CA GLU A 44 22.63 30.90 4.50
C GLU A 44 23.13 30.23 5.79
N ILE A 45 22.41 29.22 6.29
CA ILE A 45 22.87 28.49 7.47
C ILE A 45 24.17 27.72 7.17
N SER A 46 24.24 27.09 6.01
CA SER A 46 25.45 26.38 5.58
C SER A 46 26.64 27.32 5.61
N ASP A 47 26.40 28.57 5.19
CA ASP A 47 27.45 29.57 5.18
C ASP A 47 27.97 29.79 6.59
N LEU A 48 27.09 29.75 7.57
CA LEU A 48 27.50 29.97 8.95
C LEU A 48 28.27 28.75 9.45
N VAL A 49 27.77 27.57 9.14
CA VAL A 49 28.42 26.34 9.56
C VAL A 49 29.87 26.28 9.09
N HIS A 50 30.13 26.76 7.87
CA HIS A 50 31.45 26.68 7.25
C HIS A 50 32.27 27.98 7.30
N GLY A 51 31.82 28.95 8.08
CA GLY A 51 32.59 30.18 8.28
C GLY A 51 32.63 31.16 7.12
N ARG A 52 31.68 31.09 6.19
CA ARG A 52 31.65 32.00 5.04
C ARG A 52 30.93 33.30 5.33
N ASP A 53 30.12 33.29 6.39
CA ASP A 53 29.38 34.43 6.87
C ASP A 53 29.48 34.34 8.40
N LYS A 54 29.42 35.50 9.05
CA LYS A 54 29.65 35.62 10.47
C LYS A 54 28.40 36.05 11.27
N ARG A 55 27.23 36.11 10.62
CA ARG A 55 25.96 36.28 11.33
C ARG A 55 25.76 35.13 12.30
N LEU A 56 24.95 35.39 13.32
CA LEU A 56 24.66 34.41 14.35
C LEU A 56 23.31 33.76 14.07
N LEU A 57 23.29 32.44 13.90
CA LEU A 57 22.04 31.72 13.78
C LEU A 57 21.37 31.70 15.14
N VAL A 58 20.08 32.02 15.18
CA VAL A 58 19.30 31.97 16.41
C VAL A 58 18.08 31.10 16.18
N ILE A 59 18.08 29.93 16.77
CA ILE A 59 16.96 29.03 16.76
C ILE A 59 16.14 29.38 18.02
N ILE A 60 14.94 29.94 17.85
CA ILE A 60 14.24 30.49 19.01
C ILE A 60 12.74 30.30 18.89
N GLY A 61 12.11 29.88 19.98
CA GLY A 61 10.67 29.73 20.04
C GLY A 61 10.23 28.75 21.12
N PRO A 62 8.97 28.33 21.06
CA PRO A 62 8.46 27.47 22.11
C PRO A 62 9.23 26.15 22.30
N CYS A 63 9.32 25.66 23.52
CA CYS A 63 9.87 24.33 23.72
C CYS A 63 9.11 23.34 22.85
N SER A 64 7.78 23.44 22.85
CA SER A 64 6.96 22.64 21.97
C SER A 64 5.75 23.44 21.48
N ILE A 65 5.27 23.14 20.28
CA ILE A 65 4.04 23.74 19.76
C ILE A 65 2.85 22.92 20.27
N HIS A 66 1.98 23.50 21.08
CA HIS A 66 0.71 22.82 21.40
C HIS A 66 -0.51 23.52 20.79
N ASP A 67 -0.32 24.77 20.37
CA ASP A 67 -1.37 25.53 19.72
C ASP A 67 -0.82 26.26 18.49
N PRO A 68 -1.37 25.99 17.31
CA PRO A 68 -0.91 26.67 16.10
C PRO A 68 -1.26 28.13 16.02
N LYS A 69 -2.42 28.54 16.56
CA LYS A 69 -2.82 29.95 16.54
C LYS A 69 -1.77 30.75 17.26
N ALA A 70 -1.36 30.30 18.44
CA ALA A 70 -0.35 31.05 19.19
C ALA A 70 1.04 31.02 18.55
N ALA A 71 1.41 29.88 17.97
CA ALA A 71 2.68 29.76 17.22
C ALA A 71 2.78 30.81 16.11
N LEU A 72 1.68 30.98 15.39
CA LEU A 72 1.60 31.94 14.26
C LEU A 72 1.63 33.38 14.73
N GLU A 73 1.04 33.65 15.89
CA GLU A 73 1.13 35.00 16.47
C GLU A 73 2.56 35.28 16.95
N TYR A 74 3.20 34.25 17.47
CA TYR A 74 4.57 34.38 17.90
C TYR A 74 5.45 34.67 16.68
N ALA A 75 5.22 33.89 15.63
CA ALA A 75 5.92 34.10 14.36
C ALA A 75 5.80 35.53 13.80
N GLU A 76 4.60 36.09 13.83
CA GLU A 76 4.36 37.46 13.36
C GLU A 76 5.25 38.46 14.15
N ARG A 77 5.32 38.28 15.46
CA ARG A 77 6.19 39.13 16.28
C ARG A 77 7.65 38.90 15.97
N LEU A 78 8.04 37.63 15.90
CA LEU A 78 9.44 37.28 15.66
C LEU A 78 9.91 37.76 14.27
N LEU A 79 9.00 37.74 13.30
CA LEU A 79 9.32 38.13 11.95
C LEU A 79 9.86 39.55 11.89
N LYS A 80 9.25 40.46 12.63
CA LYS A 80 9.73 41.86 12.65
C LYS A 80 11.17 41.92 13.14
N LEU A 81 11.49 41.09 14.11
CA LEU A 81 12.82 41.11 14.70
C LEU A 81 13.85 40.43 13.82
N ARG A 82 13.44 39.36 13.16
CA ARG A 82 14.22 38.70 12.08
C ARG A 82 14.67 39.70 11.01
N LYS A 83 13.75 40.54 10.59
CA LYS A 83 14.05 41.56 9.57
C LYS A 83 14.94 42.64 10.16
N GLN A 84 14.55 43.18 11.30
CA GLN A 84 15.33 44.24 11.97
C GLN A 84 16.79 43.85 12.11
N TYR A 85 17.05 42.64 12.57
CA TYR A 85 18.40 42.22 12.90
C TYR A 85 19.09 41.38 11.81
N GLU A 86 18.55 41.39 10.60
CA GLU A 86 19.04 40.50 9.53
C GLU A 86 20.48 40.66 9.12
N ASN A 87 21.09 41.81 9.41
CA ASN A 87 22.51 42.00 9.09
C ASN A 87 23.43 41.41 10.15
N GLU A 88 22.88 41.10 11.33
CA GLU A 88 23.65 40.53 12.44
C GLU A 88 23.25 39.14 12.87
N LEU A 89 21.94 38.87 12.82
CA LEU A 89 21.38 37.61 13.26
C LEU A 89 20.61 36.96 12.11
N LEU A 90 20.63 35.63 12.06
CA LEU A 90 19.79 34.86 11.17
C LEU A 90 18.79 34.14 12.05
N ILE A 91 17.59 34.69 12.14
CA ILE A 91 16.58 34.22 13.08
C ILE A 91 15.65 33.19 12.40
N VAL A 92 15.56 32.02 13.01
CA VAL A 92 14.75 30.92 12.52
C VAL A 92 13.89 30.44 13.68
N MET A 93 12.61 30.21 13.42
CA MET A 93 11.74 29.83 14.53
C MET A 93 11.89 28.35 14.91
N ARG A 94 11.92 28.11 16.20
CA ARG A 94 11.85 26.78 16.76
C ARG A 94 10.42 26.21 16.63
N VAL A 95 10.29 25.12 15.88
CA VAL A 95 8.98 24.50 15.66
C VAL A 95 9.11 22.98 15.93
N TYR A 96 9.22 22.68 17.21
CA TYR A 96 9.35 21.32 17.73
C TYR A 96 7.97 20.86 18.15
N PHE A 97 7.60 19.63 17.81
CA PHE A 97 6.26 19.12 18.04
C PHE A 97 6.07 18.27 19.33
N GLU A 98 7.16 17.74 19.87
CA GLU A 98 7.10 16.98 21.13
C GLU A 98 8.37 17.14 21.93
N LYS A 99 8.26 16.99 23.23
CA LYS A 99 9.45 16.89 24.07
C LYS A 99 9.62 15.42 24.41
N PRO A 100 10.80 14.86 24.13
CA PRO A 100 11.03 13.49 24.60
C PRO A 100 11.05 13.43 26.14
N ARG A 101 10.17 12.61 26.72
CA ARG A 101 10.05 12.47 28.18
C ARG A 101 9.62 11.05 28.57
N THR A 102 10.41 10.40 29.40
CA THR A 102 10.00 9.15 30.00
C THR A 102 9.26 9.45 31.31
N THR A 103 8.18 10.22 31.18
CA THR A 103 7.33 10.58 32.32
C THR A 103 5.84 10.91 32.04
N VAL A 104 5.01 9.91 31.75
CA VAL A 104 3.57 10.09 31.85
C VAL A 104 3.09 11.45 31.33
N GLY A 105 3.54 11.83 30.15
CA GLY A 105 3.33 13.18 29.65
C GLY A 105 2.66 13.26 28.30
N TRP A 106 2.12 14.44 27.98
CA TRP A 106 1.47 14.64 26.70
C TRP A 106 2.52 14.31 25.64
N LYS A 107 2.14 13.53 24.65
CA LYS A 107 3.12 13.00 23.70
C LYS A 107 3.34 13.90 22.47
N GLY A 108 2.82 15.13 22.52
CA GLY A 108 3.09 16.13 21.50
C GLY A 108 1.99 16.34 20.47
N LEU A 109 2.19 17.30 19.58
CA LEU A 109 1.16 17.70 18.64
C LEU A 109 0.94 16.68 17.54
N ILE A 110 1.97 15.90 17.21
CA ILE A 110 1.79 14.90 16.15
C ILE A 110 1.01 13.71 16.71
N ASN A 111 1.43 13.20 17.88
CA ASN A 111 0.74 12.08 18.52
C ASN A 111 -0.64 12.45 19.07
N ASP A 112 -0.70 13.59 19.74
CA ASP A 112 -1.90 14.04 20.44
C ASP A 112 -2.23 15.51 20.14
N PRO A 113 -2.73 15.80 18.94
CA PRO A 113 -3.03 17.19 18.58
C PRO A 113 -4.27 17.77 19.27
N HIS A 114 -5.13 16.89 19.77
CA HIS A 114 -6.32 17.31 20.49
C HIS A 114 -6.04 17.53 21.97
N LEU A 115 -4.84 17.20 22.43
CA LEU A 115 -4.41 17.49 23.81
C LEU A 115 -5.29 16.75 24.86
N ASP A 116 -5.80 15.59 24.45
CA ASP A 116 -6.72 14.80 25.29
C ASP A 116 -6.33 13.34 25.55
N GLY A 117 -5.14 12.92 25.17
CA GLY A 117 -4.74 11.52 25.25
C GLY A 117 -5.32 10.59 24.20
N THR A 118 -6.00 11.17 23.21
CA THR A 118 -6.35 10.53 21.93
C THR A 118 -5.09 10.51 21.07
N PHE A 119 -5.06 9.75 19.98
CA PHE A 119 -3.79 9.62 19.27
C PHE A 119 -4.02 9.79 17.78
N ASP A 120 -4.49 10.96 17.37
CA ASP A 120 -4.95 11.18 16.00
C ASP A 120 -3.79 11.63 15.11
N ILE A 121 -2.93 10.68 14.76
CA ILE A 121 -1.66 10.99 14.13
C ILE A 121 -1.81 11.50 12.69
N ASN A 122 -2.81 11.02 11.94
CA ASN A 122 -3.14 11.65 10.67
C ASN A 122 -3.40 13.15 10.82
N PHE A 123 -4.26 13.50 11.78
CA PHE A 123 -4.60 14.89 12.03
C PHE A 123 -3.39 15.66 12.56
N GLY A 124 -2.63 15.05 13.45
CA GLY A 124 -1.37 15.66 13.95
C GLY A 124 -0.31 15.98 12.89
N LEU A 125 -0.05 15.03 12.01
CA LEU A 125 0.86 15.25 10.89
C LEU A 125 0.30 16.37 9.96
N ARG A 126 -1.01 16.37 9.75
CA ARG A 126 -1.63 17.44 8.94
C ARG A 126 -1.41 18.82 9.55
N GLN A 127 -1.65 18.92 10.84
CA GLN A 127 -1.45 20.17 11.57
C GLN A 127 -0.02 20.63 11.54
N ALA A 128 0.91 19.72 11.72
CA ALA A 128 2.31 20.04 11.63
C ALA A 128 2.67 20.60 10.23
N ARG A 129 2.29 19.91 9.16
CA ARG A 129 2.64 20.37 7.82
C ARG A 129 1.99 21.74 7.54
N SER A 130 0.75 21.93 8.02
CA SER A 130 -0.02 23.16 7.80
C SER A 130 0.60 24.34 8.48
N LEU A 131 0.99 24.17 9.75
CA LEU A 131 1.69 25.25 10.46
C LEU A 131 3.01 25.60 9.73
N LEU A 132 3.78 24.59 9.37
CA LEU A 132 5.06 24.82 8.75
C LEU A 132 4.89 25.55 7.41
N LEU A 133 3.87 25.20 6.63
CA LEU A 133 3.64 25.86 5.35
C LEU A 133 3.24 27.33 5.58
N SER A 134 2.39 27.55 6.58
CA SER A 134 1.96 28.92 6.95
C SER A 134 3.11 29.75 7.41
N LEU A 135 4.02 29.18 8.17
CA LEU A 135 5.15 29.93 8.69
C LEU A 135 6.07 30.35 7.54
N ASN A 136 6.39 29.41 6.66
CA ASN A 136 7.26 29.73 5.57
C ASN A 136 6.56 30.75 4.67
N ASN A 137 5.25 30.59 4.46
CA ASN A 137 4.56 31.55 3.58
C ASN A 137 4.54 32.97 4.14
N MET A 138 4.61 33.14 5.46
CA MET A 138 4.66 34.46 6.06
C MET A 138 6.04 35.08 6.05
N GLY A 139 7.06 34.30 5.68
CA GLY A 139 8.43 34.78 5.67
C GLY A 139 9.27 34.26 6.82
N MET A 140 8.68 33.41 7.69
CA MET A 140 9.43 32.87 8.84
C MET A 140 9.90 31.44 8.58
N PRO A 141 11.21 31.25 8.38
CA PRO A 141 11.70 29.87 8.29
C PRO A 141 11.57 29.09 9.60
N ALA A 142 11.60 27.77 9.49
CA ALA A 142 11.28 26.88 10.54
C ALA A 142 12.38 25.83 10.75
N SER A 143 12.53 25.47 12.03
CA SER A 143 13.44 24.42 12.50
C SER A 143 12.70 23.38 13.34
N THR A 144 13.22 22.15 13.39
CA THR A 144 12.58 21.10 14.16
C THR A 144 13.55 19.95 14.48
N GLU A 145 13.13 19.08 15.41
CA GLU A 145 13.92 17.89 15.73
C GLU A 145 13.27 16.68 15.08
N PHE A 146 14.08 15.82 14.49
CA PHE A 146 13.54 14.63 13.87
C PHE A 146 13.85 13.43 14.77
N LEU A 147 12.81 12.72 15.19
CA LEU A 147 12.93 11.68 16.20
C LEU A 147 12.88 10.25 15.62
N ASP A 148 12.55 10.15 14.34
CA ASP A 148 12.39 8.86 13.67
C ASP A 148 12.66 9.03 12.19
N MET A 149 12.64 7.92 11.47
CA MET A 149 13.06 7.88 10.06
C MET A 149 11.91 8.04 9.06
N ILE A 150 10.70 8.21 9.56
CA ILE A 150 9.50 8.28 8.74
C ILE A 150 8.87 9.67 8.71
N THR A 151 8.76 10.32 9.87
CA THR A 151 8.13 11.65 9.94
C THR A 151 8.75 12.69 9.00
N PRO A 152 10.07 12.60 8.74
CA PRO A 152 10.64 13.59 7.78
C PRO A 152 10.01 13.59 6.39
N GLN A 153 9.46 12.46 5.97
CA GLN A 153 8.82 12.38 4.68
C GLN A 153 7.56 13.27 4.59
N TYR A 154 6.98 13.59 5.73
CA TYR A 154 5.74 14.37 5.82
C TYR A 154 5.98 15.88 5.73
N TYR A 155 7.07 16.37 6.31
CA TYR A 155 7.36 17.81 6.30
C TYR A 155 8.81 18.33 6.21
N ALA A 156 9.81 17.47 5.95
CA ALA A 156 11.20 17.94 5.93
C ALA A 156 11.46 18.99 4.83
N ASP A 157 10.62 18.98 3.77
CA ASP A 157 10.71 19.93 2.67
C ASP A 157 10.47 21.36 3.10
N LEU A 158 9.87 21.52 4.28
CA LEU A 158 9.57 22.80 4.88
C LEU A 158 10.54 23.23 5.99
N ILE A 159 11.60 22.45 6.20
CA ILE A 159 12.47 22.65 7.35
C ILE A 159 13.80 23.21 6.90
N SER A 160 14.25 24.30 7.52
CA SER A 160 15.47 24.97 7.15
C SER A 160 16.65 24.51 7.97
N TRP A 161 16.40 24.00 9.17
CA TRP A 161 17.45 23.48 10.07
C TRP A 161 16.83 22.41 10.96
N GLY A 162 17.56 21.33 11.15
CA GLY A 162 17.11 20.17 11.88
C GLY A 162 18.06 19.78 12.98
N ALA A 163 17.52 19.22 14.06
CA ALA A 163 18.32 18.73 15.15
C ALA A 163 18.12 17.24 15.33
N ILE A 164 19.17 16.59 15.77
CA ILE A 164 19.08 15.22 16.31
C ILE A 164 19.37 15.41 17.78
N GLY A 165 18.45 14.98 18.63
CA GLY A 165 18.57 15.19 20.07
C GLY A 165 19.63 14.37 20.78
N ALA A 166 19.89 14.75 22.03
CA ALA A 166 20.91 14.15 22.87
C ALA A 166 20.77 12.64 22.94
N ARG A 167 19.53 12.15 22.98
CA ARG A 167 19.28 10.74 23.21
C ARG A 167 19.43 9.89 21.98
N THR A 168 19.63 10.51 20.81
CA THR A 168 19.70 9.78 19.55
C THR A 168 20.97 10.06 18.74
N THR A 169 21.82 10.96 19.22
CA THR A 169 23.01 11.39 18.51
C THR A 169 24.00 10.26 18.22
N GLU A 170 24.05 9.29 19.11
CA GLU A 170 24.92 8.14 18.98
C GLU A 170 24.27 7.04 18.15
N SER A 171 22.95 7.12 17.97
CA SER A 171 22.22 6.07 17.22
C SER A 171 22.65 5.99 15.75
N GLN A 172 23.06 4.81 15.30
CA GLN A 172 23.53 4.68 13.92
C GLN A 172 22.47 5.09 12.87
N VAL A 173 21.24 4.66 13.09
CA VAL A 173 20.20 4.91 12.14
C VAL A 173 19.79 6.40 12.10
N HIS A 174 19.85 7.09 13.23
CA HIS A 174 19.62 8.53 13.25
C HIS A 174 20.76 9.33 12.56
N ARG A 175 21.99 8.84 12.65
CA ARG A 175 23.09 9.46 11.91
C ARG A 175 22.88 9.23 10.40
N ALA A 176 22.42 8.03 10.03
CA ALA A 176 22.12 7.71 8.64
C ALA A 176 20.99 8.65 8.11
N LEU A 177 19.97 8.85 8.93
CA LEU A 177 18.92 9.82 8.60
C LEU A 177 19.48 11.22 8.33
N ALA A 178 20.31 11.70 9.26
CA ALA A 178 20.90 13.04 9.12
C ALA A 178 21.72 13.17 7.84
N SER A 179 22.41 12.07 7.42
CA SER A 179 23.17 12.04 6.18
C SER A 179 22.36 12.20 4.94
N GLY A 180 21.04 12.11 5.04
CA GLY A 180 20.17 12.32 3.91
C GLY A 180 19.14 13.42 4.09
N LEU A 181 19.26 14.21 5.15
CA LEU A 181 18.33 15.29 5.36
C LEU A 181 18.72 16.50 4.52
N SER A 182 17.72 17.17 3.97
CA SER A 182 17.93 18.23 3.02
C SER A 182 18.47 19.47 3.70
N CYS A 183 18.27 19.57 5.00
CA CYS A 183 18.67 20.75 5.74
C CYS A 183 19.99 20.53 6.43
N PRO A 184 20.65 21.63 6.86
CA PRO A 184 21.70 21.47 7.83
C PRO A 184 21.20 20.81 9.12
N VAL A 185 22.10 20.11 9.81
CA VAL A 185 21.71 19.39 11.01
C VAL A 185 22.64 19.69 12.19
N GLY A 186 22.05 19.99 13.33
CA GLY A 186 22.79 20.14 14.58
C GLY A 186 22.71 18.86 15.38
N PHE A 187 23.85 18.38 15.87
CA PHE A 187 23.88 17.21 16.78
C PHE A 187 24.20 17.64 18.19
N LYS A 188 23.36 17.25 19.14
CA LYS A 188 23.66 17.60 20.55
C LYS A 188 24.64 16.64 21.18
N ASN A 189 25.45 17.17 22.08
CA ASN A 189 26.29 16.38 22.94
C ASN A 189 25.40 15.54 23.87
N GLY A 190 25.92 14.43 24.34
CA GLY A 190 25.12 13.42 25.11
C GLY A 190 24.57 13.93 26.44
N THR A 191 23.64 13.16 27.02
CA THR A 191 22.85 13.61 28.17
C THR A 191 23.69 13.88 29.44
N ASP A 192 24.78 13.15 29.65
CA ASP A 192 25.74 13.47 30.72
C ASP A 192 26.92 14.39 30.24
N GLY A 193 26.78 15.05 29.10
CA GLY A 193 27.82 15.99 28.61
C GLY A 193 28.85 15.46 27.61
N ASN A 194 28.67 14.22 27.14
CA ASN A 194 29.60 13.61 26.17
C ASN A 194 29.62 14.35 24.83
N LEU A 195 30.80 14.84 24.44
CA LEU A 195 30.98 15.58 23.18
C LEU A 195 31.38 14.71 21.99
N LYS A 196 32.09 13.63 22.29
CA LYS A 196 32.63 12.73 21.30
C LYS A 196 31.52 12.15 20.43
N ILE A 197 30.38 11.81 21.01
CA ILE A 197 29.32 11.26 20.18
C ILE A 197 28.85 12.24 19.09
N ALA A 198 28.85 13.54 19.39
CA ALA A 198 28.39 14.54 18.42
C ALA A 198 29.44 14.80 17.36
N ILE A 199 30.71 14.80 17.77
CA ILE A 199 31.81 14.93 16.80
C ILE A 199 31.85 13.72 15.82
N ASP A 200 31.82 12.49 16.35
CA ASP A 200 31.70 11.28 15.50
C ASP A 200 30.46 11.38 14.60
N ALA A 201 29.34 11.87 15.13
CA ALA A 201 28.11 12.03 14.32
C ALA A 201 28.27 12.93 13.07
N ILE A 202 28.89 14.09 13.23
CA ILE A 202 29.17 14.96 12.10
C ILE A 202 29.97 14.21 11.07
N GLY A 203 31.02 13.52 11.51
CA GLY A 203 31.84 12.76 10.57
C GLY A 203 31.05 11.66 9.87
N ALA A 204 30.32 10.88 10.64
CA ALA A 204 29.48 9.85 10.05
C ALA A 204 28.44 10.42 9.08
N ALA A 205 27.76 11.50 9.47
CA ALA A 205 26.67 12.01 8.66
C ALA A 205 27.13 12.59 7.31
N SER A 206 28.42 12.90 7.17
CA SER A 206 28.92 13.41 5.90
C SER A 206 29.03 12.29 4.86
N HIS A 207 28.90 11.04 5.28
CA HIS A 207 28.95 9.92 4.32
C HIS A 207 27.59 9.38 3.87
N SER A 208 27.60 8.68 2.74
CA SER A 208 26.47 7.99 2.23
C SER A 208 26.02 6.89 3.18
N HIS A 209 24.73 6.80 3.46
CA HIS A 209 24.17 5.67 4.24
C HIS A 209 22.93 5.10 3.58
N HIS A 210 22.52 3.94 4.07
CA HIS A 210 21.26 3.32 3.70
C HIS A 210 20.43 3.20 4.97
N PHE A 211 19.15 3.51 4.90
CA PHE A 211 18.24 3.24 5.99
C PHE A 211 16.83 2.98 5.48
N LEU A 212 16.02 2.31 6.30
CA LEU A 212 14.66 1.98 5.91
C LEU A 212 13.69 3.08 6.31
N SER A 213 12.74 3.32 5.42
CA SER A 213 11.74 4.34 5.59
C SER A 213 10.62 3.98 4.65
N VAL A 214 9.79 4.96 4.35
CA VAL A 214 8.71 4.79 3.42
C VAL A 214 8.86 5.73 2.25
N THR A 215 8.33 5.33 1.11
CA THR A 215 8.28 6.21 -0.05
C THR A 215 7.29 7.36 0.20
N LYS A 216 7.35 8.41 -0.59
CA LYS A 216 6.31 9.46 -0.51
C LYS A 216 4.91 8.82 -0.64
N ALA A 217 4.80 7.81 -1.52
CA ALA A 217 3.52 7.10 -1.65
C ALA A 217 3.18 6.19 -0.47
N GLY A 218 4.04 6.13 0.54
CA GLY A 218 3.70 5.48 1.80
C GLY A 218 4.13 4.01 1.91
N HIS A 219 5.10 3.54 1.11
CA HIS A 219 5.43 2.11 1.10
C HIS A 219 6.84 1.82 1.55
N SER A 220 7.04 0.67 2.18
CA SER A 220 8.32 0.41 2.80
C SER A 220 9.39 0.49 1.74
N ALA A 221 10.47 1.11 2.14
CA ALA A 221 11.48 1.61 1.22
C ALA A 221 12.87 1.52 1.81
N ILE A 222 13.87 1.37 0.95
CA ILE A 222 15.27 1.54 1.34
C ILE A 222 15.67 2.89 0.79
N VAL A 223 16.33 3.72 1.61
CA VAL A 223 16.77 5.06 1.25
C VAL A 223 18.31 5.10 1.19
N HIS A 224 18.84 5.56 0.06
CA HIS A 224 20.28 5.66 -0.14
C HIS A 224 20.64 7.13 -0.11
N THR A 225 21.41 7.57 0.89
CA THR A 225 21.71 9.00 1.05
C THR A 225 23.01 9.38 0.35
N GLY A 226 23.15 10.69 0.13
CA GLY A 226 24.32 11.25 -0.47
C GLY A 226 25.34 11.73 0.53
N GLY A 227 24.99 11.83 1.81
CA GLY A 227 25.86 12.50 2.78
C GLY A 227 25.48 13.97 2.98
N ASN A 228 25.67 14.46 4.21
CA ASN A 228 25.26 15.81 4.59
C ASN A 228 26.51 16.57 5.04
N PRO A 229 26.96 17.54 4.24
CA PRO A 229 28.19 18.27 4.60
C PRO A 229 27.98 19.45 5.55
N ASP A 230 26.74 19.67 5.99
CA ASP A 230 26.39 20.82 6.76
C ASP A 230 25.91 20.44 8.17
N CYS A 231 26.62 19.55 8.82
CA CYS A 231 26.33 19.22 10.24
C CYS A 231 27.29 19.98 11.16
N HIS A 232 26.83 20.29 12.37
CA HIS A 232 27.68 20.89 13.40
C HIS A 232 27.22 20.38 14.76
N VAL A 233 27.97 20.66 15.82
CA VAL A 233 27.57 20.28 17.17
C VAL A 233 26.79 21.38 17.87
N ILE A 234 26.03 20.96 18.87
CA ILE A 234 25.28 21.82 19.76
C ILE A 234 25.72 21.45 21.19
N LEU A 235 26.27 22.43 21.89
CA LEU A 235 26.58 22.38 23.31
C LEU A 235 25.33 22.68 24.13
N ARG A 236 24.84 21.66 24.83
CA ARG A 236 23.65 21.74 25.67
C ARG A 236 23.84 21.39 27.17
N GLY A 237 25.08 21.27 27.63
CA GLY A 237 25.33 20.92 29.01
C GLY A 237 25.33 19.43 29.27
N GLY A 238 25.36 19.06 30.54
CA GLY A 238 25.42 17.68 30.96
C GLY A 238 25.51 17.61 32.47
N LYS A 239 26.57 16.98 32.94
CA LYS A 239 26.88 16.99 34.37
C LYS A 239 27.14 18.43 34.79
N GLU A 240 27.85 19.16 33.92
CA GLU A 240 28.23 20.57 34.10
C GLU A 240 27.82 21.41 32.89
N PRO A 241 27.40 22.67 33.08
CA PRO A 241 27.04 23.46 31.91
C PRO A 241 28.27 23.59 31.05
N ASN A 242 28.08 23.75 29.74
CA ASN A 242 29.19 23.88 28.78
C ASN A 242 29.08 25.04 27.79
N TYR A 243 28.53 26.17 28.21
CA TYR A 243 28.31 27.32 27.33
C TYR A 243 29.47 28.30 27.33
N ASP A 244 30.33 28.24 28.35
CA ASP A 244 31.35 29.29 28.54
C ASP A 244 32.53 29.17 27.57
N ALA A 245 33.31 30.25 27.49
CA ALA A 245 34.50 30.29 26.66
C ALA A 245 35.40 29.05 26.76
N GLU A 246 35.62 28.53 27.97
CA GLU A 246 36.60 27.44 28.12
C GLU A 246 36.03 26.15 27.51
N HIS A 247 34.71 25.99 27.61
CA HIS A 247 34.11 24.84 27.01
C HIS A 247 34.07 25.01 25.49
N VAL A 248 33.94 26.23 25.00
CA VAL A 248 33.87 26.46 23.55
C VAL A 248 35.23 26.18 22.93
N SER A 249 36.27 26.63 23.61
CA SER A 249 37.62 26.40 23.15
C SER A 249 38.01 24.92 23.14
N GLU A 250 37.67 24.17 24.20
CA GLU A 250 38.00 22.73 24.22
C GLU A 250 37.22 22.02 23.11
N ALA A 251 35.98 22.46 22.87
CA ALA A 251 35.15 21.83 21.85
C ALA A 251 35.74 22.08 20.46
N ALA A 252 36.12 23.32 20.21
CA ALA A 252 36.69 23.70 18.93
C ALA A 252 38.01 22.91 18.66
N GLU A 253 38.85 22.77 19.68
CA GLU A 253 40.10 21.99 19.57
C GLU A 253 39.81 20.54 19.10
N GLN A 254 38.83 19.90 19.76
CA GLN A 254 38.42 18.54 19.41
C GLN A 254 37.79 18.45 18.02
N LEU A 255 36.99 19.45 17.66
CA LEU A 255 36.41 19.47 16.33
C LEU A 255 37.53 19.50 15.28
N ARG A 256 38.45 20.43 15.38
CA ARG A 256 39.60 20.47 14.46
C ARG A 256 40.43 19.17 14.43
N ALA A 257 40.68 18.57 15.59
CA ALA A 257 41.42 17.29 15.64
C ALA A 257 40.69 16.18 14.86
N ALA A 258 39.35 16.23 14.77
CA ALA A 258 38.60 15.29 13.96
C ALA A 258 38.45 15.71 12.51
N GLY A 259 38.98 16.88 12.15
CA GLY A 259 38.89 17.35 10.78
C GLY A 259 37.47 17.74 10.35
N VAL A 260 36.63 18.19 11.27
CA VAL A 260 35.31 18.68 10.95
C VAL A 260 35.15 20.16 11.35
N THR A 261 34.06 20.80 10.95
CA THR A 261 33.87 22.21 11.24
C THR A 261 33.94 22.50 12.73
N ASP A 262 34.70 23.55 13.06
CA ASP A 262 34.85 23.96 14.45
C ASP A 262 33.94 25.15 14.78
N LYS A 263 32.89 25.28 13.98
CA LYS A 263 31.87 26.26 14.24
C LYS A 263 30.71 25.54 14.90
N LEU A 264 30.29 26.04 16.06
CA LEU A 264 29.33 25.30 16.84
C LEU A 264 28.16 26.15 17.34
N MET A 265 27.13 25.48 17.85
CA MET A 265 25.98 26.14 18.37
C MET A 265 25.94 25.93 19.91
N ILE A 266 25.40 26.90 20.65
CA ILE A 266 25.21 26.79 22.11
C ILE A 266 23.73 26.91 22.50
N ASP A 267 23.18 25.88 23.16
CA ASP A 267 21.83 25.94 23.73
C ASP A 267 21.85 26.71 25.03
N CYS A 268 21.05 27.80 25.10
CA CYS A 268 20.87 28.60 26.32
C CYS A 268 19.86 27.99 27.31
N SER A 269 19.09 27.00 26.84
CA SER A 269 18.05 26.33 27.64
C SER A 269 18.47 24.96 28.18
N HIS A 270 17.50 24.19 28.66
CA HIS A 270 17.75 22.83 29.09
C HIS A 270 18.87 22.78 30.11
N ALA A 271 19.82 21.85 29.94
CA ALA A 271 20.83 21.64 31.00
C ALA A 271 21.74 22.87 31.21
N ASN A 272 21.96 23.70 30.20
CA ASN A 272 22.81 24.88 30.39
C ASN A 272 22.11 25.98 31.17
N SER A 273 20.77 25.95 31.23
CA SER A 273 20.04 26.82 32.16
C SER A 273 19.59 26.09 33.47
N ARG A 274 19.99 24.84 33.63
CA ARG A 274 19.57 24.01 34.76
C ARG A 274 18.03 23.89 34.89
N LYS A 275 17.38 23.78 33.75
CA LYS A 275 15.92 23.77 33.68
C LYS A 275 15.26 25.10 34.13
N ASP A 276 16.06 26.09 34.55
CA ASP A 276 15.54 27.42 34.96
C ASP A 276 15.46 28.44 33.80
N TYR A 277 14.24 28.76 33.37
CA TYR A 277 14.02 29.64 32.22
C TYR A 277 14.64 31.01 32.39
N THR A 278 14.75 31.47 33.63
CA THR A 278 15.37 32.76 33.92
C THR A 278 16.89 32.74 33.73
N ARG A 279 17.49 31.55 33.61
CA ARG A 279 18.94 31.48 33.37
C ARG A 279 19.32 31.64 31.90
N GLN A 280 18.34 31.56 30.99
CA GLN A 280 18.64 31.71 29.55
C GLN A 280 19.33 33.02 29.25
N MET A 281 18.86 34.09 29.89
CA MET A 281 19.40 35.41 29.65
C MET A 281 20.81 35.53 30.19
N GLU A 282 21.11 34.83 31.28
CA GLU A 282 22.46 34.87 31.84
C GLU A 282 23.42 34.05 30.94
N VAL A 283 22.96 32.89 30.47
CA VAL A 283 23.74 32.17 29.47
C VAL A 283 23.97 33.07 28.25
N ALA A 284 22.96 33.78 27.78
CA ALA A 284 23.08 34.62 26.57
C ALA A 284 24.03 35.78 26.76
N GLN A 285 23.99 36.36 27.95
CA GLN A 285 24.94 37.41 28.33
C GLN A 285 26.37 36.90 28.31
N ASP A 286 26.56 35.67 28.78
CA ASP A 286 27.90 35.08 28.75
C ASP A 286 28.37 34.93 27.29
N ILE A 287 27.46 34.48 26.43
CA ILE A 287 27.78 34.32 24.98
C ILE A 287 28.06 35.67 24.29
N ALA A 288 27.24 36.67 24.59
CA ALA A 288 27.45 38.02 24.08
C ALA A 288 28.83 38.56 24.47
N ALA A 289 29.26 38.26 25.70
CA ALA A 289 30.61 38.64 26.14
C ALA A 289 31.68 37.94 25.31
N GLN A 290 31.49 36.64 25.05
CA GLN A 290 32.42 35.90 24.19
C GLN A 290 32.49 36.50 22.79
N LEU A 291 31.34 36.85 22.23
CA LEU A 291 31.28 37.45 20.88
C LEU A 291 31.96 38.83 20.81
N GLU A 292 31.84 39.57 21.90
CA GLU A 292 32.52 40.85 22.01
C GLU A 292 34.05 40.67 22.05
N GLN A 293 34.56 39.70 22.82
CA GLN A 293 36.03 39.53 22.93
C GLN A 293 36.62 38.82 21.72
N ASP A 294 35.96 37.76 21.24
CA ASP A 294 36.44 36.96 20.10
C ASP A 294 35.26 36.12 19.53
N GLY A 295 34.96 34.98 20.15
CA GLY A 295 33.78 34.19 19.83
C GLY A 295 33.73 33.64 18.41
N GLY A 296 34.90 33.47 17.80
CA GLY A 296 35.00 33.07 16.42
C GLY A 296 34.44 31.68 16.14
N ASN A 297 34.36 30.82 17.16
CA ASN A 297 33.86 29.47 16.95
C ASN A 297 32.36 29.32 17.13
N ILE A 298 31.70 30.40 17.49
CA ILE A 298 30.29 30.36 17.72
C ILE A 298 29.59 30.74 16.43
N MET A 299 28.74 29.83 15.91
CA MET A 299 27.89 30.15 14.75
C MET A 299 26.41 30.24 15.10
N GLY A 300 26.01 29.91 16.32
CA GLY A 300 24.60 29.99 16.65
C GLY A 300 24.23 29.71 18.10
N VAL A 301 22.99 30.02 18.44
CA VAL A 301 22.42 29.79 19.75
C VAL A 301 20.98 29.28 19.62
N MET A 302 20.51 28.64 20.70
CA MET A 302 19.14 28.17 20.85
C MET A 302 18.54 28.80 22.10
N VAL A 303 17.27 29.17 22.02
CA VAL A 303 16.56 29.85 23.10
C VAL A 303 15.12 29.36 23.13
N GLU A 304 14.57 29.08 24.32
CA GLU A 304 13.19 28.59 24.45
C GLU A 304 12.34 29.76 24.93
N SER A 305 11.44 30.20 24.05
CA SER A 305 10.76 31.50 24.13
C SER A 305 9.30 31.36 23.68
N HIS A 306 8.42 32.10 24.33
CA HIS A 306 7.00 32.10 24.04
C HIS A 306 6.39 33.47 24.25
N LEU A 307 5.12 33.62 23.92
CA LEU A 307 4.46 34.91 24.14
C LEU A 307 4.45 35.19 25.66
N VAL A 308 4.09 34.17 26.44
CA VAL A 308 4.04 34.28 27.91
C VAL A 308 5.12 33.42 28.56
N GLU A 309 5.85 34.00 29.52
CA GLU A 309 6.87 33.26 30.30
C GLU A 309 6.29 32.15 31.18
N GLY A 310 7.16 31.20 31.56
CA GLY A 310 6.86 30.14 32.52
C GLY A 310 6.42 28.86 31.84
N ARG A 311 5.71 28.04 32.60
CA ARG A 311 5.01 26.89 32.05
C ARG A 311 3.71 26.64 32.80
N GLN A 312 2.94 25.66 32.34
CA GLN A 312 1.73 25.19 33.01
C GLN A 312 1.54 23.71 32.66
N ASP A 313 0.82 22.98 33.50
CA ASP A 313 0.55 21.56 33.29
C ASP A 313 -0.58 21.34 32.30
N LYS A 314 -1.49 22.30 32.18
CA LYS A 314 -2.57 22.23 31.21
C LYS A 314 -2.61 23.47 30.35
N PRO A 315 -3.20 23.36 29.17
CA PRO A 315 -3.19 24.49 28.26
C PRO A 315 -4.21 25.58 28.57
N GLU A 316 -4.18 26.14 29.78
CA GLU A 316 -5.19 27.10 30.24
C GLU A 316 -4.88 28.48 29.69
N VAL A 317 -3.65 28.94 29.91
CA VAL A 317 -3.25 30.28 29.49
C VAL A 317 -2.72 30.25 28.05
N TYR A 318 -3.07 31.26 27.28
CA TYR A 318 -2.72 31.34 25.86
C TYR A 318 -1.23 31.67 25.72
N GLY A 319 -0.56 31.00 24.78
CA GLY A 319 0.84 31.34 24.49
C GLY A 319 1.80 31.18 25.65
N LYS A 320 1.54 30.19 26.51
CA LYS A 320 2.42 29.80 27.63
C LYS A 320 2.70 28.32 27.49
N SER A 321 3.97 27.90 27.64
CA SER A 321 4.38 26.49 27.43
C SER A 321 3.69 25.45 28.33
N ILE A 322 3.35 24.28 27.77
CA ILE A 322 2.99 23.11 28.57
C ILE A 322 4.11 22.04 28.64
N THR A 323 5.28 22.36 28.07
CA THR A 323 6.46 21.52 28.24
C THR A 323 7.43 22.32 29.07
N ASP A 324 8.69 22.49 28.63
CA ASP A 324 9.66 23.23 29.43
C ASP A 324 9.25 24.66 29.47
N ALA A 325 9.62 25.32 30.56
CA ALA A 325 9.33 26.73 30.78
C ALA A 325 10.08 27.60 29.78
N CYS A 326 9.46 28.66 29.26
CA CYS A 326 10.16 29.54 28.32
C CYS A 326 10.27 30.95 28.85
N ILE A 327 11.13 31.75 28.24
CA ILE A 327 11.06 33.20 28.49
C ILE A 327 9.87 33.76 27.74
N GLY A 328 9.34 34.88 28.23
CA GLY A 328 8.22 35.58 27.58
C GLY A 328 8.72 36.56 26.54
N TRP A 329 7.78 37.28 25.92
CA TRP A 329 8.10 38.13 24.77
C TRP A 329 9.01 39.32 25.10
N GLY A 330 8.74 40.01 26.20
CA GLY A 330 9.58 41.14 26.60
C GLY A 330 11.03 40.75 26.79
N ALA A 331 11.25 39.63 27.48
CA ALA A 331 12.60 39.12 27.68
C ALA A 331 13.21 38.71 26.33
N THR A 332 12.37 38.14 25.46
CA THR A 332 12.83 37.73 24.13
C THR A 332 13.37 38.93 23.37
N GLU A 333 12.64 40.03 23.38
CA GLU A 333 13.11 41.28 22.76
C GLU A 333 14.46 41.71 23.32
N GLU A 334 14.60 41.60 24.62
CA GLU A 334 15.85 42.00 25.27
C GLU A 334 17.01 41.10 24.87
N LEU A 335 16.77 39.80 24.90
CA LEU A 335 17.84 38.84 24.59
C LEU A 335 18.34 39.01 23.18
N LEU A 336 17.41 39.22 22.25
CA LEU A 336 17.76 39.36 20.83
C LEU A 336 18.50 40.66 20.58
N ALA A 337 18.08 41.75 21.21
CA ALA A 337 18.81 43.01 21.05
C ALA A 337 20.23 42.87 21.60
N LEU A 338 20.37 42.17 22.73
CA LEU A 338 21.68 41.85 23.27
C LEU A 338 22.60 41.16 22.22
N LEU A 339 22.18 40.00 21.74
CA LEU A 339 22.98 39.25 20.78
C LEU A 339 23.26 40.02 19.50
N ALA A 340 22.31 40.79 19.02
CA ALA A 340 22.52 41.55 17.78
C ALA A 340 23.62 42.55 17.96
N GLY A 341 23.61 43.20 19.12
CA GLY A 341 24.61 44.22 19.42
C GLY A 341 25.99 43.62 19.56
N ALA A 342 26.08 42.50 20.26
CA ALA A 342 27.38 41.86 20.47
C ALA A 342 27.92 41.29 19.14
N ASN A 343 27.07 40.60 18.38
CA ASN A 343 27.57 40.03 17.10
C ASN A 343 27.94 41.08 16.09
N LYS A 344 27.32 42.26 16.17
CA LYS A 344 27.69 43.35 15.27
C LYS A 344 29.16 43.70 15.46
N LYS A 345 29.64 43.70 16.71
CA LYS A 345 31.05 43.94 17.01
C LYS A 345 31.99 42.81 16.57
N ARG A 346 31.55 41.56 16.75
CA ARG A 346 32.29 40.45 16.19
C ARG A 346 32.39 40.57 14.67
N MET A 347 31.29 40.78 13.99
CA MET A 347 31.32 40.89 12.52
C MET A 347 32.24 42.01 12.01
N ALA A 348 32.32 43.12 12.75
CA ALA A 348 33.08 44.31 12.29
C ALA A 348 34.59 44.14 12.46
N ARG A 349 35.00 43.21 13.31
CA ARG A 349 36.42 42.92 13.51
C ARG A 349 37.04 42.35 12.26
N HIS B 4 10.27 27.00 -9.09
CA HIS B 4 10.48 26.48 -7.72
C HIS B 4 11.94 26.09 -7.49
N TYR B 5 12.56 26.69 -6.47
CA TYR B 5 13.80 26.14 -5.89
C TYR B 5 13.51 24.73 -5.31
N PRO B 6 14.42 23.77 -5.49
CA PRO B 6 14.20 22.42 -4.94
C PRO B 6 14.35 22.40 -3.41
N THR B 7 13.54 21.60 -2.73
CA THR B 7 13.64 21.47 -1.27
C THR B 7 13.51 20.04 -0.75
N ASP B 8 13.11 19.12 -1.62
CA ASP B 8 12.82 17.72 -1.24
C ASP B 8 13.92 16.75 -1.72
N ASP B 9 14.40 15.91 -0.81
CA ASP B 9 15.35 14.86 -1.15
C ASP B 9 16.61 15.39 -1.85
N ILE B 10 17.12 16.54 -1.40
CA ILE B 10 18.30 17.14 -2.02
C ILE B 10 19.53 16.26 -1.86
N LYS B 11 19.65 15.59 -0.73
CA LYS B 11 20.80 14.76 -0.43
C LYS B 11 20.46 13.26 -0.44
N ILE B 12 19.53 12.88 -1.31
CA ILE B 12 19.13 11.50 -1.47
C ILE B 12 19.52 11.03 -2.87
N LYS B 13 20.22 9.91 -2.94
CA LYS B 13 20.54 9.27 -4.21
C LYS B 13 19.33 8.50 -4.75
N GLU B 14 18.72 7.68 -3.92
CA GLU B 14 17.50 7.01 -4.33
C GLU B 14 16.69 6.51 -3.17
N VAL B 15 15.39 6.43 -3.42
CA VAL B 15 14.46 5.84 -2.51
C VAL B 15 13.76 4.73 -3.25
N LYS B 16 13.92 3.49 -2.79
CA LYS B 16 13.40 2.34 -3.54
C LYS B 16 12.38 1.54 -2.74
N GLU B 17 11.19 1.32 -3.26
CA GLU B 17 10.18 0.49 -2.57
C GLU B 17 10.67 -0.95 -2.41
N LEU B 18 10.40 -1.54 -1.28
CA LEU B 18 10.79 -2.89 -1.00
C LEU B 18 9.62 -3.80 -1.12
N LEU B 19 9.88 -5.08 -1.39
CA LEU B 19 8.86 -6.09 -1.21
C LEU B 19 8.37 -5.99 0.24
N PRO B 20 7.04 -6.08 0.46
CA PRO B 20 6.50 -5.95 1.81
C PRO B 20 6.71 -7.22 2.62
N PRO B 21 6.61 -7.12 3.95
CA PRO B 21 6.68 -8.31 4.78
C PRO B 21 5.80 -9.48 4.30
N ILE B 22 4.60 -9.19 3.81
CA ILE B 22 3.70 -10.31 3.44
C ILE B 22 4.27 -11.19 2.36
N ALA B 23 5.09 -10.64 1.47
CA ALA B 23 5.70 -11.42 0.40
C ALA B 23 6.66 -12.51 0.94
N HIS B 24 7.48 -12.10 1.90
CA HIS B 24 8.41 -13.00 2.58
C HIS B 24 7.67 -14.00 3.47
N LEU B 25 6.63 -13.53 4.15
CA LEU B 25 5.81 -14.40 4.98
C LEU B 25 5.15 -15.51 4.16
N TYR B 26 4.73 -15.16 2.95
CA TYR B 26 4.09 -16.13 2.06
C TYR B 26 5.08 -17.23 1.62
N GLU B 27 6.30 -16.84 1.28
CA GLU B 27 7.32 -17.76 0.85
C GLU B 27 7.83 -18.61 2.01
N LEU B 28 7.87 -18.00 3.20
CA LEU B 28 8.50 -18.58 4.38
C LEU B 28 7.62 -18.42 5.63
N PRO B 29 6.44 -19.02 5.60
CA PRO B 29 5.60 -18.94 6.79
C PRO B 29 6.28 -19.70 7.92
N ILE B 30 6.05 -19.29 9.15
CA ILE B 30 6.63 -20.00 10.29
C ILE B 30 5.92 -21.36 10.45
N SER B 31 6.67 -22.42 10.67
CA SER B 31 6.09 -23.75 10.77
C SER B 31 5.50 -23.99 12.18
N LYS B 32 4.72 -25.04 12.33
CA LYS B 32 4.18 -25.39 13.65
C LYS B 32 5.31 -25.60 14.62
N GLU B 33 6.38 -26.28 14.19
CA GLU B 33 7.48 -26.65 15.09
C GLU B 33 8.26 -25.42 15.53
N ALA B 34 8.54 -24.54 14.59
CA ALA B 34 9.24 -23.29 14.88
C ALA B 34 8.43 -22.41 15.82
N SER B 35 7.12 -22.34 15.58
CA SER B 35 6.22 -21.59 16.42
C SER B 35 6.27 -22.04 17.86
N GLY B 36 6.25 -23.36 18.09
CA GLY B 36 6.31 -23.89 19.44
C GLY B 36 7.63 -23.56 20.13
N LEU B 37 8.72 -23.71 19.39
CA LEU B 37 10.04 -23.43 19.92
C LEU B 37 10.20 -21.97 20.32
N VAL B 38 9.77 -21.07 19.45
CA VAL B 38 9.81 -19.63 19.72
C VAL B 38 8.94 -19.29 20.92
N HIS B 39 7.68 -19.74 20.89
CA HIS B 39 6.76 -19.46 21.97
C HIS B 39 7.33 -19.95 23.31
N ARG B 40 7.79 -21.19 23.35
CA ARG B 40 8.34 -21.77 24.58
C ARG B 40 9.64 -21.09 25.02
N THR B 41 10.55 -20.83 24.08
CA THR B 41 11.81 -20.22 24.48
C THR B 41 11.60 -18.82 25.07
N ARG B 42 10.67 -18.04 24.49
CA ARG B 42 10.35 -16.73 25.02
C ARG B 42 9.80 -16.88 26.45
N GLN B 43 8.93 -17.86 26.68
CA GLN B 43 8.42 -18.07 28.04
C GLN B 43 9.57 -18.46 28.99
N GLU B 44 10.42 -19.38 28.56
CA GLU B 44 11.56 -19.82 29.38
C GLU B 44 12.43 -18.63 29.74
N ILE B 45 12.66 -17.74 28.78
CA ILE B 45 13.48 -16.57 29.06
C ILE B 45 12.79 -15.61 30.04
N SER B 46 11.50 -15.41 29.87
CA SER B 46 10.71 -14.62 30.80
C SER B 46 10.91 -15.20 32.20
N ASP B 47 10.82 -16.51 32.33
CA ASP B 47 11.07 -17.16 33.62
C ASP B 47 12.45 -16.82 34.23
N LEU B 48 13.48 -16.68 33.39
CA LEU B 48 14.82 -16.32 33.90
C LEU B 48 14.92 -14.85 34.29
N VAL B 49 14.32 -13.99 33.49
CA VAL B 49 14.28 -12.57 33.78
C VAL B 49 13.61 -12.29 35.13
N HIS B 50 12.57 -13.05 35.47
CA HIS B 50 11.84 -12.79 36.70
C HIS B 50 12.23 -13.70 37.86
N GLY B 51 13.27 -14.52 37.66
CA GLY B 51 13.88 -15.29 38.73
C GLY B 51 13.10 -16.51 39.12
N ARG B 52 12.22 -16.99 38.25
CA ARG B 52 11.43 -18.19 38.51
C ARG B 52 12.20 -19.46 38.12
N ASP B 53 13.19 -19.34 37.24
CA ASP B 53 14.10 -20.44 36.95
C ASP B 53 15.51 -19.91 37.10
N LYS B 54 16.46 -20.79 37.42
CA LYS B 54 17.84 -20.35 37.67
C LYS B 54 18.88 -20.85 36.67
N ARG B 55 18.43 -21.44 35.57
CA ARG B 55 19.30 -21.69 34.43
C ARG B 55 19.91 -20.39 33.88
N LEU B 56 21.08 -20.49 33.25
CA LEU B 56 21.78 -19.31 32.75
C LEU B 56 21.47 -19.18 31.26
N LEU B 57 20.91 -18.04 30.87
CA LEU B 57 20.70 -17.74 29.44
C LEU B 57 22.09 -17.48 28.81
N VAL B 58 22.34 -18.10 27.67
CA VAL B 58 23.59 -17.92 26.97
C VAL B 58 23.28 -17.51 25.54
N ILE B 59 23.49 -16.23 25.27
CA ILE B 59 23.40 -15.71 23.91
C ILE B 59 24.78 -15.87 23.30
N ILE B 60 24.93 -16.79 22.36
CA ILE B 60 26.24 -17.14 21.90
C ILE B 60 26.26 -17.45 20.40
N GLY B 61 27.30 -16.94 19.75
CA GLY B 61 27.48 -17.13 18.32
C GLY B 61 28.25 -16.01 17.67
N PRO B 62 28.28 -15.99 16.34
CA PRO B 62 29.06 -15.02 15.60
C PRO B 62 28.74 -13.60 15.96
N CYS B 63 29.73 -12.73 15.82
CA CYS B 63 29.48 -11.31 15.93
C CYS B 63 28.41 -10.90 14.96
N SER B 64 28.58 -11.30 13.71
CA SER B 64 27.63 -11.03 12.64
C SER B 64 27.61 -12.24 11.75
N ILE B 65 26.46 -12.46 11.11
CA ILE B 65 26.27 -13.56 10.18
C ILE B 65 26.60 -13.06 8.78
N HIS B 66 27.66 -13.58 8.18
CA HIS B 66 27.95 -13.21 6.77
C HIS B 66 27.75 -14.34 5.79
N ASP B 67 27.64 -15.55 6.32
CA ASP B 67 27.41 -16.74 5.51
C ASP B 67 26.41 -17.66 6.20
N PRO B 68 25.28 -17.91 5.55
CA PRO B 68 24.29 -18.85 6.08
C PRO B 68 24.74 -20.28 6.16
N LYS B 69 25.65 -20.70 5.28
CA LYS B 69 26.14 -22.04 5.29
C LYS B 69 26.86 -22.29 6.62
N ALA B 70 27.78 -21.39 6.94
CA ALA B 70 28.56 -21.51 8.14
C ALA B 70 27.69 -21.36 9.37
N ALA B 71 26.68 -20.51 9.29
CA ALA B 71 25.81 -20.30 10.42
C ALA B 71 25.08 -21.60 10.80
N LEU B 72 24.61 -22.33 9.80
CA LEU B 72 23.85 -23.55 10.02
C LEU B 72 24.73 -24.65 10.57
N GLU B 73 25.95 -24.74 10.07
CA GLU B 73 26.91 -25.70 10.62
C GLU B 73 27.22 -25.33 12.07
N TYR B 74 27.45 -24.05 12.35
CA TYR B 74 27.64 -23.61 13.72
C TYR B 74 26.45 -24.07 14.57
N ALA B 75 25.23 -23.78 14.10
CA ALA B 75 24.03 -24.13 14.83
C ALA B 75 23.91 -25.64 15.05
N GLU B 76 24.36 -26.46 14.09
CA GLU B 76 24.29 -27.92 14.25
C GLU B 76 25.16 -28.38 15.43
N ARG B 77 26.35 -27.81 15.57
CA ARG B 77 27.22 -28.13 16.70
C ARG B 77 26.69 -27.58 18.02
N LEU B 78 26.23 -26.32 18.00
CA LEU B 78 25.74 -25.67 19.20
C LEU B 78 24.52 -26.40 19.73
N LEU B 79 23.70 -26.93 18.83
CA LEU B 79 22.48 -27.65 19.25
C LEU B 79 22.83 -28.80 20.21
N LYS B 80 23.90 -29.52 19.90
CA LYS B 80 24.30 -30.64 20.74
C LYS B 80 24.59 -30.19 22.16
N LEU B 81 25.26 -29.05 22.31
CA LEU B 81 25.55 -28.53 23.65
C LEU B 81 24.32 -27.88 24.29
N ARG B 82 23.44 -27.33 23.46
CA ARG B 82 22.15 -26.81 23.97
C ARG B 82 21.41 -27.93 24.69
N LYS B 83 21.35 -29.10 24.05
CA LYS B 83 20.69 -30.26 24.63
C LYS B 83 21.45 -30.76 25.84
N GLN B 84 22.75 -31.00 25.67
CA GLN B 84 23.58 -31.51 26.76
C GLN B 84 23.45 -30.71 28.05
N TYR B 85 23.49 -29.38 27.94
CA TYR B 85 23.53 -28.55 29.11
C TYR B 85 22.14 -27.97 29.45
N GLU B 86 21.09 -28.57 28.90
CA GLU B 86 19.74 -28.00 28.99
C GLU B 86 19.23 -27.83 30.43
N ASN B 87 19.70 -28.65 31.36
CA ASN B 87 19.30 -28.44 32.75
C ASN B 87 20.03 -27.30 33.48
N GLU B 88 21.16 -26.86 32.94
CA GLU B 88 21.96 -25.81 33.54
C GLU B 88 21.93 -24.51 32.75
N LEU B 89 21.94 -24.61 31.43
CA LEU B 89 22.04 -23.46 30.56
C LEU B 89 20.88 -23.44 29.59
N LEU B 90 20.46 -22.23 29.21
CA LEU B 90 19.47 -22.06 28.17
C LEU B 90 20.18 -21.40 26.99
N ILE B 91 20.59 -22.22 26.03
CA ILE B 91 21.42 -21.77 24.93
C ILE B 91 20.59 -21.26 23.75
N VAL B 92 20.90 -20.03 23.33
CA VAL B 92 20.25 -19.41 22.22
C VAL B 92 21.29 -18.84 21.26
N MET B 93 21.13 -19.07 19.97
CA MET B 93 22.13 -18.67 19.00
C MET B 93 22.03 -17.20 18.68
N ARG B 94 23.18 -16.56 18.69
CA ARG B 94 23.33 -15.20 18.26
C ARG B 94 23.22 -15.11 16.72
N VAL B 95 22.21 -14.41 16.23
CA VAL B 95 22.01 -14.27 14.79
C VAL B 95 21.87 -12.78 14.44
N TYR B 96 23.00 -12.07 14.46
CA TYR B 96 22.99 -10.62 14.27
C TYR B 96 23.41 -10.38 12.84
N PHE B 97 22.68 -9.55 12.12
CA PHE B 97 22.98 -9.37 10.70
C PHE B 97 23.95 -8.22 10.41
N GLU B 98 24.24 -7.39 11.39
CA GLU B 98 25.12 -6.24 11.19
C GLU B 98 25.87 -5.85 12.49
N LYS B 99 27.07 -5.30 12.40
CA LYS B 99 27.69 -4.59 13.50
C LYS B 99 27.52 -3.10 13.20
N PRO B 100 26.75 -2.37 14.02
CA PRO B 100 26.62 -0.90 13.79
C PRO B 100 27.94 -0.14 14.01
N ARG B 101 28.62 0.22 12.93
CA ARG B 101 29.89 0.92 13.02
C ARG B 101 29.75 2.32 13.58
N VAL B 104 31.68 3.23 7.87
CA VAL B 104 32.64 2.60 6.97
C VAL B 104 32.57 1.09 7.09
N GLY B 105 32.44 0.41 5.96
CA GLY B 105 32.57 -1.05 5.91
C GLY B 105 31.32 -1.77 5.41
N TRP B 106 31.38 -3.10 5.47
CA TRP B 106 30.27 -3.95 5.07
C TRP B 106 29.02 -3.58 5.89
N LYS B 107 27.89 -3.32 5.22
CA LYS B 107 26.69 -2.91 5.93
C LYS B 107 25.86 -4.10 6.44
N GLY B 108 26.43 -5.30 6.39
CA GLY B 108 25.75 -6.47 6.90
C GLY B 108 24.95 -7.29 5.91
N LEU B 109 24.44 -8.41 6.40
CA LEU B 109 23.75 -9.39 5.56
C LEU B 109 22.43 -8.95 4.98
N ILE B 110 21.67 -8.11 5.68
CA ILE B 110 20.39 -7.57 5.10
C ILE B 110 20.64 -6.55 3.99
N ASN B 111 21.53 -5.60 4.27
CA ASN B 111 21.83 -4.51 3.35
C ASN B 111 22.68 -4.87 2.18
N ASP B 112 23.68 -5.73 2.43
CA ASP B 112 24.60 -6.19 1.41
C ASP B 112 24.84 -7.69 1.49
N PRO B 113 23.87 -8.51 1.10
CA PRO B 113 24.00 -9.96 1.27
C PRO B 113 25.04 -10.58 0.39
N HIS B 114 25.37 -9.95 -0.76
CA HIS B 114 26.39 -10.51 -1.62
C HIS B 114 27.80 -10.05 -1.24
N LEU B 115 27.91 -9.21 -0.21
CA LEU B 115 29.21 -8.83 0.37
C LEU B 115 30.05 -8.04 -0.63
N ASP B 116 29.40 -7.50 -1.65
CA ASP B 116 30.08 -6.85 -2.76
C ASP B 116 29.66 -5.40 -3.04
N GLY B 117 28.97 -4.78 -2.09
CA GLY B 117 28.42 -3.45 -2.29
C GLY B 117 27.27 -3.32 -3.26
N THR B 118 26.53 -4.39 -3.55
CA THR B 118 25.37 -4.25 -4.45
C THR B 118 24.09 -3.84 -3.74
N PHE B 119 24.05 -3.96 -2.42
CA PHE B 119 22.91 -3.55 -1.62
C PHE B 119 21.60 -4.18 -2.06
N ASP B 120 21.55 -5.50 -2.16
CA ASP B 120 20.35 -6.18 -2.62
C ASP B 120 19.47 -6.48 -1.41
N ILE B 121 18.70 -5.50 -0.95
CA ILE B 121 17.99 -5.64 0.33
C ILE B 121 16.77 -6.62 0.29
N ASN B 122 16.10 -6.72 -0.85
CA ASN B 122 15.03 -7.72 -0.96
C ASN B 122 15.65 -9.12 -0.74
N PHE B 123 16.79 -9.40 -1.40
CA PHE B 123 17.49 -10.67 -1.18
C PHE B 123 17.95 -10.83 0.25
N GLY B 124 18.47 -9.75 0.83
CA GLY B 124 18.96 -9.72 2.21
C GLY B 124 17.90 -10.09 3.22
N LEU B 125 16.76 -9.42 3.18
CA LEU B 125 15.70 -9.73 4.10
C LEU B 125 15.19 -11.16 3.90
N ARG B 126 15.14 -11.65 2.68
CA ARG B 126 14.71 -13.06 2.42
C ARG B 126 15.66 -14.08 3.03
N GLN B 127 16.96 -13.84 2.81
CA GLN B 127 18.02 -14.68 3.36
C GLN B 127 17.96 -14.70 4.86
N ALA B 128 17.90 -13.51 5.46
CA ALA B 128 17.72 -13.41 6.91
C ALA B 128 16.56 -14.27 7.41
N ARG B 129 15.37 -14.04 6.88
CA ARG B 129 14.20 -14.85 7.26
C ARG B 129 14.39 -16.34 7.03
N SER B 130 14.85 -16.72 5.85
CA SER B 130 15.08 -18.13 5.53
C SER B 130 16.03 -18.79 6.53
N LEU B 131 17.13 -18.10 6.86
CA LEU B 131 18.08 -18.57 7.86
C LEU B 131 17.42 -18.72 9.23
N LEU B 132 16.66 -17.71 9.66
CA LEU B 132 15.97 -17.81 10.96
C LEU B 132 14.97 -18.97 11.04
N LEU B 133 14.24 -19.21 9.98
CA LEU B 133 13.28 -20.30 9.94
C LEU B 133 14.01 -21.65 9.99
N SER B 134 15.11 -21.79 9.23
CA SER B 134 15.88 -23.04 9.19
C SER B 134 16.43 -23.32 10.58
N LEU B 135 16.92 -22.27 11.26
CA LEU B 135 17.48 -22.46 12.58
C LEU B 135 16.42 -22.99 13.51
N ASN B 136 15.27 -22.31 13.54
CA ASN B 136 14.21 -22.71 14.43
C ASN B 136 13.74 -24.12 14.07
N ASN B 137 13.66 -24.43 12.77
CA ASN B 137 13.23 -25.78 12.33
C ASN B 137 14.16 -26.91 12.77
N MET B 138 15.46 -26.64 12.90
CA MET B 138 16.37 -27.65 13.45
C MET B 138 16.36 -27.69 14.99
N GLY B 139 15.68 -26.76 15.64
CA GLY B 139 15.63 -26.77 17.10
C GLY B 139 16.52 -25.76 17.80
N MET B 140 17.13 -24.85 17.04
CA MET B 140 17.98 -23.82 17.64
C MET B 140 17.26 -22.48 17.64
N PRO B 141 16.90 -21.99 18.83
CA PRO B 141 16.24 -20.68 18.88
C PRO B 141 17.25 -19.60 18.53
N ALA B 142 16.75 -18.43 18.19
CA ALA B 142 17.58 -17.37 17.64
C ALA B 142 17.37 -16.06 18.37
N SER B 143 18.44 -15.26 18.40
CA SER B 143 18.41 -13.94 18.99
C SER B 143 18.95 -12.94 17.99
N THR B 144 18.60 -11.67 18.14
CA THR B 144 19.15 -10.64 17.24
C THR B 144 19.02 -9.26 17.89
N GLU B 145 19.74 -8.29 17.35
CA GLU B 145 19.57 -6.91 17.72
C GLU B 145 18.69 -6.24 16.69
N PHE B 146 17.71 -5.48 17.13
CA PHE B 146 16.86 -4.75 16.20
C PHE B 146 17.37 -3.30 16.15
N LEU B 147 17.82 -2.87 14.98
CA LEU B 147 18.48 -1.56 14.80
C LEU B 147 17.54 -0.46 14.34
N ASP B 148 16.38 -0.86 13.85
CA ASP B 148 15.40 0.06 13.33
C ASP B 148 13.98 -0.47 13.54
N MET B 149 12.99 0.34 13.15
CA MET B 149 11.59 0.04 13.47
C MET B 149 10.82 -0.69 12.35
N ILE B 150 11.48 -1.03 11.26
CA ILE B 150 10.84 -1.66 10.10
C ILE B 150 11.26 -3.14 9.98
N THR B 151 12.54 -3.42 10.11
CA THR B 151 13.06 -4.79 10.01
C THR B 151 12.31 -5.81 10.87
N PRO B 152 11.82 -5.41 12.06
CA PRO B 152 11.15 -6.42 12.86
C PRO B 152 9.89 -6.99 12.21
N GLN B 153 9.22 -6.24 11.35
CA GLN B 153 8.06 -6.78 10.65
C GLN B 153 8.39 -7.91 9.69
N TYR B 154 9.65 -7.98 9.26
CA TYR B 154 10.07 -9.01 8.33
C TYR B 154 10.43 -10.34 8.99
N TYR B 155 11.03 -10.30 10.19
CA TYR B 155 11.43 -11.52 10.90
C TYR B 155 11.31 -11.63 12.45
N ALA B 156 10.74 -10.64 13.14
CA ALA B 156 10.63 -10.75 14.60
C ALA B 156 9.81 -11.94 15.06
N ASP B 157 8.87 -12.44 14.24
CA ASP B 157 8.12 -13.66 14.64
C ASP B 157 9.03 -14.91 14.84
N LEU B 158 10.22 -14.88 14.25
CA LEU B 158 11.18 -15.99 14.42
C LEU B 158 12.21 -15.75 15.54
N ILE B 159 12.07 -14.67 16.31
CA ILE B 159 13.09 -14.28 17.30
C ILE B 159 12.66 -14.55 18.74
N SER B 160 13.50 -15.25 19.49
CA SER B 160 13.21 -15.62 20.86
C SER B 160 13.76 -14.68 21.90
N TRP B 161 14.78 -13.89 21.55
CA TRP B 161 15.34 -12.86 22.45
C TRP B 161 15.92 -11.73 21.59
N GLY B 162 15.72 -10.50 22.02
CA GLY B 162 16.07 -9.35 21.17
C GLY B 162 16.97 -8.46 21.97
N ALA B 163 17.91 -7.78 21.31
CA ALA B 163 18.69 -6.76 22.00
C ALA B 163 18.50 -5.37 21.41
N ILE B 164 18.62 -4.37 22.27
CA ILE B 164 18.78 -2.99 21.87
C ILE B 164 20.20 -2.63 22.38
N GLY B 165 21.06 -2.24 21.46
CA GLY B 165 22.47 -2.00 21.79
C GLY B 165 22.77 -0.69 22.51
N ALA B 166 24.02 -0.61 23.00
CA ALA B 166 24.50 0.51 23.75
C ALA B 166 24.20 1.85 23.12
N ARG B 167 24.27 1.92 21.79
CA ARG B 167 24.16 3.20 21.08
C ARG B 167 22.73 3.63 20.86
N THR B 168 21.77 2.72 21.08
CA THR B 168 20.34 3.01 20.90
C THR B 168 19.48 2.82 22.16
N THR B 169 20.05 2.36 23.28
CA THR B 169 19.26 2.12 24.52
C THR B 169 18.55 3.36 25.06
N GLU B 170 19.14 4.53 24.87
CA GLU B 170 18.59 5.76 25.36
C GLU B 170 17.56 6.37 24.41
N SER B 171 17.56 5.90 23.16
CA SER B 171 16.62 6.38 22.12
C SER B 171 15.13 6.15 22.42
N GLN B 172 14.33 7.21 22.35
CA GLN B 172 12.91 7.12 22.75
C GLN B 172 12.22 6.12 21.85
N VAL B 173 12.50 6.24 20.56
CA VAL B 173 11.86 5.40 19.58
C VAL B 173 12.27 3.93 19.70
N HIS B 174 13.55 3.65 19.98
CA HIS B 174 13.96 2.26 20.18
C HIS B 174 13.36 1.66 21.44
N ARG B 175 13.13 2.49 22.43
CA ARG B 175 12.42 2.04 23.63
C ARG B 175 10.97 1.72 23.30
N ALA B 176 10.38 2.57 22.47
CA ALA B 176 9.02 2.33 22.01
C ALA B 176 8.92 1.01 21.23
N LEU B 177 9.91 0.73 20.39
CA LEU B 177 9.94 -0.52 19.65
C LEU B 177 9.97 -1.70 20.63
N ALA B 178 10.83 -1.63 21.61
CA ALA B 178 11.01 -2.74 22.53
C ALA B 178 9.72 -3.00 23.29
N SER B 179 8.94 -1.94 23.54
CA SER B 179 7.65 -2.05 24.22
C SER B 179 6.61 -2.86 23.44
N GLY B 180 6.83 -3.08 22.15
CA GLY B 180 5.99 -3.94 21.33
C GLY B 180 6.64 -5.19 20.79
N LEU B 181 7.87 -5.50 21.17
CA LEU B 181 8.50 -6.72 20.63
C LEU B 181 7.92 -7.98 21.27
N SER B 182 7.60 -8.98 20.45
CA SER B 182 7.06 -10.22 20.95
C SER B 182 8.09 -10.94 21.87
N CYS B 183 9.38 -10.71 21.69
CA CYS B 183 10.38 -11.42 22.50
C CYS B 183 10.76 -10.59 23.76
N PRO B 184 11.35 -11.24 24.79
CA PRO B 184 12.06 -10.51 25.84
C PRO B 184 13.17 -9.68 25.20
N VAL B 185 13.55 -8.60 25.86
CA VAL B 185 14.52 -7.67 25.32
C VAL B 185 15.56 -7.33 26.38
N GLY B 186 16.84 -7.41 25.96
CA GLY B 186 17.96 -6.94 26.77
C GLY B 186 18.42 -5.59 26.27
N PHE B 187 18.60 -4.65 27.22
CA PHE B 187 19.12 -3.33 26.93
C PHE B 187 20.56 -3.19 27.45
N LYS B 188 21.51 -2.86 26.58
CA LYS B 188 22.89 -2.61 27.00
C LYS B 188 23.14 -1.30 27.68
N ASN B 189 24.09 -1.32 28.60
CA ASN B 189 24.56 -0.10 29.21
C ASN B 189 25.29 0.72 28.17
N GLY B 190 25.43 2.01 28.42
CA GLY B 190 25.96 2.95 27.44
C GLY B 190 27.42 2.72 27.13
N THR B 191 27.92 3.33 26.04
CA THR B 191 29.28 3.08 25.58
C THR B 191 30.34 3.59 26.57
N ASP B 192 29.98 4.56 27.40
CA ASP B 192 30.86 5.05 28.46
C ASP B 192 30.69 4.31 29.81
N GLY B 193 29.86 3.28 29.86
CA GLY B 193 29.62 2.57 31.11
C GLY B 193 28.28 2.87 31.74
N ASN B 194 27.56 3.82 31.19
CA ASN B 194 26.38 4.36 31.85
C ASN B 194 25.27 3.33 32.00
N LEU B 195 24.91 3.03 33.24
CA LEU B 195 23.90 2.01 33.53
C LEU B 195 22.46 2.57 33.53
N LYS B 196 22.35 3.85 33.86
CA LYS B 196 21.06 4.52 34.01
C LYS B 196 20.16 4.50 32.77
N ILE B 197 20.76 4.65 31.59
CA ILE B 197 19.98 4.61 30.35
C ILE B 197 19.33 3.24 30.16
N ALA B 198 19.99 2.19 30.62
CA ALA B 198 19.46 0.87 30.45
C ALA B 198 18.35 0.56 31.46
N ILE B 199 18.52 1.08 32.67
CA ILE B 199 17.50 0.94 33.75
C ILE B 199 16.23 1.71 33.36
N ASP B 200 16.38 2.97 32.99
CA ASP B 200 15.26 3.75 32.44
C ASP B 200 14.58 3.06 31.26
N ALA B 201 15.37 2.41 30.39
CA ALA B 201 14.80 1.76 29.22
C ALA B 201 13.86 0.64 29.65
N ILE B 202 14.21 -0.12 30.69
CA ILE B 202 13.32 -1.19 31.17
C ILE B 202 11.95 -0.62 31.57
N GLY B 203 12.00 0.46 32.34
CA GLY B 203 10.79 1.08 32.83
C GLY B 203 9.96 1.61 31.69
N ALA B 204 10.60 2.39 30.81
CA ALA B 204 9.86 2.94 29.69
C ALA B 204 9.22 1.81 28.87
N ALA B 205 9.99 0.75 28.60
CA ALA B 205 9.55 -0.30 27.71
C ALA B 205 8.42 -1.16 28.27
N SER B 206 8.19 -1.10 29.57
CA SER B 206 7.08 -1.84 30.15
C SER B 206 5.73 -1.20 29.83
N HIS B 207 5.74 0.04 29.34
CA HIS B 207 4.54 0.79 29.07
C HIS B 207 4.14 0.80 27.60
N SER B 208 2.87 1.10 27.34
CA SER B 208 2.38 1.26 26.00
C SER B 208 3.03 2.51 25.35
N HIS B 209 3.34 2.40 24.05
CA HIS B 209 3.83 3.51 23.24
C HIS B 209 3.17 3.47 21.87
N HIS B 210 3.29 4.59 21.16
CA HIS B 210 2.99 4.65 19.75
C HIS B 210 4.29 4.94 18.99
N PHE B 211 4.55 4.26 17.88
CA PHE B 211 5.64 4.67 17.00
C PHE B 211 5.26 4.33 15.58
N LEU B 212 5.96 4.96 14.62
CA LEU B 212 5.68 4.77 13.21
C LEU B 212 6.45 3.57 12.65
N SER B 213 5.81 2.86 11.72
CA SER B 213 6.39 1.70 11.10
C SER B 213 5.52 1.37 9.90
N VAL B 214 5.63 0.14 9.42
CA VAL B 214 4.77 -0.30 8.34
C VAL B 214 3.93 -1.50 8.71
N THR B 215 2.79 -1.64 8.04
CA THR B 215 1.96 -2.83 8.17
C THR B 215 2.66 -4.02 7.50
N LYS B 216 2.15 -5.22 7.74
CA LYS B 216 2.72 -6.40 7.09
C LYS B 216 2.64 -6.25 5.57
N ALA B 217 1.62 -5.56 5.08
CA ALA B 217 1.48 -5.24 3.68
C ALA B 217 2.36 -4.08 3.18
N GLY B 218 3.18 -3.51 4.05
CA GLY B 218 4.19 -2.54 3.65
C GLY B 218 3.82 -1.06 3.67
N HIS B 219 2.64 -0.76 4.20
CA HIS B 219 2.10 0.60 4.25
C HIS B 219 2.46 1.33 5.53
N SER B 220 2.81 2.60 5.38
CA SER B 220 3.11 3.47 6.53
C SER B 220 2.01 3.29 7.57
N ALA B 221 2.42 3.12 8.81
CA ALA B 221 1.51 2.73 9.88
C ALA B 221 1.88 3.36 11.21
N ILE B 222 0.90 3.41 12.11
CA ILE B 222 1.09 3.79 13.51
C ILE B 222 0.92 2.51 14.35
N VAL B 223 1.92 2.21 15.17
CA VAL B 223 1.92 1.02 16.01
C VAL B 223 1.61 1.41 17.46
N HIS B 224 0.56 0.83 18.03
CA HIS B 224 0.19 1.00 19.44
C HIS B 224 0.56 -0.27 20.19
N THR B 225 1.54 -0.17 21.07
CA THR B 225 2.06 -1.35 21.77
C THR B 225 1.36 -1.54 23.11
N GLY B 226 1.50 -2.76 23.64
CA GLY B 226 0.99 -3.12 24.96
C GLY B 226 1.94 -3.01 26.13
N GLY B 227 3.20 -2.68 25.89
CA GLY B 227 4.24 -2.85 26.94
C GLY B 227 4.91 -4.24 26.92
N ASN B 228 6.19 -4.26 27.30
CA ASN B 228 6.97 -5.49 27.38
C ASN B 228 7.44 -5.66 28.81
N PRO B 229 6.87 -6.64 29.53
CA PRO B 229 7.28 -6.83 30.95
C PRO B 229 8.55 -7.67 31.08
N ASP B 230 9.12 -8.13 29.97
CA ASP B 230 10.26 -9.04 30.05
C ASP B 230 11.54 -8.39 29.54
N CYS B 231 11.85 -7.20 30.04
CA CYS B 231 13.10 -6.50 29.69
C CYS B 231 14.08 -6.55 30.85
N HIS B 232 15.38 -6.53 30.52
CA HIS B 232 16.44 -6.54 31.52
C HIS B 232 17.67 -5.86 30.98
N VAL B 233 18.65 -5.62 31.84
CA VAL B 233 19.87 -4.96 31.41
C VAL B 233 20.95 -5.96 31.02
N ILE B 234 21.86 -5.49 30.16
CA ILE B 234 23.09 -6.20 29.83
C ILE B 234 24.32 -5.34 30.21
N LEU B 235 25.22 -5.87 31.03
CA LEU B 235 26.48 -5.20 31.32
C LEU B 235 27.53 -5.51 30.23
N ARG B 236 28.03 -4.49 29.56
CA ARG B 236 28.98 -4.66 28.45
C ARG B 236 30.30 -3.87 28.53
N GLY B 237 30.63 -3.34 29.69
CA GLY B 237 31.78 -2.46 29.87
C GLY B 237 31.55 -1.02 29.44
N GLY B 238 32.60 -0.23 29.57
CA GLY B 238 32.53 1.19 29.27
C GLY B 238 33.91 1.77 29.41
N LYS B 239 34.09 2.69 30.34
CA LYS B 239 35.42 3.16 30.70
C LYS B 239 36.23 1.95 31.17
N GLU B 240 35.65 1.18 32.08
CA GLU B 240 36.26 -0.06 32.56
C GLU B 240 35.33 -1.23 32.32
N PRO B 241 35.87 -2.44 32.30
CA PRO B 241 35.00 -3.62 32.29
C PRO B 241 34.12 -3.69 33.52
N ASN B 242 32.86 -4.09 33.35
CA ASN B 242 31.91 -4.15 34.46
C ASN B 242 31.39 -5.54 34.83
N TYR B 243 32.12 -6.59 34.47
CA TYR B 243 31.65 -7.98 34.63
C TYR B 243 31.87 -8.55 36.07
N ASP B 244 32.82 -8.01 36.80
CA ASP B 244 33.20 -8.63 38.09
C ASP B 244 32.16 -8.46 39.21
N ALA B 245 32.39 -9.14 40.34
CA ALA B 245 31.38 -9.24 41.43
C ALA B 245 30.93 -7.88 41.98
N GLU B 246 31.90 -7.00 42.25
CA GLU B 246 31.57 -5.62 42.71
C GLU B 246 30.64 -4.92 41.74
N HIS B 247 30.98 -4.97 40.45
CA HIS B 247 30.15 -4.26 39.45
C HIS B 247 28.75 -4.86 39.40
N VAL B 248 28.64 -6.17 39.61
CA VAL B 248 27.32 -6.82 39.54
C VAL B 248 26.41 -6.40 40.69
N SER B 249 26.97 -6.33 41.89
CA SER B 249 26.19 -5.95 43.06
C SER B 249 25.73 -4.49 42.94
N GLU B 250 26.67 -3.62 42.61
CA GLU B 250 26.33 -2.22 42.27
C GLU B 250 25.09 -2.14 41.36
N ALA B 251 25.16 -2.81 40.20
CA ALA B 251 24.08 -2.77 39.24
C ALA B 251 22.78 -3.32 39.78
N ALA B 252 22.85 -4.41 40.54
CA ALA B 252 21.67 -5.06 41.09
C ALA B 252 20.90 -4.13 42.04
N GLU B 253 21.65 -3.42 42.88
CA GLU B 253 21.08 -2.41 43.76
C GLU B 253 20.26 -1.37 42.96
N GLN B 254 20.88 -0.84 41.92
CA GLN B 254 20.26 0.26 41.20
C GLN B 254 19.00 -0.22 40.52
N LEU B 255 19.01 -1.47 40.05
CA LEU B 255 17.80 -2.06 39.50
C LEU B 255 16.68 -2.15 40.54
N ARG B 256 17.05 -2.55 41.75
CA ARG B 256 16.12 -2.59 42.88
C ARG B 256 15.60 -1.18 43.21
N ALA B 257 16.49 -0.21 43.46
CA ALA B 257 16.07 1.22 43.65
C ALA B 257 15.11 1.76 42.57
N ALA B 258 15.18 1.24 41.35
CA ALA B 258 14.23 1.65 40.32
C ALA B 258 12.99 0.77 40.24
N GLY B 259 12.91 -0.29 41.05
CA GLY B 259 11.77 -1.20 41.04
C GLY B 259 11.60 -2.04 39.77
N VAL B 260 12.73 -2.48 39.22
CA VAL B 260 12.75 -3.32 38.02
C VAL B 260 13.57 -4.56 38.30
N THR B 261 13.39 -5.59 37.48
CA THR B 261 14.02 -6.89 37.72
C THR B 261 15.50 -6.69 37.97
N ASP B 262 16.00 -7.22 39.08
CA ASP B 262 17.42 -7.09 39.44
C ASP B 262 18.27 -8.26 38.95
N LYS B 263 17.70 -9.02 38.00
CA LYS B 263 18.42 -10.07 37.32
C LYS B 263 18.95 -9.53 36.00
N LEU B 264 20.23 -9.76 35.70
CA LEU B 264 20.89 -9.13 34.53
C LEU B 264 21.80 -10.05 33.70
N MET B 265 22.24 -9.56 32.54
CA MET B 265 23.08 -10.32 31.64
C MET B 265 24.44 -9.68 31.59
N ILE B 266 25.47 -10.51 31.49
CA ILE B 266 26.83 -9.99 31.34
C ILE B 266 27.37 -10.37 29.96
N ASP B 267 27.76 -9.37 29.18
CA ASP B 267 28.50 -9.59 27.93
C ASP B 267 29.97 -9.88 28.25
N CYS B 268 30.48 -11.04 27.82
CA CYS B 268 31.92 -11.39 27.90
C CYS B 268 32.82 -10.79 26.78
N SER B 269 32.17 -10.17 25.79
CA SER B 269 32.83 -9.66 24.61
C SER B 269 32.70 -8.14 24.55
N HIS B 270 33.10 -7.55 23.43
CA HIS B 270 33.09 -6.11 23.26
C HIS B 270 33.95 -5.45 24.36
N ALA B 271 33.45 -4.44 25.05
CA ALA B 271 34.33 -3.65 25.94
C ALA B 271 34.72 -4.44 27.18
N ASN B 272 33.89 -5.40 27.59
CA ASN B 272 34.27 -6.25 28.71
C ASN B 272 35.49 -7.15 28.49
N SER B 273 35.80 -7.53 27.25
CA SER B 273 37.05 -8.24 26.89
C SER B 273 38.14 -7.29 26.39
N ARG B 274 37.88 -5.99 26.49
CA ARG B 274 38.64 -4.91 25.83
C ARG B 274 38.93 -5.21 24.36
N LYS B 275 37.89 -5.69 23.67
CA LYS B 275 37.95 -5.99 22.23
C LYS B 275 39.02 -7.02 21.89
N ASP B 276 39.26 -7.94 22.81
CA ASP B 276 40.28 -8.98 22.64
C ASP B 276 39.57 -10.32 22.81
N TYR B 277 39.41 -11.05 21.72
CA TYR B 277 38.61 -12.27 21.77
C TYR B 277 39.20 -13.34 22.70
N THR B 278 40.52 -13.31 22.92
CA THR B 278 41.19 -14.25 23.82
C THR B 278 40.95 -13.96 25.29
N ARG B 279 40.33 -12.82 25.60
CA ARG B 279 39.96 -12.52 26.98
C ARG B 279 38.52 -12.89 27.36
N GLN B 280 37.70 -13.31 26.40
CA GLN B 280 36.33 -13.75 26.73
C GLN B 280 36.30 -14.87 27.76
N MET B 281 37.27 -15.78 27.62
CA MET B 281 37.36 -16.93 28.51
C MET B 281 37.72 -16.48 29.90
N GLU B 282 38.62 -15.49 30.00
CA GLU B 282 38.91 -14.92 31.30
C GLU B 282 37.66 -14.34 31.94
N VAL B 283 36.84 -13.59 31.19
CA VAL B 283 35.63 -13.01 31.76
C VAL B 283 34.65 -14.13 32.20
N ALA B 284 34.52 -15.17 31.39
CA ALA B 284 33.65 -16.31 31.71
C ALA B 284 34.12 -17.06 32.97
N GLN B 285 35.43 -17.11 33.17
CA GLN B 285 35.96 -17.75 34.39
C GLN B 285 35.61 -16.98 35.63
N ASP B 286 35.58 -15.64 35.51
CA ASP B 286 35.19 -14.77 36.62
C ASP B 286 33.72 -14.97 36.91
N ILE B 287 32.90 -14.99 35.87
CA ILE B 287 31.47 -15.20 36.06
C ILE B 287 31.22 -16.57 36.71
N ALA B 288 31.93 -17.60 36.24
CA ALA B 288 31.88 -18.95 36.84
C ALA B 288 32.18 -18.94 38.33
N ALA B 289 33.17 -18.14 38.74
CA ALA B 289 33.52 -18.00 40.17
C ALA B 289 32.38 -17.39 40.95
N GLN B 290 31.74 -16.38 40.38
CA GLN B 290 30.62 -15.71 41.04
C GLN B 290 29.44 -16.64 41.20
N LEU B 291 29.18 -17.42 40.18
CA LEU B 291 28.12 -18.40 40.21
C LEU B 291 28.39 -19.45 41.27
N GLU B 292 29.65 -19.84 41.45
CA GLU B 292 30.05 -20.87 42.43
C GLU B 292 29.88 -20.35 43.87
N GLN B 293 30.20 -19.06 44.08
CA GLN B 293 30.09 -18.40 45.40
C GLN B 293 28.65 -17.99 45.72
N ASP B 294 28.06 -17.22 44.82
CA ASP B 294 26.71 -16.70 45.04
C ASP B 294 26.12 -16.42 43.67
N GLY B 295 26.36 -15.21 43.14
CA GLY B 295 25.93 -14.81 41.81
C GLY B 295 24.44 -14.83 41.57
N GLY B 296 23.67 -14.55 42.63
CA GLY B 296 22.21 -14.62 42.57
C GLY B 296 21.56 -13.69 41.54
N ASN B 297 22.26 -12.63 41.20
CA ASN B 297 21.71 -11.62 40.30
C ASN B 297 21.97 -11.86 38.81
N ILE B 298 22.68 -12.94 38.47
CA ILE B 298 23.06 -13.23 37.10
C ILE B 298 22.02 -14.17 36.48
N MET B 299 21.38 -13.73 35.39
CA MET B 299 20.48 -14.60 34.62
C MET B 299 21.00 -14.96 33.25
N GLY B 300 22.15 -14.45 32.86
CA GLY B 300 22.65 -14.73 31.55
C GLY B 300 23.97 -14.10 31.17
N VAL B 301 24.52 -14.57 30.05
CA VAL B 301 25.80 -14.09 29.54
C VAL B 301 25.75 -14.06 28.02
N MET B 302 26.61 -13.24 27.40
CA MET B 302 26.78 -13.18 25.96
C MET B 302 28.20 -13.53 25.60
N VAL B 303 28.36 -14.21 24.46
CA VAL B 303 29.66 -14.71 24.01
C VAL B 303 29.68 -14.64 22.46
N GLU B 304 30.81 -14.19 21.91
CA GLU B 304 30.98 -14.11 20.48
C GLU B 304 31.90 -15.25 20.06
N SER B 305 31.30 -16.19 19.35
CA SER B 305 31.91 -17.49 19.05
C SER B 305 31.61 -17.86 17.60
N HIS B 306 32.56 -18.54 16.96
CA HIS B 306 32.38 -18.97 15.57
C HIS B 306 33.11 -20.30 15.40
N LEU B 307 32.98 -20.91 14.24
CA LEU B 307 33.65 -22.17 13.96
C LEU B 307 35.17 -22.04 14.12
N VAL B 308 35.70 -20.93 13.60
CA VAL B 308 37.11 -20.66 13.62
C VAL B 308 37.36 -19.37 14.38
N GLU B 309 38.41 -19.35 15.19
CA GLU B 309 38.73 -18.16 15.99
C GLU B 309 39.20 -17.00 15.14
N GLY B 310 39.22 -15.82 15.74
CA GLY B 310 39.81 -14.64 15.10
C GLY B 310 38.83 -13.82 14.26
N ARG B 311 39.40 -12.99 13.39
CA ARG B 311 38.63 -12.22 12.43
C ARG B 311 39.46 -12.09 11.15
N GLN B 312 38.85 -11.51 10.12
CA GLN B 312 39.50 -11.33 8.83
C GLN B 312 38.80 -10.20 8.09
N ASP B 313 39.53 -9.42 7.29
CA ASP B 313 38.90 -8.27 6.62
C ASP B 313 38.06 -8.73 5.42
N LYS B 314 38.45 -9.80 4.73
CA LYS B 314 37.65 -10.32 3.60
C LYS B 314 37.17 -11.70 3.98
N PRO B 315 36.06 -12.18 3.39
CA PRO B 315 35.56 -13.52 3.75
C PRO B 315 36.32 -14.72 3.12
N GLU B 316 37.63 -14.81 3.36
CA GLU B 316 38.47 -15.82 2.70
C GLU B 316 38.28 -17.18 3.35
N VAL B 317 38.49 -17.24 4.66
CA VAL B 317 38.36 -18.49 5.42
C VAL B 317 36.88 -18.74 5.79
N TYR B 318 36.45 -20.01 5.77
CA TYR B 318 35.06 -20.39 6.05
C TYR B 318 34.83 -20.43 7.55
N GLY B 319 33.72 -19.86 8.00
CA GLY B 319 33.38 -19.82 9.44
C GLY B 319 34.29 -18.97 10.32
N LYS B 320 34.84 -17.90 9.75
CA LYS B 320 35.65 -16.95 10.50
C LYS B 320 35.12 -15.55 10.33
N SER B 321 34.92 -14.85 11.46
CA SER B 321 34.23 -13.58 11.49
C SER B 321 34.88 -12.54 10.62
N ILE B 322 34.06 -11.72 9.96
CA ILE B 322 34.58 -10.54 9.26
C ILE B 322 34.22 -9.26 10.01
N THR B 323 33.63 -9.38 11.19
CA THR B 323 33.41 -8.20 12.02
C THR B 323 34.22 -8.42 13.29
N ASP B 324 33.61 -8.37 14.47
CA ASP B 324 34.42 -8.55 15.70
C ASP B 324 35.03 -9.94 15.72
N ALA B 325 36.22 -10.03 16.28
CA ALA B 325 36.90 -11.30 16.45
C ALA B 325 36.15 -12.21 17.42
N CYS B 326 36.09 -13.51 17.08
CA CYS B 326 35.38 -14.53 17.90
C CYS B 326 36.29 -15.65 18.42
N ILE B 327 35.90 -16.29 19.53
CA ILE B 327 36.55 -17.51 19.93
C ILE B 327 36.12 -18.61 18.96
N GLY B 328 36.93 -19.64 18.85
CA GLY B 328 36.67 -20.73 17.92
C GLY B 328 35.90 -21.81 18.63
N TRP B 329 35.63 -22.88 17.90
CA TRP B 329 34.71 -23.92 18.40
C TRP B 329 35.24 -24.63 19.65
N GLY B 330 36.54 -25.00 19.66
CA GLY B 330 37.12 -25.66 20.82
C GLY B 330 37.00 -24.87 22.10
N ALA B 331 37.38 -23.60 22.04
CA ALA B 331 37.21 -22.69 23.17
C ALA B 331 35.74 -22.57 23.58
N THR B 332 34.83 -22.63 22.61
CA THR B 332 33.40 -22.58 22.88
C THR B 332 32.92 -23.79 23.70
N GLU B 333 33.37 -24.98 23.31
CA GLU B 333 33.13 -26.19 24.12
C GLU B 333 33.59 -26.01 25.55
N GLU B 334 34.81 -25.48 25.74
CA GLU B 334 35.37 -25.34 27.08
C GLU B 334 34.62 -24.32 27.89
N LEU B 335 34.25 -23.22 27.22
CA LEU B 335 33.60 -22.11 27.89
C LEU B 335 32.23 -22.57 28.36
N LEU B 336 31.51 -23.27 27.50
CA LEU B 336 30.17 -23.76 27.87
C LEU B 336 30.25 -24.80 28.99
N ALA B 337 31.26 -25.67 28.94
CA ALA B 337 31.41 -26.68 30.01
C ALA B 337 31.65 -25.97 31.33
N LEU B 338 32.51 -24.96 31.27
CA LEU B 338 32.83 -24.14 32.40
C LEU B 338 31.59 -23.51 33.06
N LEU B 339 30.76 -22.85 32.27
CA LEU B 339 29.54 -22.22 32.81
C LEU B 339 28.47 -23.24 33.26
N ALA B 340 28.28 -24.32 32.51
CA ALA B 340 27.34 -25.34 32.92
C ALA B 340 27.69 -25.85 34.31
N GLY B 341 28.96 -26.16 34.50
CA GLY B 341 29.43 -26.75 35.76
C GLY B 341 29.25 -25.80 36.94
N ALA B 342 29.57 -24.53 36.72
CA ALA B 342 29.45 -23.56 37.79
C ALA B 342 27.97 -23.29 38.12
N ASN B 343 27.11 -23.16 37.10
CA ASN B 343 25.69 -22.95 37.36
C ASN B 343 24.96 -24.19 37.93
N LYS B 344 25.43 -25.38 37.61
CA LYS B 344 24.85 -26.57 38.23
C LYS B 344 24.93 -26.44 39.77
N LYS B 345 26.06 -25.99 40.26
CA LYS B 345 26.26 -25.78 41.70
C LYS B 345 25.31 -24.71 42.22
N ARG B 346 25.24 -23.58 41.51
CA ARG B 346 24.35 -22.51 41.95
C ARG B 346 22.93 -23.06 42.08
N MET B 347 22.46 -23.74 41.06
CA MET B 347 21.11 -24.23 41.05
C MET B 347 20.88 -25.25 42.19
N ALA B 348 21.93 -25.98 42.57
CA ALA B 348 21.84 -26.94 43.66
C ALA B 348 21.60 -26.30 45.05
N ARG B 349 22.29 -25.22 45.38
CA ARG B 349 22.12 -24.56 46.69
C ARG B 349 20.63 -24.40 47.08
N HIS C 4 17.00 -10.64 -24.83
CA HIS C 4 15.76 -10.63 -24.00
C HIS C 4 14.73 -9.70 -24.66
N TYR C 5 13.60 -10.26 -25.08
CA TYR C 5 12.58 -9.47 -25.74
C TYR C 5 11.60 -8.93 -24.72
N PRO C 6 11.06 -7.72 -24.96
CA PRO C 6 10.08 -7.19 -24.05
C PRO C 6 8.73 -7.88 -24.24
N THR C 7 8.05 -8.14 -23.12
CA THR C 7 6.74 -8.74 -23.15
C THR C 7 5.70 -8.05 -22.29
N ASP C 8 6.10 -7.06 -21.50
CA ASP C 8 5.22 -6.48 -20.46
C ASP C 8 4.86 -5.05 -20.83
N ASP C 9 3.59 -4.70 -20.69
CA ASP C 9 3.11 -3.34 -20.96
C ASP C 9 3.51 -2.77 -22.33
N ILE C 10 3.47 -3.62 -23.37
CA ILE C 10 3.89 -3.24 -24.70
C ILE C 10 3.00 -2.10 -25.25
N LYS C 11 1.70 -2.14 -24.93
CA LYS C 11 0.72 -1.23 -25.50
C LYS C 11 0.15 -0.28 -24.44
N ILE C 12 1.01 0.08 -23.48
CA ILE C 12 0.63 0.90 -22.36
C ILE C 12 1.45 2.19 -22.45
N LYS C 13 0.81 3.37 -22.43
CA LYS C 13 1.59 4.63 -22.38
C LYS C 13 2.11 4.92 -20.99
N GLU C 14 1.27 4.69 -19.98
CA GLU C 14 1.61 5.02 -18.59
C GLU C 14 0.74 4.27 -17.60
N VAL C 15 1.34 3.88 -16.48
CA VAL C 15 0.62 3.36 -15.32
C VAL C 15 1.04 4.22 -14.16
N LYS C 16 0.08 4.85 -13.51
CA LYS C 16 0.38 5.89 -12.54
C LYS C 16 -0.40 5.60 -11.24
N GLU C 17 0.31 5.53 -10.12
CA GLU C 17 -0.33 5.30 -8.84
C GLU C 17 -1.28 6.48 -8.49
N LEU C 18 -2.44 6.15 -7.92
CA LEU C 18 -3.40 7.15 -7.48
C LEU C 18 -3.33 7.24 -5.97
N LEU C 19 -3.76 8.37 -5.42
CA LEU C 19 -4.00 8.44 -4.00
C LEU C 19 -5.04 7.41 -3.65
N PRO C 20 -4.90 6.79 -2.48
CA PRO C 20 -5.81 5.72 -2.09
C PRO C 20 -7.13 6.30 -1.58
N PRO C 21 -8.20 5.47 -1.54
CA PRO C 21 -9.47 5.87 -0.96
C PRO C 21 -9.33 6.51 0.39
N ILE C 22 -8.44 6.04 1.23
CA ILE C 22 -8.30 6.64 2.59
C ILE C 22 -7.92 8.10 2.59
N ALA C 23 -7.17 8.56 1.60
CA ALA C 23 -6.82 9.99 1.51
C ALA C 23 -8.07 10.85 1.29
N HIS C 24 -8.94 10.44 0.37
CA HIS C 24 -10.18 11.20 0.09
C HIS C 24 -11.15 11.08 1.24
N LEU C 25 -11.19 9.89 1.84
CA LEU C 25 -11.97 9.66 3.04
C LEU C 25 -11.55 10.52 4.24
N TYR C 26 -10.25 10.79 4.38
CA TYR C 26 -9.76 11.64 5.43
C TYR C 26 -10.14 13.12 5.20
N GLU C 27 -10.01 13.60 3.97
CA GLU C 27 -10.37 14.98 3.66
C GLU C 27 -11.90 15.22 3.69
N LEU C 28 -12.69 14.22 3.33
CA LEU C 28 -14.13 14.38 3.12
C LEU C 28 -14.87 13.22 3.77
N PRO C 29 -14.78 13.14 5.10
CA PRO C 29 -15.45 12.05 5.79
C PRO C 29 -16.96 12.26 5.72
N ILE C 30 -17.70 11.16 5.72
CA ILE C 30 -19.17 11.27 5.69
C ILE C 30 -19.66 11.84 7.02
N SER C 31 -20.43 12.93 6.98
CA SER C 31 -20.98 13.53 8.18
C SER C 31 -22.10 12.67 8.80
N LYS C 32 -22.42 12.96 10.07
CA LYS C 32 -23.51 12.26 10.77
C LYS C 32 -24.83 12.40 10.00
N GLU C 33 -25.17 13.62 9.59
N GLU C 33 -25.20 13.61 9.58
CA GLU C 33 -26.41 13.88 8.87
CA GLU C 33 -26.46 13.82 8.87
C GLU C 33 -26.45 13.18 7.49
C GLU C 33 -26.46 13.13 7.49
N ALA C 34 -25.36 13.24 6.74
CA ALA C 34 -25.23 12.50 5.48
C ALA C 34 -25.37 10.97 5.65
N SER C 35 -24.72 10.44 6.69
CA SER C 35 -24.86 9.03 7.04
C SER C 35 -26.31 8.65 7.23
N GLY C 36 -27.02 9.45 8.01
CA GLY C 36 -28.46 9.23 8.20
C GLY C 36 -29.26 9.23 6.91
N LEU C 37 -29.02 10.23 6.07
CA LEU C 37 -29.75 10.34 4.82
C LEU C 37 -29.51 9.12 3.91
N VAL C 38 -28.27 8.68 3.82
CA VAL C 38 -27.90 7.54 2.98
C VAL C 38 -28.56 6.26 3.54
N HIS C 39 -28.42 6.04 4.85
CA HIS C 39 -28.94 4.86 5.51
C HIS C 39 -30.46 4.74 5.30
N ARG C 40 -31.16 5.84 5.52
N ARG C 40 -31.18 5.84 5.55
CA ARG C 40 -32.61 5.93 5.44
CA ARG C 40 -32.64 5.91 5.44
C ARG C 40 -33.10 5.80 4.02
C ARG C 40 -33.09 5.77 3.99
N THR C 41 -32.42 6.47 3.09
CA THR C 41 -32.82 6.40 1.68
C THR C 41 -32.61 4.98 1.11
N ARG C 42 -31.52 4.31 1.44
CA ARG C 42 -31.34 2.93 0.99
C ARG C 42 -32.50 2.05 1.47
N GLN C 43 -32.83 2.12 2.74
CA GLN C 43 -33.98 1.41 3.30
C GLN C 43 -35.33 1.76 2.64
N GLU C 44 -35.60 3.04 2.45
CA GLU C 44 -36.81 3.48 1.74
C GLU C 44 -36.84 2.87 0.32
N ILE C 45 -35.69 2.83 -0.37
CA ILE C 45 -35.65 2.27 -1.73
C ILE C 45 -35.87 0.76 -1.68
N SER C 46 -35.28 0.09 -0.69
CA SER C 46 -35.51 -1.33 -0.46
C SER C 46 -37.01 -1.62 -0.31
N ASP C 47 -37.70 -0.81 0.47
CA ASP C 47 -39.15 -0.92 0.61
C ASP C 47 -39.92 -0.79 -0.71
N LEU C 48 -39.46 0.04 -1.63
CA LEU C 48 -40.08 0.13 -2.96
C LEU C 48 -39.79 -1.11 -3.77
N VAL C 49 -38.54 -1.56 -3.75
CA VAL C 49 -38.14 -2.74 -4.53
C VAL C 49 -38.96 -3.97 -4.12
N HIS C 50 -39.23 -4.09 -2.82
CA HIS C 50 -39.96 -5.23 -2.32
C HIS C 50 -41.47 -4.99 -2.14
N GLY C 51 -42.03 -3.89 -2.63
CA GLY C 51 -43.48 -3.74 -2.65
C GLY C 51 -44.14 -3.30 -1.35
N ARG C 52 -43.35 -2.89 -0.36
CA ARG C 52 -43.91 -2.50 0.95
C ARG C 52 -44.41 -1.06 0.95
N ASP C 53 -43.92 -0.24 0.05
CA ASP C 53 -44.30 1.17 -0.07
C ASP C 53 -44.61 1.41 -1.54
N LYS C 54 -45.58 2.27 -1.84
CA LYS C 54 -45.99 2.53 -3.21
C LYS C 54 -45.60 3.92 -3.74
N ARG C 55 -44.74 4.65 -3.03
CA ARG C 55 -44.15 5.85 -3.60
C ARG C 55 -43.34 5.47 -4.85
N LEU C 56 -43.13 6.45 -5.73
CA LEU C 56 -42.39 6.22 -6.97
C LEU C 56 -40.96 6.73 -6.77
N LEU C 57 -39.97 5.86 -6.95
CA LEU C 57 -38.56 6.29 -6.94
C LEU C 57 -38.35 7.12 -8.21
N VAL C 58 -37.82 8.32 -8.08
CA VAL C 58 -37.53 9.14 -9.26
C VAL C 58 -36.05 9.47 -9.30
N ILE C 59 -35.31 8.86 -10.23
CA ILE C 59 -33.87 9.07 -10.41
C ILE C 59 -33.80 10.11 -11.50
N ILE C 60 -33.48 11.33 -11.11
CA ILE C 60 -33.59 12.43 -12.03
C ILE C 60 -32.41 13.41 -11.90
N GLY C 61 -31.90 13.80 -13.05
CA GLY C 61 -30.87 14.84 -13.11
C GLY C 61 -30.07 14.75 -14.38
N PRO C 62 -28.91 15.41 -14.41
CA PRO C 62 -28.12 15.47 -15.62
C PRO C 62 -27.73 14.10 -16.14
N CYS C 63 -27.55 14.00 -17.46
CA CYS C 63 -26.99 12.80 -18.06
C CYS C 63 -25.62 12.54 -17.46
N SER C 64 -24.83 13.59 -17.32
CA SER C 64 -23.54 13.53 -16.67
C SER C 64 -23.26 14.84 -15.96
N ILE C 65 -22.43 14.77 -14.94
CA ILE C 65 -22.01 15.94 -14.19
C ILE C 65 -20.70 16.43 -14.77
N HIS C 66 -20.71 17.62 -15.39
CA HIS C 66 -19.45 18.22 -15.89
C HIS C 66 -19.08 19.49 -15.11
N ASP C 67 -20.03 20.00 -14.35
CA ASP C 67 -19.79 21.16 -13.50
C ASP C 67 -20.47 20.95 -12.15
N PRO C 68 -19.69 20.83 -11.07
CA PRO C 68 -20.31 20.64 -9.76
C PRO C 68 -21.12 21.82 -9.25
N LYS C 69 -20.75 23.03 -9.63
CA LYS C 69 -21.47 24.24 -9.18
C LYS C 69 -22.86 24.23 -9.75
N ALA C 70 -22.99 23.94 -11.05
CA ALA C 70 -24.31 23.79 -11.65
C ALA C 70 -25.08 22.61 -11.06
N ALA C 71 -24.39 21.52 -10.74
CA ALA C 71 -25.04 20.38 -10.07
C ALA C 71 -25.62 20.76 -8.70
N LEU C 72 -24.89 21.54 -7.93
CA LEU C 72 -25.38 21.99 -6.61
C LEU C 72 -26.59 22.94 -6.73
N GLU C 73 -26.60 23.83 -7.71
CA GLU C 73 -27.78 24.68 -7.97
C GLU C 73 -29.02 23.81 -8.37
N TYR C 74 -28.79 22.89 -9.30
CA TYR C 74 -29.83 21.94 -9.70
C TYR C 74 -30.42 21.24 -8.45
N ALA C 75 -29.54 20.78 -7.59
CA ALA C 75 -29.93 20.04 -6.43
C ALA C 75 -30.76 20.91 -5.51
N GLU C 76 -30.39 22.19 -5.38
CA GLU C 76 -31.17 23.08 -4.54
C GLU C 76 -32.61 23.21 -4.99
N ARG C 77 -32.81 23.33 -6.30
CA ARG C 77 -34.16 23.41 -6.85
C ARG C 77 -34.89 22.07 -6.66
N LEU C 78 -34.16 21.00 -6.94
CA LEU C 78 -34.76 19.67 -6.93
C LEU C 78 -35.17 19.34 -5.48
N LEU C 79 -34.36 19.74 -4.50
CA LEU C 79 -34.67 19.51 -3.08
C LEU C 79 -36.05 20.02 -2.68
N LYS C 80 -36.45 21.16 -3.21
CA LYS C 80 -37.74 21.72 -2.85
C LYS C 80 -38.85 20.81 -3.31
N LEU C 81 -38.65 20.16 -4.44
CA LEU C 81 -39.68 19.30 -5.01
C LEU C 81 -39.64 17.91 -4.36
N ARG C 82 -38.43 17.43 -4.05
CA ARG C 82 -38.24 16.27 -3.20
C ARG C 82 -39.12 16.32 -1.94
N LYS C 83 -39.05 17.48 -1.27
CA LYS C 83 -39.83 17.74 -0.06
C LYS C 83 -41.33 17.83 -0.36
N GLN C 84 -41.70 18.69 -1.31
CA GLN C 84 -43.09 18.90 -1.66
C GLN C 84 -43.81 17.60 -1.98
N TYR C 85 -43.14 16.70 -2.70
CA TYR C 85 -43.76 15.47 -3.22
C TYR C 85 -43.42 14.23 -2.42
N GLU C 86 -42.93 14.39 -1.21
CA GLU C 86 -42.35 13.28 -0.44
C GLU C 86 -43.32 12.19 -0.06
N ASN C 87 -44.62 12.47 -0.07
CA ASN C 87 -45.64 11.44 0.20
C ASN C 87 -46.02 10.60 -1.02
N GLU C 88 -45.67 11.06 -2.22
CA GLU C 88 -45.93 10.39 -3.49
C GLU C 88 -44.68 9.92 -4.24
N LEU C 89 -43.61 10.72 -4.19
CA LEU C 89 -42.39 10.36 -4.88
C LEU C 89 -41.20 10.35 -3.92
N LEU C 90 -40.23 9.51 -4.22
CA LEU C 90 -38.97 9.51 -3.53
C LEU C 90 -37.94 10.00 -4.55
N ILE C 91 -37.57 11.28 -4.45
CA ILE C 91 -36.69 11.91 -5.43
C ILE C 91 -35.23 11.79 -5.02
N VAL C 92 -34.41 11.28 -5.93
CA VAL C 92 -32.98 11.07 -5.73
C VAL C 92 -32.29 11.60 -6.96
N MET C 93 -31.24 12.40 -6.77
CA MET C 93 -30.59 13.05 -7.89
C MET C 93 -29.65 12.10 -8.64
N ARG C 94 -29.72 12.20 -9.94
CA ARG C 94 -28.79 11.51 -10.86
C ARG C 94 -27.40 12.18 -10.78
N VAL C 95 -26.38 11.46 -10.31
CA VAL C 95 -25.01 11.98 -10.18
C VAL C 95 -24.04 11.05 -10.91
N TYR C 96 -24.13 11.06 -12.23
CA TYR C 96 -23.34 10.17 -13.07
C TYR C 96 -22.14 10.98 -13.57
N PHE C 97 -20.97 10.37 -13.54
CA PHE C 97 -19.78 11.13 -13.82
C PHE C 97 -19.28 10.99 -15.23
N GLU C 98 -19.72 9.95 -15.95
CA GLU C 98 -19.38 9.79 -17.35
C GLU C 98 -20.45 9.02 -18.12
N LYS C 99 -20.52 9.24 -19.43
CA LYS C 99 -21.42 8.49 -20.27
C LYS C 99 -20.55 7.49 -21.01
N PRO C 100 -20.69 6.17 -20.71
CA PRO C 100 -19.85 5.15 -21.38
C PRO C 100 -19.98 5.17 -22.91
N ARG C 101 -18.99 5.77 -23.57
CA ARG C 101 -19.07 6.12 -24.97
C ARG C 101 -17.90 5.53 -25.75
N THR C 102 -18.23 4.82 -26.83
CA THR C 102 -17.28 4.45 -27.87
C THR C 102 -17.20 5.61 -28.87
N THR C 103 -16.50 6.68 -28.47
CA THR C 103 -16.33 7.87 -29.29
C THR C 103 -15.19 8.70 -28.71
N VAL C 104 -14.37 9.31 -29.57
CA VAL C 104 -13.19 10.00 -29.08
C VAL C 104 -13.67 11.33 -28.54
N GLY C 105 -14.20 11.26 -27.32
CA GLY C 105 -14.86 12.39 -26.66
C GLY C 105 -14.55 12.47 -25.18
N TRP C 106 -15.24 13.39 -24.48
CA TRP C 106 -14.96 13.68 -23.05
C TRP C 106 -15.14 12.42 -22.22
N LYS C 107 -14.15 12.11 -21.40
CA LYS C 107 -14.13 10.88 -20.60
C LYS C 107 -14.79 11.06 -19.23
N GLY C 108 -15.41 12.21 -18.99
CA GLY C 108 -16.20 12.38 -17.78
C GLY C 108 -15.46 13.08 -16.65
N LEU C 109 -16.17 13.36 -15.57
CA LEU C 109 -15.65 14.20 -14.47
C LEU C 109 -14.46 13.56 -13.71
N ILE C 110 -14.50 12.24 -13.55
CA ILE C 110 -13.45 11.55 -12.81
C ILE C 110 -12.16 11.55 -13.65
N ASN C 111 -12.25 11.17 -14.91
CA ASN C 111 -11.08 11.03 -15.74
C ASN C 111 -10.55 12.36 -16.23
N ASP C 112 -11.45 13.27 -16.55
CA ASP C 112 -11.09 14.58 -17.11
C ASP C 112 -11.89 15.72 -16.47
N PRO C 113 -11.60 16.06 -15.22
CA PRO C 113 -12.40 17.04 -14.52
C PRO C 113 -12.24 18.47 -15.04
N HIS C 114 -11.10 18.78 -15.63
CA HIS C 114 -10.86 20.13 -16.16
C HIS C 114 -11.44 20.28 -17.57
N LEU C 115 -12.08 19.24 -18.11
CA LEU C 115 -12.75 19.30 -19.40
C LEU C 115 -11.82 19.68 -20.58
N ASP C 116 -10.52 19.45 -20.40
CA ASP C 116 -9.52 19.86 -21.39
C ASP C 116 -8.61 18.76 -21.94
N GLY C 117 -8.94 17.50 -21.63
CA GLY C 117 -8.09 16.38 -21.96
C GLY C 117 -6.85 16.14 -21.11
N THR C 118 -6.71 16.76 -19.95
CA THR C 118 -5.52 16.53 -19.12
C THR C 118 -5.52 15.27 -18.21
N PHE C 119 -6.66 14.61 -18.08
CA PHE C 119 -6.77 13.37 -17.30
C PHE C 119 -6.28 13.42 -15.86
N ASP C 120 -6.80 14.34 -15.08
CA ASP C 120 -6.34 14.52 -13.72
C ASP C 120 -7.24 13.71 -12.78
N ILE C 121 -6.99 12.42 -12.68
CA ILE C 121 -7.86 11.53 -11.94
C ILE C 121 -7.91 11.73 -10.40
N ASN C 122 -6.78 12.01 -9.77
CA ASN C 122 -6.79 12.34 -8.34
C ASN C 122 -7.78 13.48 -8.09
N PHE C 123 -7.72 14.50 -8.93
CA PHE C 123 -8.57 15.67 -8.78
C PHE C 123 -10.00 15.29 -9.07
N GLY C 124 -10.19 14.47 -10.09
CA GLY C 124 -11.50 14.00 -10.49
C GLY C 124 -12.24 13.20 -9.43
N LEU C 125 -11.54 12.24 -8.84
CA LEU C 125 -12.11 11.44 -7.74
C LEU C 125 -12.40 12.33 -6.54
N ARG C 126 -11.51 13.29 -6.29
CA ARG C 126 -11.72 14.22 -5.19
C ARG C 126 -12.96 15.07 -5.44
N GLN C 127 -13.13 15.56 -6.68
CA GLN C 127 -14.32 16.37 -7.07
C GLN C 127 -15.61 15.60 -6.96
N ALA C 128 -15.60 14.37 -7.45
CA ALA C 128 -16.75 13.47 -7.33
C ALA C 128 -17.19 13.30 -5.86
N ARG C 129 -16.25 12.94 -4.99
CA ARG C 129 -16.59 12.71 -3.58
C ARG C 129 -17.10 13.99 -2.92
N SER C 130 -16.45 15.12 -3.22
CA SER C 130 -16.79 16.36 -2.62
C SER C 130 -18.21 16.76 -3.02
N LEU C 131 -18.51 16.61 -4.30
CA LEU C 131 -19.89 16.91 -4.74
C LEU C 131 -20.90 16.01 -4.02
N LEU C 132 -20.62 14.70 -3.94
CA LEU C 132 -21.55 13.75 -3.34
C LEU C 132 -21.75 14.07 -1.85
N LEU C 133 -20.68 14.49 -1.17
CA LEU C 133 -20.82 14.83 0.24
C LEU C 133 -21.67 16.11 0.38
N SER C 134 -21.43 17.12 -0.45
CA SER C 134 -22.22 18.34 -0.34
C SER C 134 -23.69 18.05 -0.64
N LEU C 135 -23.95 17.17 -1.61
CA LEU C 135 -25.30 16.85 -1.99
C LEU C 135 -26.02 16.26 -0.78
N ASN C 136 -25.45 15.18 -0.22
CA ASN C 136 -26.04 14.57 0.97
C ASN C 136 -26.20 15.56 2.13
N ASN C 137 -25.21 16.42 2.36
CA ASN C 137 -25.31 17.36 3.46
C ASN C 137 -26.44 18.36 3.28
N MET C 138 -26.83 18.66 2.06
CA MET C 138 -27.94 19.59 1.86
C MET C 138 -29.31 18.89 1.92
N GLY C 139 -29.33 17.55 1.94
CA GLY C 139 -30.56 16.77 2.01
C GLY C 139 -30.95 16.06 0.73
N MET C 140 -30.06 16.09 -0.29
CA MET C 140 -30.30 15.44 -1.55
C MET C 140 -29.52 14.17 -1.66
N PRO C 141 -30.20 13.02 -1.61
CA PRO C 141 -29.50 11.77 -1.86
C PRO C 141 -29.04 11.68 -3.30
N ALA C 142 -28.01 10.85 -3.52
CA ALA C 142 -27.34 10.69 -4.77
C ALA C 142 -27.42 9.26 -5.31
N SER C 143 -27.41 9.18 -6.64
CA SER C 143 -27.38 7.94 -7.39
C SER C 143 -26.28 8.04 -8.45
N THR C 144 -25.72 6.89 -8.82
CA THR C 144 -24.67 6.87 -9.82
C THR C 144 -24.57 5.50 -10.49
N GLU C 145 -23.92 5.47 -11.66
CA GLU C 145 -23.60 4.22 -12.29
C GLU C 145 -22.14 3.85 -11.97
N PHE C 146 -21.96 2.60 -11.55
CA PHE C 146 -20.63 2.09 -11.29
C PHE C 146 -20.09 1.34 -12.51
N LEU C 147 -19.02 1.85 -13.10
CA LEU C 147 -18.52 1.34 -14.37
C LEU C 147 -17.41 0.33 -14.22
N ASP C 148 -16.82 0.27 -13.03
CA ASP C 148 -15.68 -0.59 -12.74
C ASP C 148 -15.73 -1.01 -11.26
N MET C 149 -14.74 -1.82 -10.86
CA MET C 149 -14.74 -2.44 -9.56
C MET C 149 -13.91 -1.67 -8.53
N ILE C 150 -13.28 -0.58 -8.95
CA ILE C 150 -12.38 0.18 -8.08
C ILE C 150 -12.97 1.52 -7.64
N THR C 151 -13.56 2.28 -8.55
CA THR C 151 -14.18 3.57 -8.17
C THR C 151 -15.12 3.48 -6.96
N PRO C 152 -15.88 2.37 -6.80
CA PRO C 152 -16.78 2.34 -5.65
C PRO C 152 -16.11 2.53 -4.30
N GLN C 153 -14.83 2.14 -4.17
CA GLN C 153 -14.12 2.31 -2.92
C GLN C 153 -13.91 3.77 -2.54
N TYR C 154 -13.96 4.65 -3.53
CA TYR C 154 -13.74 6.08 -3.29
C TYR C 154 -14.98 6.82 -2.85
N TYR C 155 -16.16 6.45 -3.34
CA TYR C 155 -17.39 7.16 -2.98
C TYR C 155 -18.71 6.40 -2.79
N ALA C 156 -18.72 5.07 -2.83
CA ALA C 156 -19.99 4.32 -2.71
C ALA C 156 -20.66 4.52 -1.38
N ASP C 157 -19.91 4.88 -0.36
CA ASP C 157 -20.51 5.16 0.94
C ASP C 157 -21.52 6.34 0.88
N LEU C 158 -21.45 7.15 -0.19
CA LEU C 158 -22.34 8.31 -0.31
C LEU C 158 -23.49 8.05 -1.27
N ILE C 159 -23.62 6.82 -1.75
CA ILE C 159 -24.56 6.49 -2.81
C ILE C 159 -25.74 5.72 -2.28
N SER C 160 -26.94 6.27 -2.52
CA SER C 160 -28.23 5.66 -2.06
C SER C 160 -28.88 4.65 -3.05
N TRP C 161 -28.51 4.75 -4.32
CA TRP C 161 -29.00 3.86 -5.38
C TRP C 161 -27.95 3.84 -6.47
N GLY C 162 -27.65 2.63 -6.93
CA GLY C 162 -26.66 2.38 -7.98
C GLY C 162 -27.20 1.70 -9.22
N ALA C 163 -26.60 2.03 -10.35
CA ALA C 163 -26.98 1.46 -11.61
C ALA C 163 -25.83 0.65 -12.17
N ILE C 164 -26.22 -0.44 -12.81
CA ILE C 164 -25.32 -1.17 -13.73
C ILE C 164 -25.98 -1.02 -15.09
N GLY C 165 -25.25 -0.41 -16.02
CA GLY C 165 -25.78 -0.15 -17.37
C GLY C 165 -26.01 -1.37 -18.29
N ALA C 166 -26.68 -1.09 -19.40
CA ALA C 166 -27.05 -2.10 -20.40
C ALA C 166 -25.85 -2.88 -20.92
N ARG C 167 -24.70 -2.21 -21.03
CA ARG C 167 -23.52 -2.87 -21.60
C ARG C 167 -22.71 -3.73 -20.63
N THR C 168 -23.04 -3.65 -19.34
CA THR C 168 -22.33 -4.39 -18.30
C THR C 168 -23.22 -5.31 -17.48
N THR C 169 -24.54 -5.30 -17.72
CA THR C 169 -25.47 -6.04 -16.88
C THR C 169 -25.18 -7.54 -17.01
N GLU C 170 -24.69 -7.98 -18.16
CA GLU C 170 -24.39 -9.39 -18.40
C GLU C 170 -23.04 -9.81 -17.84
N SER C 171 -22.16 -8.84 -17.58
CA SER C 171 -20.80 -9.11 -17.10
C SER C 171 -20.77 -9.83 -15.76
N GLN C 172 -20.02 -10.94 -15.67
CA GLN C 172 -19.95 -11.70 -14.43
C GLN C 172 -19.37 -10.85 -13.31
N VAL C 173 -18.30 -10.10 -13.62
CA VAL C 173 -17.62 -9.30 -12.63
C VAL C 173 -18.47 -8.10 -12.16
N HIS C 174 -19.19 -7.45 -13.05
CA HIS C 174 -20.15 -6.40 -12.62
C HIS C 174 -21.31 -6.92 -11.80
N ARG C 175 -21.83 -8.10 -12.13
CA ARG C 175 -22.79 -8.75 -11.27
C ARG C 175 -22.20 -9.01 -9.85
N ALA C 176 -20.95 -9.47 -9.79
CA ALA C 176 -20.28 -9.70 -8.50
C ALA C 176 -20.12 -8.40 -7.73
N LEU C 177 -19.75 -7.31 -8.41
CA LEU C 177 -19.70 -6.02 -7.76
C LEU C 177 -21.05 -5.66 -7.14
N ALA C 178 -22.12 -5.78 -7.90
CA ALA C 178 -23.46 -5.43 -7.41
C ALA C 178 -23.87 -6.22 -6.14
N SER C 179 -23.42 -7.46 -6.04
CA SER C 179 -23.70 -8.33 -4.92
C SER C 179 -23.04 -7.86 -3.64
N GLY C 180 -22.07 -6.93 -3.78
CA GLY C 180 -21.46 -6.32 -2.62
C GLY C 180 -21.63 -4.81 -2.49
N LEU C 181 -22.52 -4.20 -3.28
CA LEU C 181 -22.71 -2.75 -3.17
C LEU C 181 -23.63 -2.49 -2.00
N SER C 182 -23.33 -1.44 -1.23
CA SER C 182 -24.10 -1.15 -0.01
C SER C 182 -25.50 -0.63 -0.38
N CYS C 183 -25.66 -0.09 -1.59
CA CYS C 183 -26.94 0.47 -2.01
C CYS C 183 -27.76 -0.56 -2.77
N PRO C 184 -29.09 -0.34 -2.91
CA PRO C 184 -29.90 -1.04 -3.90
C PRO C 184 -29.36 -0.83 -5.33
N VAL C 185 -29.59 -1.78 -6.22
CA VAL C 185 -29.00 -1.72 -7.56
C VAL C 185 -30.05 -2.00 -8.61
N GLY C 186 -30.13 -1.14 -9.62
CA GLY C 186 -30.91 -1.40 -10.83
C GLY C 186 -30.02 -1.88 -11.96
N PHE C 187 -30.42 -2.99 -12.61
CA PHE C 187 -29.82 -3.48 -13.82
C PHE C 187 -30.66 -3.14 -15.06
N LYS C 188 -30.03 -2.54 -16.07
CA LYS C 188 -30.74 -2.23 -17.30
C LYS C 188 -30.85 -3.46 -18.22
N ASN C 189 -31.90 -3.48 -19.01
CA ASN C 189 -32.07 -4.49 -20.04
C ASN C 189 -31.03 -4.23 -21.11
N GLY C 190 -30.80 -5.23 -21.94
CA GLY C 190 -29.76 -5.14 -22.95
C GLY C 190 -30.02 -4.08 -23.98
N THR C 191 -28.95 -3.67 -24.66
CA THR C 191 -29.02 -2.65 -25.72
C THR C 191 -29.97 -3.03 -26.87
N ASP C 192 -30.17 -4.32 -27.08
CA ASP C 192 -31.16 -4.83 -28.04
C ASP C 192 -32.59 -5.03 -27.48
N GLY C 193 -32.80 -4.83 -26.19
CA GLY C 193 -34.11 -5.06 -25.55
C GLY C 193 -34.18 -6.28 -24.64
N ASN C 194 -33.13 -7.10 -24.64
CA ASN C 194 -33.10 -8.36 -23.91
C ASN C 194 -33.32 -8.14 -22.43
N LEU C 195 -34.37 -8.69 -21.87
CA LEU C 195 -34.61 -8.55 -20.42
C LEU C 195 -33.93 -9.64 -19.58
N LYS C 196 -33.73 -10.81 -20.18
CA LYS C 196 -33.19 -11.94 -19.47
C LYS C 196 -31.84 -11.61 -18.78
N ILE C 197 -30.94 -10.88 -19.46
CA ILE C 197 -29.70 -10.49 -18.80
C ILE C 197 -29.91 -9.76 -17.46
N ALA C 198 -30.95 -8.95 -17.36
CA ALA C 198 -31.17 -8.19 -16.15
C ALA C 198 -31.84 -9.05 -15.09
N ILE C 199 -32.75 -9.91 -15.52
CA ILE C 199 -33.38 -10.88 -14.63
C ILE C 199 -32.35 -11.85 -14.04
N ASP C 200 -31.46 -12.36 -14.90
CA ASP C 200 -30.36 -13.21 -14.45
C ASP C 200 -29.44 -12.46 -13.51
N ALA C 201 -29.15 -11.19 -13.81
CA ALA C 201 -28.34 -10.38 -12.94
C ALA C 201 -28.90 -10.24 -11.48
N ILE C 202 -30.20 -10.05 -11.33
CA ILE C 202 -30.80 -9.94 -10.00
C ILE C 202 -30.53 -11.23 -9.21
N GLY C 203 -30.78 -12.37 -9.83
CA GLY C 203 -30.53 -13.65 -9.17
C GLY C 203 -29.07 -13.79 -8.76
N ALA C 204 -28.17 -13.59 -9.71
CA ALA C 204 -26.75 -13.66 -9.44
C ALA C 204 -26.29 -12.72 -8.32
N ALA C 205 -26.71 -11.47 -8.38
CA ALA C 205 -26.28 -10.48 -7.41
C ALA C 205 -26.84 -10.73 -6.01
N SER C 206 -27.88 -11.53 -5.90
CA SER C 206 -28.38 -11.92 -4.57
C SER C 206 -27.44 -12.86 -3.80
N HIS C 207 -26.47 -13.45 -4.47
CA HIS C 207 -25.59 -14.42 -3.80
C HIS C 207 -24.23 -13.83 -3.56
N SER C 208 -23.50 -14.54 -2.69
CA SER C 208 -22.13 -14.22 -2.36
C SER C 208 -21.23 -14.44 -3.60
N HIS C 209 -20.32 -13.50 -3.86
CA HIS C 209 -19.30 -13.64 -4.90
C HIS C 209 -17.95 -13.17 -4.37
N HIS C 210 -16.90 -13.44 -5.16
CA HIS C 210 -15.59 -12.87 -4.93
C HIS C 210 -15.22 -12.08 -6.17
N PHE C 211 -14.47 -10.99 -5.99
CA PHE C 211 -13.93 -10.22 -7.10
C PHE C 211 -12.74 -9.39 -6.64
N LEU C 212 -11.93 -8.99 -7.59
CA LEU C 212 -10.69 -8.30 -7.28
C LEU C 212 -10.94 -6.80 -7.29
N SER C 213 -10.30 -6.13 -6.35
CA SER C 213 -10.43 -4.70 -6.17
C SER C 213 -9.28 -4.28 -5.31
N VAL C 214 -9.40 -3.09 -4.73
CA VAL C 214 -8.41 -2.58 -3.80
C VAL C 214 -9.01 -2.34 -2.42
N THR C 215 -8.18 -2.39 -1.40
CA THR C 215 -8.53 -2.01 -0.03
C THR C 215 -8.71 -0.47 0.03
N LYS C 216 -9.16 0.02 1.17
CA LYS C 216 -9.31 1.45 1.38
C LYS C 216 -7.94 2.11 1.36
N ALA C 217 -6.93 1.36 1.83
CA ALA C 217 -5.56 1.80 1.74
C ALA C 217 -4.96 1.73 0.31
N GLY C 218 -5.72 1.16 -0.63
CA GLY C 218 -5.33 1.16 -2.06
C GLY C 218 -4.56 -0.07 -2.55
N HIS C 219 -4.49 -1.12 -1.74
N HIS C 219 -4.47 -1.11 -1.71
CA HIS C 219 -3.71 -2.32 -2.08
CA HIS C 219 -3.71 -2.34 -2.02
C HIS C 219 -4.60 -3.35 -2.77
C HIS C 219 -4.60 -3.33 -2.77
N SER C 220 -4.02 -4.06 -3.73
CA SER C 220 -4.70 -5.12 -4.43
C SER C 220 -5.30 -6.09 -3.45
N ALA C 221 -6.54 -6.48 -3.71
CA ALA C 221 -7.38 -7.15 -2.73
C ALA C 221 -8.37 -8.11 -3.39
N ILE C 222 -8.81 -9.07 -2.60
CA ILE C 222 -9.89 -9.96 -2.97
C ILE C 222 -11.08 -9.58 -2.11
N VAL C 223 -12.23 -9.40 -2.73
CA VAL C 223 -13.42 -8.92 -2.03
C VAL C 223 -14.43 -10.06 -2.00
N HIS C 224 -14.94 -10.35 -0.80
CA HIS C 224 -15.89 -11.42 -0.59
C HIS C 224 -17.20 -10.79 -0.14
N THR C 225 -18.22 -10.90 -0.98
CA THR C 225 -19.50 -10.20 -0.77
C THR C 225 -20.51 -11.05 -0.06
N GLY C 226 -21.55 -10.38 0.47
CA GLY C 226 -22.61 -11.04 1.17
C GLY C 226 -23.84 -11.26 0.33
N GLY C 227 -23.89 -10.68 -0.86
CA GLY C 227 -25.10 -10.70 -1.67
C GLY C 227 -25.99 -9.50 -1.42
N ASN C 228 -26.72 -9.12 -2.47
CA ASN C 228 -27.52 -7.90 -2.50
C ASN C 228 -28.98 -8.25 -2.77
N PRO C 229 -29.83 -8.17 -1.74
CA PRO C 229 -31.24 -8.56 -1.90
C PRO C 229 -32.11 -7.44 -2.52
N ASP C 230 -31.53 -6.28 -2.82
CA ASP C 230 -32.33 -5.14 -3.23
C ASP C 230 -32.05 -4.77 -4.67
N CYS C 231 -32.10 -5.75 -5.57
CA CYS C 231 -31.87 -5.45 -6.98
C CYS C 231 -33.20 -5.53 -7.80
N HIS C 232 -33.28 -4.74 -8.85
CA HIS C 232 -34.48 -4.74 -9.72
C HIS C 232 -34.04 -4.41 -11.14
N VAL C 233 -34.95 -4.55 -12.11
CA VAL C 233 -34.60 -4.23 -13.48
C VAL C 233 -35.01 -2.80 -13.88
N ILE C 234 -34.42 -2.32 -14.96
CA ILE C 234 -34.76 -1.03 -15.52
C ILE C 234 -35.08 -1.26 -17.00
N LEU C 235 -36.27 -0.85 -17.44
CA LEU C 235 -36.63 -0.92 -18.84
C LEU C 235 -36.14 0.38 -19.50
N ARG C 236 -35.18 0.27 -20.42
CA ARG C 236 -34.61 1.43 -21.10
C ARG C 236 -34.78 1.46 -22.63
N GLY C 237 -35.61 0.57 -23.15
CA GLY C 237 -35.84 0.41 -24.59
C GLY C 237 -34.89 -0.56 -25.25
N GLY C 238 -35.20 -0.91 -26.49
CA GLY C 238 -34.32 -1.73 -27.34
C GLY C 238 -34.44 -1.31 -28.78
N LYS C 239 -34.67 -2.27 -29.67
CA LYS C 239 -35.07 -1.99 -31.06
C LYS C 239 -36.26 -1.04 -31.05
N GLU C 240 -37.20 -1.28 -30.13
CA GLU C 240 -38.34 -0.39 -29.95
C GLU C 240 -38.38 -0.04 -28.47
N PRO C 241 -39.11 1.01 -28.09
CA PRO C 241 -39.29 1.38 -26.69
C PRO C 241 -40.07 0.31 -25.93
N ASN C 242 -39.83 0.20 -24.63
CA ASN C 242 -40.50 -0.81 -23.80
C ASN C 242 -41.14 -0.27 -22.52
N TYR C 243 -41.65 0.95 -22.59
CA TYR C 243 -42.19 1.65 -21.44
C TYR C 243 -43.71 1.49 -21.26
N ASP C 244 -44.43 1.11 -22.32
CA ASP C 244 -45.92 1.05 -22.26
C ASP C 244 -46.43 -0.14 -21.46
N ALA C 245 -47.73 -0.14 -21.19
CA ALA C 245 -48.38 -1.16 -20.36
C ALA C 245 -48.17 -2.62 -20.81
N GLU C 246 -48.16 -2.88 -22.11
CA GLU C 246 -48.02 -4.24 -22.64
C GLU C 246 -46.59 -4.72 -22.42
N HIS C 247 -45.61 -3.83 -22.51
CA HIS C 247 -44.23 -4.20 -22.24
C HIS C 247 -43.98 -4.35 -20.75
N VAL C 248 -44.58 -3.48 -19.95
CA VAL C 248 -44.48 -3.59 -18.49
C VAL C 248 -45.10 -4.92 -18.04
N SER C 249 -46.24 -5.26 -18.62
CA SER C 249 -46.92 -6.52 -18.26
C SER C 249 -46.09 -7.73 -18.69
N GLU C 250 -45.52 -7.72 -19.90
CA GLU C 250 -44.65 -8.83 -20.33
C GLU C 250 -43.42 -8.94 -19.41
N ALA C 251 -42.80 -7.80 -19.08
CA ALA C 251 -41.63 -7.84 -18.20
C ALA C 251 -42.01 -8.38 -16.82
N ALA C 252 -43.13 -7.91 -16.29
CA ALA C 252 -43.59 -8.35 -14.97
C ALA C 252 -43.88 -9.87 -14.93
N GLU C 253 -44.45 -10.43 -16.01
CA GLU C 253 -44.69 -11.91 -16.11
C GLU C 253 -43.34 -12.62 -15.97
N GLN C 254 -42.36 -12.14 -16.73
CA GLN C 254 -41.04 -12.77 -16.76
C GLN C 254 -40.33 -12.68 -15.43
N LEU C 255 -40.43 -11.56 -14.74
CA LEU C 255 -39.85 -11.42 -13.40
C LEU C 255 -40.48 -12.44 -12.43
N ARG C 256 -41.80 -12.57 -12.45
CA ARG C 256 -42.44 -13.50 -11.54
C ARG C 256 -42.06 -14.93 -11.89
N ALA C 257 -41.97 -15.25 -13.18
CA ALA C 257 -41.62 -16.60 -13.58
C ALA C 257 -40.21 -16.96 -13.10
N ALA C 258 -39.32 -15.96 -13.04
CA ALA C 258 -37.97 -16.17 -12.56
C ALA C 258 -37.88 -16.18 -11.02
N GLY C 259 -38.98 -15.92 -10.34
CA GLY C 259 -38.91 -15.88 -8.86
C GLY C 259 -38.18 -14.68 -8.27
N VAL C 260 -38.10 -13.58 -9.01
CA VAL C 260 -37.53 -12.34 -8.46
C VAL C 260 -38.56 -11.20 -8.42
N THR C 261 -38.17 -10.08 -7.79
CA THR C 261 -39.11 -8.99 -7.64
C THR C 261 -39.68 -8.53 -8.97
N ASP C 262 -41.00 -8.40 -9.03
CA ASP C 262 -41.68 -7.94 -10.25
C ASP C 262 -42.01 -6.44 -10.21
N LYS C 263 -41.31 -5.72 -9.35
CA LYS C 263 -41.36 -4.25 -9.30
C LYS C 263 -40.17 -3.71 -10.08
N LEU C 264 -40.45 -2.84 -11.07
CA LEU C 264 -39.42 -2.41 -12.00
C LEU C 264 -39.40 -0.90 -12.16
N MET C 265 -38.31 -0.40 -12.75
CA MET C 265 -38.13 1.03 -13.01
C MET C 265 -38.11 1.23 -14.54
N ILE C 266 -38.64 2.36 -15.00
CA ILE C 266 -38.67 2.69 -16.44
C ILE C 266 -37.86 3.96 -16.71
N ASP C 267 -36.93 3.85 -17.63
CA ASP C 267 -36.15 5.00 -18.07
C ASP C 267 -36.95 5.73 -19.15
N CYS C 268 -37.23 7.02 -18.92
CA CYS C 268 -37.95 7.85 -19.91
C CYS C 268 -37.06 8.36 -21.02
N SER C 269 -35.76 8.18 -20.86
CA SER C 269 -34.75 8.69 -21.76
C SER C 269 -34.08 7.60 -22.61
N HIS C 270 -32.89 7.88 -23.12
CA HIS C 270 -32.12 6.91 -23.89
C HIS C 270 -32.99 6.21 -24.95
N ALA C 271 -33.04 4.88 -25.02
CA ALA C 271 -33.76 4.21 -26.12
C ALA C 271 -35.28 4.23 -26.00
N ASN C 272 -35.79 4.66 -24.85
CA ASN C 272 -37.22 4.83 -24.71
C ASN C 272 -37.72 6.14 -25.27
N SER C 273 -36.86 7.17 -25.29
CA SER C 273 -37.14 8.42 -25.98
C SER C 273 -36.55 8.43 -27.38
N ARG C 274 -35.93 7.32 -27.77
CA ARG C 274 -35.13 7.19 -29.00
C ARG C 274 -34.20 8.40 -29.16
N LYS C 275 -33.60 8.82 -28.05
CA LYS C 275 -32.60 9.87 -28.01
C LYS C 275 -33.13 11.29 -28.33
N ASP C 276 -34.43 11.48 -28.20
CA ASP C 276 -35.06 12.78 -28.30
C ASP C 276 -35.60 13.24 -26.93
N TYR C 277 -34.89 14.19 -26.30
CA TYR C 277 -35.25 14.67 -24.93
C TYR C 277 -36.66 15.19 -24.84
N THR C 278 -37.21 15.69 -25.95
CA THR C 278 -38.57 16.17 -25.95
C THR C 278 -39.61 15.06 -25.78
N ARG C 279 -39.22 13.80 -25.95
N ARG C 279 -39.20 13.81 -25.95
CA ARG C 279 -40.16 12.69 -25.81
CA ARG C 279 -40.11 12.67 -25.82
C ARG C 279 -40.22 12.10 -24.39
C ARG C 279 -40.24 12.13 -24.39
N GLN C 280 -39.32 12.53 -23.49
CA GLN C 280 -39.35 12.05 -22.10
C GLN C 280 -40.66 12.39 -21.44
N MET C 281 -41.17 13.60 -21.69
CA MET C 281 -42.50 13.99 -21.20
C MET C 281 -43.63 13.09 -21.72
N GLU C 282 -43.56 12.69 -22.99
CA GLU C 282 -44.53 11.74 -23.55
C GLU C 282 -44.43 10.38 -22.86
N VAL C 283 -43.23 9.94 -22.56
CA VAL C 283 -43.07 8.67 -21.84
C VAL C 283 -43.65 8.81 -20.42
N ALA C 284 -43.34 9.92 -19.77
CA ALA C 284 -43.84 10.15 -18.40
C ALA C 284 -45.37 10.23 -18.36
N GLN C 285 -45.98 10.78 -19.42
CA GLN C 285 -47.45 10.81 -19.50
C GLN C 285 -48.04 9.42 -19.67
N ASP C 286 -47.38 8.58 -20.45
CA ASP C 286 -47.87 7.21 -20.61
C ASP C 286 -47.77 6.46 -19.30
N ILE C 287 -46.68 6.71 -18.57
CA ILE C 287 -46.48 6.12 -17.27
C ILE C 287 -47.50 6.62 -16.25
N ALA C 288 -47.78 7.92 -16.25
CA ALA C 288 -48.82 8.48 -15.39
C ALA C 288 -50.17 7.84 -15.67
N ALA C 289 -50.54 7.71 -16.95
CA ALA C 289 -51.78 7.03 -17.30
C ALA C 289 -51.79 5.60 -16.74
N GLN C 290 -50.66 4.89 -16.80
CA GLN C 290 -50.58 3.52 -16.23
C GLN C 290 -50.81 3.54 -14.71
N LEU C 291 -50.24 4.52 -14.01
CA LEU C 291 -50.38 4.64 -12.58
C LEU C 291 -51.82 5.00 -12.19
N GLU C 292 -52.48 5.74 -13.05
CA GLU C 292 -53.90 6.08 -12.87
C GLU C 292 -54.82 4.87 -13.04
N GLN C 293 -54.56 4.00 -14.03
CA GLN C 293 -55.38 2.83 -14.27
C GLN C 293 -55.02 1.70 -13.31
N ASP C 294 -53.73 1.41 -13.15
CA ASP C 294 -53.28 0.32 -12.29
C ASP C 294 -51.80 0.53 -11.91
N GLY C 295 -50.89 0.16 -12.81
CA GLY C 295 -49.47 0.48 -12.64
C GLY C 295 -48.77 -0.22 -11.49
N GLY C 296 -49.33 -1.34 -11.02
CA GLY C 296 -48.89 -2.00 -9.80
C GLY C 296 -47.44 -2.51 -9.83
N ASN C 297 -46.91 -2.78 -11.02
CA ASN C 297 -45.53 -3.26 -11.11
C ASN C 297 -44.48 -2.16 -11.23
N ILE C 298 -44.89 -0.89 -11.29
CA ILE C 298 -43.94 0.19 -11.48
C ILE C 298 -43.49 0.68 -10.10
N MET C 299 -42.18 0.67 -9.86
CA MET C 299 -41.65 1.23 -8.61
C MET C 299 -40.80 2.44 -8.85
N GLY C 300 -40.52 2.80 -10.09
CA GLY C 300 -39.63 3.92 -10.31
C GLY C 300 -39.49 4.36 -11.73
N VAL C 301 -38.92 5.56 -11.90
CA VAL C 301 -38.61 6.09 -13.22
C VAL C 301 -37.28 6.83 -13.22
N MET C 302 -36.66 6.97 -14.39
CA MET C 302 -35.48 7.74 -14.55
C MET C 302 -35.71 8.81 -15.59
N VAL C 303 -35.08 9.96 -15.37
CA VAL C 303 -35.30 11.16 -16.23
C VAL C 303 -34.01 11.93 -16.37
N GLU C 304 -33.68 12.33 -17.59
CA GLU C 304 -32.50 13.12 -17.84
C GLU C 304 -32.90 14.60 -17.91
N SER C 305 -32.48 15.35 -16.88
CA SER C 305 -32.98 16.68 -16.58
C SER C 305 -31.82 17.58 -16.14
N HIS C 306 -31.82 18.84 -16.54
CA HIS C 306 -30.80 19.80 -16.10
C HIS C 306 -31.48 21.20 -15.94
N LEU C 307 -30.69 22.20 -15.59
CA LEU C 307 -31.18 23.58 -15.51
C LEU C 307 -31.68 24.04 -16.87
N VAL C 308 -30.88 23.82 -17.91
CA VAL C 308 -31.17 24.30 -19.26
C VAL C 308 -31.30 23.11 -20.19
N GLU C 309 -32.30 23.14 -21.05
CA GLU C 309 -32.64 22.02 -21.93
C GLU C 309 -31.64 21.80 -23.06
N GLY C 310 -31.64 20.59 -23.60
CA GLY C 310 -30.85 20.30 -24.78
C GLY C 310 -29.44 19.82 -24.47
N ARG C 311 -28.54 20.02 -25.42
CA ARG C 311 -27.12 19.67 -25.25
C ARG C 311 -26.23 20.62 -26.03
N GLN C 312 -24.92 20.58 -25.76
CA GLN C 312 -23.93 21.42 -26.42
C GLN C 312 -22.62 20.61 -26.43
N ASP C 313 -21.76 20.83 -27.43
CA ASP C 313 -20.51 20.05 -27.51
C ASP C 313 -19.47 20.57 -26.55
N LYS C 314 -19.41 21.88 -26.37
CA LYS C 314 -18.49 22.51 -25.42
C LYS C 314 -19.31 23.07 -24.26
N PRO C 315 -18.70 23.17 -23.06
CA PRO C 315 -19.45 23.63 -21.91
C PRO C 315 -19.50 25.15 -21.85
N GLU C 316 -20.24 25.77 -22.77
CA GLU C 316 -20.30 27.21 -22.91
C GLU C 316 -21.47 27.73 -22.09
N VAL C 317 -22.65 27.12 -22.25
CA VAL C 317 -23.81 27.54 -21.51
C VAL C 317 -23.83 26.84 -20.16
N TYR C 318 -24.08 27.63 -19.11
CA TYR C 318 -24.14 27.11 -17.75
C TYR C 318 -25.38 26.25 -17.54
N GLY C 319 -25.19 25.08 -16.94
CA GLY C 319 -26.32 24.24 -16.60
C GLY C 319 -26.96 23.52 -17.79
N LYS C 320 -26.17 23.28 -18.84
CA LYS C 320 -26.60 22.59 -20.05
C LYS C 320 -25.66 21.43 -20.40
N SER C 321 -26.23 20.24 -20.60
CA SER C 321 -25.50 19.01 -20.82
C SER C 321 -24.48 19.04 -21.98
N ILE C 322 -23.34 18.40 -21.77
CA ILE C 322 -22.39 18.17 -22.84
C ILE C 322 -22.41 16.72 -23.26
N THR C 323 -23.28 15.91 -22.66
CA THR C 323 -23.47 14.55 -23.13
C THR C 323 -24.87 14.46 -23.68
N ASP C 324 -25.70 13.50 -23.24
CA ASP C 324 -27.06 13.35 -23.78
C ASP C 324 -27.90 14.59 -23.47
N ALA C 325 -28.78 14.97 -24.40
CA ALA C 325 -29.67 16.11 -24.22
C ALA C 325 -30.68 15.84 -23.11
N CYS C 326 -30.97 16.86 -22.33
CA CYS C 326 -31.84 16.75 -21.16
C CYS C 326 -33.04 17.72 -21.32
N ILE C 327 -34.15 17.42 -20.64
CA ILE C 327 -35.19 18.44 -20.46
C ILE C 327 -34.66 19.55 -19.52
N GLY C 328 -35.19 20.76 -19.67
CA GLY C 328 -34.80 21.88 -18.81
C GLY C 328 -35.60 21.94 -17.51
N TRP C 329 -35.36 22.99 -16.71
CA TRP C 329 -35.97 23.06 -15.39
C TRP C 329 -37.51 23.19 -15.41
N GLY C 330 -38.04 24.07 -16.25
CA GLY C 330 -39.50 24.25 -16.37
C GLY C 330 -40.22 22.92 -16.68
N ALA C 331 -39.70 22.20 -17.67
CA ALA C 331 -40.28 20.90 -18.07
C ALA C 331 -40.13 19.87 -16.96
N THR C 332 -39.04 19.97 -16.22
CA THR C 332 -38.82 19.16 -15.03
C THR C 332 -39.91 19.38 -13.96
N GLU C 333 -40.24 20.62 -13.70
CA GLU C 333 -41.36 20.94 -12.78
C GLU C 333 -42.66 20.32 -13.26
N GLU C 334 -42.94 20.42 -14.56
CA GLU C 334 -44.19 19.87 -15.10
C GLU C 334 -44.19 18.34 -15.02
N LEU C 335 -43.05 17.75 -15.36
CA LEU C 335 -42.96 16.28 -15.35
C LEU C 335 -43.14 15.70 -13.95
N LEU C 336 -42.47 16.30 -12.98
CA LEU C 336 -42.60 15.86 -11.59
C LEU C 336 -44.00 16.10 -11.04
N ALA C 337 -44.60 17.24 -11.37
CA ALA C 337 -45.99 17.50 -10.98
C ALA C 337 -46.97 16.44 -11.51
N LEU C 338 -46.77 16.05 -12.76
CA LEU C 338 -47.57 15.02 -13.38
C LEU C 338 -47.46 13.65 -12.70
N LEU C 339 -46.23 13.20 -12.46
CA LEU C 339 -46.06 11.89 -11.82
C LEU C 339 -46.54 11.91 -10.39
N ALA C 340 -46.30 13.00 -9.67
CA ALA C 340 -46.78 13.08 -8.28
C ALA C 340 -48.29 12.97 -8.24
N GLY C 341 -48.96 13.68 -9.14
CA GLY C 341 -50.43 13.68 -9.16
C GLY C 341 -51.00 12.28 -9.50
N ALA C 342 -50.42 11.62 -10.50
CA ALA C 342 -50.86 10.28 -10.90
C ALA C 342 -50.58 9.23 -9.81
N ASN C 343 -49.41 9.31 -9.19
CA ASN C 343 -49.09 8.36 -8.14
C ASN C 343 -49.85 8.60 -6.85
N LYS C 344 -50.20 9.85 -6.58
CA LYS C 344 -51.12 10.15 -5.49
C LYS C 344 -52.39 9.33 -5.62
N LYS C 345 -52.92 9.21 -6.82
CA LYS C 345 -54.12 8.38 -7.03
C LYS C 345 -53.86 6.91 -6.87
N ARG C 346 -52.78 6.42 -7.44
CA ARG C 346 -52.44 5.01 -7.29
C ARG C 346 -52.41 4.71 -5.80
N MET C 347 -51.72 5.54 -5.02
CA MET C 347 -51.57 5.28 -3.57
C MET C 347 -52.87 5.32 -2.78
N ALA C 348 -53.82 6.13 -3.23
CA ALA C 348 -55.15 6.23 -2.60
C ALA C 348 -56.07 5.01 -2.76
N ARG C 349 -55.91 4.24 -3.83
CA ARG C 349 -56.69 3.02 -4.03
C ARG C 349 -56.42 2.03 -2.93
N HIS D 4 -23.25 8.09 13.99
CA HIS D 4 -23.11 7.78 12.55
C HIS D 4 -23.76 6.46 12.20
N TYR D 5 -24.71 6.50 11.27
CA TYR D 5 -25.12 5.26 10.62
C TYR D 5 -24.02 4.72 9.72
N PRO D 6 -23.79 3.41 9.75
CA PRO D 6 -22.85 2.84 8.83
C PRO D 6 -23.38 2.91 7.41
N THR D 7 -22.50 3.24 6.46
CA THR D 7 -22.85 3.26 5.04
C THR D 7 -21.81 2.58 4.11
N ASP D 8 -20.71 2.09 4.68
CA ASP D 8 -19.59 1.54 3.95
C ASP D 8 -19.50 0.02 4.18
N ASP D 9 -19.36 -0.71 3.11
CA ASP D 9 -19.10 -2.15 3.18
C ASP D 9 -20.20 -2.94 3.91
N ILE D 10 -21.42 -2.45 3.79
CA ILE D 10 -22.57 -3.08 4.43
C ILE D 10 -22.77 -4.52 4.00
N LYS D 11 -22.54 -4.82 2.72
CA LYS D 11 -22.80 -6.13 2.18
C LYS D 11 -21.52 -6.86 1.80
N ILE D 12 -20.48 -6.64 2.57
CA ILE D 12 -19.17 -7.23 2.33
C ILE D 12 -18.83 -8.09 3.53
N LYS D 13 -18.45 -9.35 3.29
CA LYS D 13 -18.03 -10.22 4.38
C LYS D 13 -16.60 -9.97 4.73
N GLU D 14 -15.74 -9.81 3.72
CA GLU D 14 -14.34 -9.59 3.97
C GLU D 14 -13.64 -8.97 2.76
N VAL D 15 -12.71 -8.06 3.04
CA VAL D 15 -11.77 -7.58 2.06
C VAL D 15 -10.37 -8.00 2.54
N LYS D 16 -9.63 -8.73 1.71
CA LYS D 16 -8.33 -9.27 2.08
C LYS D 16 -7.27 -8.83 1.06
N GLU D 17 -6.13 -8.39 1.56
CA GLU D 17 -5.01 -8.04 0.69
C GLU D 17 -4.45 -9.22 -0.04
N LEU D 18 -4.10 -9.00 -1.30
CA LEU D 18 -3.39 -9.98 -2.10
C LEU D 18 -1.96 -9.58 -2.20
N LEU D 19 -1.08 -10.56 -2.41
CA LEU D 19 0.29 -10.21 -2.73
C LEU D 19 0.28 -9.40 -4.03
N PRO D 20 1.14 -8.40 -4.11
CA PRO D 20 1.14 -7.60 -5.34
C PRO D 20 1.76 -8.40 -6.49
N PRO D 21 1.50 -8.00 -7.73
CA PRO D 21 2.13 -8.63 -8.89
C PRO D 21 3.63 -8.85 -8.74
N ILE D 22 4.32 -7.83 -8.22
CA ILE D 22 5.76 -7.86 -8.10
C ILE D 22 6.28 -8.98 -7.21
N ALA D 23 5.53 -9.39 -6.18
CA ALA D 23 5.96 -10.55 -5.38
C ALA D 23 6.04 -11.83 -6.24
N HIS D 24 5.05 -12.05 -7.10
CA HIS D 24 5.08 -13.20 -8.04
C HIS D 24 6.15 -13.04 -9.11
N LEU D 25 6.27 -11.83 -9.63
CA LEU D 25 7.29 -11.56 -10.66
C LEU D 25 8.72 -11.71 -10.16
N TYR D 26 8.93 -11.43 -8.89
CA TYR D 26 10.22 -11.60 -8.24
C TYR D 26 10.53 -13.09 -8.15
N GLU D 27 9.57 -13.88 -7.68
CA GLU D 27 9.77 -15.34 -7.60
C GLU D 27 9.89 -16.04 -8.97
N LEU D 28 9.17 -15.54 -9.98
CA LEU D 28 9.08 -16.22 -11.25
C LEU D 28 9.25 -15.20 -12.41
N PRO D 29 10.47 -14.63 -12.55
CA PRO D 29 10.69 -13.71 -13.67
C PRO D 29 10.57 -14.43 -15.02
N ILE D 30 10.12 -13.72 -16.04
CA ILE D 30 10.11 -14.31 -17.36
C ILE D 30 11.58 -14.56 -17.79
N SER D 31 11.86 -15.76 -18.28
CA SER D 31 13.19 -16.12 -18.77
C SER D 31 13.43 -15.51 -20.15
N LYS D 32 14.69 -15.48 -20.58
CA LYS D 32 15.03 -14.97 -21.93
C LYS D 32 14.32 -15.78 -23.00
N GLU D 33 14.31 -17.10 -22.86
CA GLU D 33 13.67 -17.97 -23.87
C GLU D 33 12.13 -17.83 -23.89
N ALA D 34 11.51 -17.68 -22.72
CA ALA D 34 10.07 -17.46 -22.69
C ALA D 34 9.75 -16.12 -23.34
N SER D 35 10.53 -15.08 -23.04
CA SER D 35 10.39 -13.79 -23.68
C SER D 35 10.41 -13.85 -25.19
N GLY D 36 11.35 -14.61 -25.74
CA GLY D 36 11.49 -14.73 -27.19
C GLY D 36 10.29 -15.43 -27.81
N LEU D 37 9.82 -16.50 -27.16
CA LEU D 37 8.68 -17.24 -27.66
C LEU D 37 7.41 -16.38 -27.65
N VAL D 38 7.15 -15.72 -26.53
CA VAL D 38 5.99 -14.85 -26.43
C VAL D 38 6.03 -13.71 -27.48
N HIS D 39 7.18 -13.07 -27.58
CA HIS D 39 7.35 -11.93 -28.48
C HIS D 39 7.07 -12.35 -29.93
N ARG D 40 7.70 -13.44 -30.31
CA ARG D 40 7.57 -13.98 -31.64
C ARG D 40 6.16 -14.51 -31.91
N THR D 41 5.53 -15.16 -30.92
CA THR D 41 4.24 -15.74 -31.16
C THR D 41 3.19 -14.62 -31.35
N ARG D 42 3.26 -13.56 -30.54
CA ARG D 42 2.37 -12.42 -30.75
C ARG D 42 2.49 -11.83 -32.15
N GLN D 43 3.71 -11.73 -32.64
CA GLN D 43 3.98 -11.17 -33.97
C GLN D 43 3.40 -12.10 -35.06
N GLU D 44 3.60 -13.42 -34.88
CA GLU D 44 3.10 -14.39 -35.83
C GLU D 44 1.57 -14.35 -35.86
N ILE D 45 0.95 -14.21 -34.68
CA ILE D 45 -0.50 -14.01 -34.62
C ILE D 45 -0.97 -12.68 -35.30
N SER D 46 -0.29 -11.56 -35.04
CA SER D 46 -0.60 -10.31 -35.75
C SER D 46 -0.64 -10.54 -37.28
N ASP D 47 0.35 -11.26 -37.77
CA ASP D 47 0.47 -11.57 -39.21
C ASP D 47 -0.77 -12.34 -39.69
N LEU D 48 -1.30 -13.22 -38.85
CA LEU D 48 -2.50 -13.94 -39.23
C LEU D 48 -3.70 -13.00 -39.20
N VAL D 49 -3.78 -12.18 -38.16
CA VAL D 49 -4.93 -11.25 -38.00
C VAL D 49 -5.05 -10.33 -39.21
N HIS D 50 -3.90 -9.98 -39.79
CA HIS D 50 -3.82 -8.98 -40.81
C HIS D 50 -3.61 -9.57 -42.20
N GLY D 51 -3.78 -10.88 -42.33
CA GLY D 51 -3.69 -11.51 -43.62
C GLY D 51 -2.30 -11.58 -44.22
N ARG D 52 -1.25 -11.30 -43.46
CA ARG D 52 0.12 -11.40 -43.99
C ARG D 52 0.65 -12.84 -44.06
N ASP D 53 0.03 -13.76 -43.32
CA ASP D 53 0.41 -15.17 -43.32
C ASP D 53 -0.91 -15.99 -43.30
N LYS D 54 -0.91 -17.12 -43.99
CA LYS D 54 -2.12 -17.91 -44.14
C LYS D 54 -2.17 -19.21 -43.31
N ARG D 55 -1.23 -19.36 -42.38
CA ARG D 55 -1.32 -20.46 -41.43
C ARG D 55 -2.56 -20.26 -40.60
N LEU D 56 -3.07 -21.37 -40.09
CA LEU D 56 -4.25 -21.35 -39.26
C LEU D 56 -3.82 -21.36 -37.77
N LEU D 57 -4.24 -20.34 -37.04
CA LEU D 57 -4.05 -20.31 -35.59
C LEU D 57 -4.98 -21.35 -34.98
N VAL D 58 -4.46 -22.15 -34.06
CA VAL D 58 -5.30 -23.14 -33.37
C VAL D 58 -5.12 -22.98 -31.85
N ILE D 59 -6.17 -22.54 -31.18
CA ILE D 59 -6.18 -22.40 -29.76
C ILE D 59 -6.78 -23.71 -29.27
N ILE D 60 -5.96 -24.55 -28.63
CA ILE D 60 -6.43 -25.88 -28.30
C ILE D 60 -5.92 -26.34 -26.95
N GLY D 61 -6.81 -26.94 -26.16
CA GLY D 61 -6.50 -27.43 -24.83
C GLY D 61 -7.72 -27.61 -23.95
N PRO D 62 -7.50 -27.86 -22.66
CA PRO D 62 -8.61 -28.14 -21.80
C PRO D 62 -9.57 -26.97 -21.73
N CYS D 63 -10.83 -27.28 -21.53
CA CYS D 63 -11.82 -26.24 -21.24
C CYS D 63 -11.31 -25.41 -20.07
N SER D 64 -10.85 -26.07 -19.02
CA SER D 64 -10.23 -25.38 -17.91
C SER D 64 -9.05 -26.14 -17.34
N ILE D 65 -8.10 -25.41 -16.77
CA ILE D 65 -6.98 -26.03 -16.08
C ILE D 65 -7.32 -26.27 -14.64
N HIS D 66 -7.41 -27.53 -14.21
CA HIS D 66 -7.58 -27.81 -12.80
C HIS D 66 -6.39 -28.56 -12.24
N ASP D 67 -5.53 -29.07 -13.10
CA ASP D 67 -4.33 -29.77 -12.64
C ASP D 67 -3.12 -29.33 -13.45
N PRO D 68 -2.13 -28.72 -12.81
CA PRO D 68 -0.94 -28.32 -13.55
C PRO D 68 -0.11 -29.46 -14.10
N LYS D 69 -0.02 -30.56 -13.36
CA LYS D 69 0.72 -31.72 -13.81
C LYS D 69 0.14 -32.25 -15.15
N ALA D 70 -1.18 -32.39 -15.21
CA ALA D 70 -1.84 -32.86 -16.41
C ALA D 70 -1.64 -31.85 -17.54
N ALA D 71 -1.71 -30.57 -17.20
CA ALA D 71 -1.56 -29.53 -18.21
C ALA D 71 -0.18 -29.61 -18.83
N LEU D 72 0.83 -29.83 -18.02
CA LEU D 72 2.19 -29.97 -18.55
C LEU D 72 2.38 -31.22 -19.41
N GLU D 73 1.75 -32.32 -19.02
CA GLU D 73 1.79 -33.55 -19.84
C GLU D 73 1.10 -33.34 -21.15
N TYR D 74 -0.05 -32.67 -21.09
CA TYR D 74 -0.79 -32.31 -22.27
C TYR D 74 0.09 -31.50 -23.22
N ALA D 75 0.77 -30.50 -22.65
CA ALA D 75 1.63 -29.61 -23.45
C ALA D 75 2.79 -30.36 -24.13
N GLU D 76 3.36 -31.34 -23.45
CA GLU D 76 4.40 -32.19 -24.08
C GLU D 76 3.88 -32.85 -25.35
N ARG D 77 2.74 -33.50 -25.25
CA ARG D 77 2.15 -34.11 -26.43
C ARG D 77 1.83 -33.07 -27.48
N LEU D 78 1.23 -31.97 -27.08
CA LEU D 78 0.87 -30.94 -28.06
C LEU D 78 2.07 -30.34 -28.78
N LEU D 79 3.18 -30.14 -28.07
CA LEU D 79 4.35 -29.49 -28.65
C LEU D 79 4.86 -30.23 -29.90
N LYS D 80 4.83 -31.56 -29.86
CA LYS D 80 5.25 -32.37 -31.00
C LYS D 80 4.40 -32.07 -32.20
N LEU D 81 3.09 -31.88 -32.00
CA LEU D 81 2.20 -31.56 -33.13
C LEU D 81 2.35 -30.10 -33.54
N ARG D 82 2.58 -29.23 -32.57
CA ARG D 82 2.90 -27.85 -32.88
C ARG D 82 4.04 -27.79 -33.89
N LYS D 83 5.11 -28.52 -33.59
CA LYS D 83 6.32 -28.54 -34.45
C LYS D 83 6.05 -29.21 -35.80
N GLN D 84 5.41 -30.37 -35.75
CA GLN D 84 5.11 -31.15 -36.94
C GLN D 84 4.31 -30.35 -37.97
N TYR D 85 3.33 -29.59 -37.50
CA TYR D 85 2.42 -28.86 -38.37
C TYR D 85 2.79 -27.38 -38.50
N GLU D 86 4.04 -27.02 -38.24
CA GLU D 86 4.38 -25.61 -38.08
C GLU D 86 4.28 -24.81 -39.36
N ASN D 87 4.23 -25.46 -40.52
CA ASN D 87 4.13 -24.73 -41.78
C ASN D 87 2.68 -24.50 -42.19
N GLU D 88 1.75 -25.25 -41.59
CA GLU D 88 0.32 -25.12 -41.88
C GLU D 88 -0.45 -24.47 -40.73
N LEU D 89 -0.11 -24.88 -39.50
CA LEU D 89 -0.83 -24.47 -38.30
C LEU D 89 0.11 -23.76 -37.34
N LEU D 90 -0.46 -22.79 -36.62
CA LEU D 90 0.20 -22.15 -35.51
C LEU D 90 -0.55 -22.59 -34.22
N ILE D 91 -0.06 -23.65 -33.60
CA ILE D 91 -0.72 -24.25 -32.43
C ILE D 91 -0.28 -23.50 -31.15
N VAL D 92 -1.29 -23.03 -30.41
CA VAL D 92 -1.08 -22.35 -29.14
C VAL D 92 -1.98 -23.03 -28.09
N MET D 93 -1.42 -23.34 -26.92
CA MET D 93 -2.23 -24.02 -25.91
C MET D 93 -3.24 -23.11 -25.22
N ARG D 94 -4.44 -23.63 -25.10
CA ARG D 94 -5.50 -23.01 -24.35
C ARG D 94 -5.18 -23.22 -22.88
N VAL D 95 -4.97 -22.11 -22.16
CA VAL D 95 -4.68 -22.13 -20.75
C VAL D 95 -5.68 -21.25 -20.00
N TYR D 96 -6.94 -21.70 -19.94
CA TYR D 96 -8.03 -20.95 -19.24
C TYR D 96 -8.17 -21.48 -17.82
N PHE D 97 -8.23 -20.58 -16.84
CA PHE D 97 -8.29 -21.02 -15.46
C PHE D 97 -9.70 -21.20 -14.89
N GLU D 98 -10.71 -20.74 -15.61
CA GLU D 98 -12.08 -20.91 -15.13
C GLU D 98 -13.09 -20.94 -16.27
N LYS D 99 -14.25 -21.56 -16.02
CA LYS D 99 -15.41 -21.40 -16.87
C LYS D 99 -16.34 -20.37 -16.22
N PRO D 100 -16.48 -19.20 -16.81
CA PRO D 100 -17.24 -18.16 -16.07
C PRO D 100 -18.72 -18.47 -16.04
N ARG D 101 -19.21 -18.78 -14.86
CA ARG D 101 -20.63 -18.97 -14.60
C ARG D 101 -20.90 -18.04 -13.45
N THR D 102 -21.86 -17.13 -13.62
CA THR D 102 -22.33 -16.34 -12.48
C THR D 102 -23.42 -17.15 -11.78
N THR D 103 -23.00 -18.28 -11.24
CA THR D 103 -23.89 -19.29 -10.68
C THR D 103 -23.08 -20.24 -9.81
N VAL D 104 -23.74 -21.22 -9.22
CA VAL D 104 -23.06 -22.24 -8.45
C VAL D 104 -22.10 -23.03 -9.34
N GLY D 105 -20.97 -23.43 -8.76
CA GLY D 105 -19.91 -24.14 -9.48
C GLY D 105 -18.53 -23.70 -9.01
N TRP D 106 -17.54 -24.56 -9.23
CA TRP D 106 -16.13 -24.25 -9.00
C TRP D 106 -15.73 -22.97 -9.75
N LYS D 107 -15.01 -22.08 -9.05
CA LYS D 107 -14.66 -20.78 -9.61
C LYS D 107 -13.28 -20.76 -10.24
N GLY D 108 -12.68 -21.93 -10.40
CA GLY D 108 -11.46 -22.01 -11.20
C GLY D 108 -10.20 -22.06 -10.38
N LEU D 109 -9.10 -22.22 -11.08
CA LEU D 109 -7.82 -22.49 -10.44
C LEU D 109 -7.20 -21.28 -9.75
N ILE D 110 -7.40 -20.11 -10.33
CA ILE D 110 -6.89 -18.89 -9.71
C ILE D 110 -7.68 -18.64 -8.43
N ASN D 111 -9.01 -18.59 -8.53
CA ASN D 111 -9.85 -18.24 -7.37
C ASN D 111 -9.89 -19.30 -6.32
N ASP D 112 -9.98 -20.57 -6.76
CA ASP D 112 -10.09 -21.70 -5.84
C ASP D 112 -9.21 -22.86 -6.25
N PRO D 113 -7.89 -22.72 -6.11
CA PRO D 113 -6.96 -23.78 -6.54
C PRO D 113 -7.11 -25.12 -5.84
N HIS D 114 -7.60 -25.12 -4.60
CA HIS D 114 -7.70 -26.36 -3.83
C HIS D 114 -8.99 -27.12 -4.14
N LEU D 115 -9.87 -26.57 -4.95
CA LEU D 115 -11.08 -27.25 -5.42
C LEU D 115 -12.03 -27.55 -4.28
N ASP D 116 -11.90 -26.81 -3.19
CA ASP D 116 -12.75 -26.98 -2.00
C ASP D 116 -13.56 -25.76 -1.51
N GLY D 117 -13.53 -24.66 -2.26
CA GLY D 117 -14.16 -23.41 -1.82
C GLY D 117 -13.41 -22.58 -0.80
N THR D 118 -12.10 -22.77 -0.69
CA THR D 118 -11.31 -21.93 0.24
C THR D 118 -10.77 -20.63 -0.37
N PHE D 119 -10.97 -20.40 -1.64
CA PHE D 119 -10.49 -19.17 -2.25
C PHE D 119 -9.05 -18.72 -1.90
N ASP D 120 -8.10 -19.63 -2.01
CA ASP D 120 -6.69 -19.31 -1.77
C ASP D 120 -6.05 -18.63 -3.01
N ILE D 121 -6.42 -17.38 -3.25
CA ILE D 121 -6.12 -16.73 -4.52
C ILE D 121 -4.62 -16.40 -4.70
N ASN D 122 -3.93 -16.06 -3.62
CA ASN D 122 -2.48 -15.93 -3.68
C ASN D 122 -1.80 -17.19 -4.23
N PHE D 123 -2.22 -18.35 -3.74
CA PHE D 123 -1.73 -19.64 -4.27
C PHE D 123 -2.16 -19.86 -5.72
N GLY D 124 -3.43 -19.53 -5.99
CA GLY D 124 -3.97 -19.65 -7.34
C GLY D 124 -3.16 -18.84 -8.35
N LEU D 125 -2.88 -17.58 -8.02
CA LEU D 125 -2.13 -16.73 -8.93
C LEU D 125 -0.70 -17.24 -9.09
N ARG D 126 -0.09 -17.69 -7.99
CA ARG D 126 1.24 -18.26 -8.04
C ARG D 126 1.25 -19.45 -8.97
N GLN D 127 0.30 -20.36 -8.78
CA GLN D 127 0.26 -21.58 -9.58
C GLN D 127 0.02 -21.28 -11.04
N ALA D 128 -0.84 -20.31 -11.30
CA ALA D 128 -1.11 -19.90 -12.66
C ALA D 128 0.17 -19.40 -13.34
N ARG D 129 0.86 -18.47 -12.68
CA ARG D 129 2.09 -17.92 -13.25
C ARG D 129 3.12 -19.02 -13.45
N SER D 130 3.19 -19.96 -12.50
CA SER D 130 4.22 -20.98 -12.52
C SER D 130 4.01 -21.92 -13.73
N LEU D 131 2.75 -22.26 -13.97
CA LEU D 131 2.41 -23.10 -15.10
C LEU D 131 2.68 -22.38 -16.40
N LEU D 132 2.25 -21.13 -16.53
CA LEU D 132 2.47 -20.35 -17.75
C LEU D 132 3.96 -20.22 -18.06
N LEU D 133 4.77 -20.00 -17.03
CA LEU D 133 6.22 -19.89 -17.23
C LEU D 133 6.81 -21.25 -17.68
N SER D 134 6.42 -22.33 -16.99
CA SER D 134 6.92 -23.67 -17.39
C SER D 134 6.52 -23.99 -18.82
N LEU D 135 5.31 -23.58 -19.21
CA LEU D 135 4.83 -23.86 -20.56
C LEU D 135 5.70 -23.17 -21.62
N ASN D 136 5.85 -21.85 -21.47
CA ASN D 136 6.67 -21.07 -22.38
C ASN D 136 8.11 -21.60 -22.39
N ASN D 137 8.62 -22.01 -21.24
CA ASN D 137 9.98 -22.57 -21.17
C ASN D 137 10.17 -23.86 -21.96
N MET D 138 9.14 -24.69 -22.08
CA MET D 138 9.27 -25.93 -22.86
C MET D 138 9.01 -25.67 -24.34
N GLY D 139 8.57 -24.46 -24.68
CA GLY D 139 8.34 -24.07 -26.06
C GLY D 139 6.88 -24.03 -26.47
N MET D 140 5.96 -24.20 -25.52
CA MET D 140 4.52 -24.11 -25.82
C MET D 140 3.98 -22.70 -25.45
N PRO D 141 3.62 -21.87 -26.45
CA PRO D 141 2.99 -20.56 -26.11
C PRO D 141 1.63 -20.78 -25.47
N ALA D 142 1.16 -19.77 -24.74
CA ALA D 142 -0.08 -19.91 -23.96
C ALA D 142 -1.09 -18.84 -24.33
N SER D 143 -2.36 -19.22 -24.20
CA SER D 143 -3.49 -18.34 -24.46
C SER D 143 -4.43 -18.42 -23.26
N THR D 144 -5.11 -17.33 -22.95
CA THR D 144 -6.05 -17.30 -21.80
C THR D 144 -7.11 -16.23 -22.00
N GLU D 145 -8.09 -16.22 -21.11
CA GLU D 145 -9.19 -15.28 -21.16
C GLU D 145 -9.07 -14.41 -19.96
N PHE D 146 -9.22 -13.12 -20.18
CA PHE D 146 -9.11 -12.14 -19.14
C PHE D 146 -10.50 -11.65 -18.74
N LEU D 147 -10.83 -11.82 -17.48
CA LEU D 147 -12.18 -11.52 -16.99
C LEU D 147 -12.26 -10.26 -16.15
N ASP D 148 -11.10 -9.72 -15.76
CA ASP D 148 -11.05 -8.50 -14.96
C ASP D 148 -9.82 -7.67 -15.33
N MET D 149 -9.70 -6.52 -14.70
CA MET D 149 -8.68 -5.51 -15.07
C MET D 149 -7.41 -5.58 -14.21
N ILE D 150 -7.40 -6.53 -13.26
CA ILE D 150 -6.33 -6.67 -12.29
C ILE D 150 -5.48 -7.92 -12.54
N THR D 151 -6.11 -9.08 -12.78
CA THR D 151 -5.33 -10.32 -12.96
C THR D 151 -4.28 -10.24 -14.07
N PRO D 152 -4.52 -9.47 -15.14
CA PRO D 152 -3.47 -9.43 -16.14
C PRO D 152 -2.11 -8.98 -15.68
N GLN D 153 -2.05 -8.16 -14.64
CA GLN D 153 -0.77 -7.69 -14.11
C GLN D 153 0.05 -8.83 -13.51
N TYR D 154 -0.61 -9.94 -13.17
CA TYR D 154 0.09 -11.07 -12.58
C TYR D 154 0.73 -11.99 -13.60
N TYR D 155 0.14 -12.12 -14.79
CA TYR D 155 0.70 -13.03 -15.80
C TYR D 155 0.60 -12.72 -17.31
N ALA D 156 0.24 -11.49 -17.70
CA ALA D 156 -0.07 -11.23 -19.10
C ALA D 156 1.19 -11.18 -19.91
N ASP D 157 2.31 -10.93 -19.24
CA ASP D 157 3.65 -11.02 -19.86
C ASP D 157 3.96 -12.42 -20.47
N LEU D 158 3.20 -13.43 -20.07
CA LEU D 158 3.45 -14.79 -20.50
C LEU D 158 2.42 -15.28 -21.50
N ILE D 159 1.51 -14.38 -21.90
CA ILE D 159 0.36 -14.75 -22.70
C ILE D 159 0.57 -14.29 -24.15
N SER D 160 0.38 -15.19 -25.12
CA SER D 160 0.56 -14.87 -26.54
C SER D 160 -0.73 -14.50 -27.27
N TRP D 161 -1.88 -14.87 -26.70
CA TRP D 161 -3.18 -14.53 -27.28
C TRP D 161 -4.17 -14.49 -26.16
N GLY D 162 -5.04 -13.48 -26.17
CA GLY D 162 -6.01 -13.27 -25.11
C GLY D 162 -7.42 -13.20 -25.63
N ALA D 163 -8.36 -13.63 -24.80
CA ALA D 163 -9.76 -13.58 -25.17
C ALA D 163 -10.51 -12.72 -24.17
N ILE D 164 -11.55 -12.04 -24.68
CA ILE D 164 -12.56 -11.36 -23.88
C ILE D 164 -13.85 -12.13 -24.16
N GLY D 165 -14.52 -12.59 -23.12
CA GLY D 165 -15.70 -13.47 -23.29
C GLY D 165 -16.97 -12.77 -23.78
N ALA D 166 -17.95 -13.58 -24.20
CA ALA D 166 -19.20 -13.12 -24.84
C ALA D 166 -19.98 -12.17 -23.95
N ARG D 167 -19.89 -12.39 -22.63
CA ARG D 167 -20.62 -11.61 -21.65
C ARG D 167 -19.95 -10.26 -21.32
N THR D 168 -18.72 -10.04 -21.78
CA THR D 168 -18.03 -8.79 -21.50
C THR D 168 -17.57 -8.02 -22.75
N THR D 169 -17.82 -8.57 -23.93
CA THR D 169 -17.41 -7.95 -25.19
C THR D 169 -17.97 -6.53 -25.36
N GLU D 170 -19.15 -6.29 -24.81
CA GLU D 170 -19.82 -5.01 -24.89
C GLU D 170 -19.41 -4.05 -23.77
N SER D 171 -18.80 -4.59 -22.71
CA SER D 171 -18.34 -3.79 -21.57
C SER D 171 -17.28 -2.78 -21.94
N GLN D 172 -17.56 -1.50 -21.68
CA GLN D 172 -16.61 -0.45 -22.03
C GLN D 172 -15.27 -0.67 -21.35
N VAL D 173 -15.28 -0.95 -20.06
CA VAL D 173 -14.03 -1.16 -19.34
C VAL D 173 -13.23 -2.38 -19.85
N HIS D 174 -13.92 -3.44 -20.31
CA HIS D 174 -13.22 -4.60 -20.86
C HIS D 174 -12.63 -4.30 -22.24
N ARG D 175 -13.31 -3.47 -23.02
CA ARG D 175 -12.74 -2.95 -24.26
C ARG D 175 -11.49 -2.10 -23.97
N ALA D 176 -11.54 -1.31 -22.90
CA ALA D 176 -10.38 -0.50 -22.52
C ALA D 176 -9.20 -1.40 -22.12
N LEU D 177 -9.46 -2.46 -21.36
CA LEU D 177 -8.43 -3.47 -21.06
C LEU D 177 -7.82 -4.03 -22.33
N ALA D 178 -8.64 -4.47 -23.26
CA ALA D 178 -8.12 -5.04 -24.51
C ALA D 178 -7.21 -4.05 -25.25
N SER D 179 -7.58 -2.77 -25.22
CA SER D 179 -6.80 -1.75 -25.87
C SER D 179 -5.37 -1.60 -25.34
N GLY D 180 -5.12 -2.13 -24.15
CA GLY D 180 -3.79 -2.14 -23.54
C GLY D 180 -3.18 -3.50 -23.25
N LEU D 181 -3.81 -4.58 -23.71
CA LEU D 181 -3.18 -5.91 -23.66
C LEU D 181 -2.01 -6.09 -24.64
N SER D 182 -0.88 -6.60 -24.14
CA SER D 182 0.31 -6.79 -24.95
C SER D 182 0.08 -7.82 -26.06
N CYS D 183 -0.87 -8.73 -25.85
CA CYS D 183 -1.19 -9.72 -26.85
C CYS D 183 -2.32 -9.31 -27.82
N PRO D 184 -2.41 -10.00 -28.98
CA PRO D 184 -3.60 -9.95 -29.79
C PRO D 184 -4.79 -10.43 -28.99
N VAL D 185 -5.96 -9.94 -29.32
CA VAL D 185 -7.13 -10.24 -28.54
C VAL D 185 -8.28 -10.64 -29.46
N GLY D 186 -8.95 -11.71 -29.08
CA GLY D 186 -10.20 -12.11 -29.71
C GLY D 186 -11.44 -11.68 -28.90
N PHE D 187 -12.43 -11.15 -29.60
CA PHE D 187 -13.72 -10.84 -29.01
C PHE D 187 -14.80 -11.77 -29.53
N LYS D 188 -15.46 -12.47 -28.62
CA LYS D 188 -16.60 -13.30 -28.97
C LYS D 188 -17.85 -12.50 -29.32
N ASN D 189 -18.63 -13.05 -30.24
CA ASN D 189 -19.94 -12.54 -30.54
C ASN D 189 -20.82 -12.81 -29.34
N GLY D 190 -21.91 -12.06 -29.24
CA GLY D 190 -22.78 -12.08 -28.06
C GLY D 190 -23.45 -13.42 -27.82
N THR D 191 -23.94 -13.60 -26.59
CA THR D 191 -24.56 -14.84 -26.17
C THR D 191 -25.77 -15.17 -27.03
N ASP D 192 -26.42 -14.16 -27.61
CA ASP D 192 -27.53 -14.42 -28.52
C ASP D 192 -27.13 -14.41 -30.01
N GLY D 193 -25.84 -14.47 -30.30
CA GLY D 193 -25.36 -14.49 -31.67
C GLY D 193 -25.08 -13.13 -32.28
N ASN D 194 -25.21 -12.06 -31.49
CA ASN D 194 -24.97 -10.68 -31.95
C ASN D 194 -23.53 -10.48 -32.41
N LEU D 195 -23.31 -10.24 -33.69
CA LEU D 195 -21.96 -9.96 -34.15
C LEU D 195 -21.50 -8.50 -33.88
N LYS D 196 -22.43 -7.56 -33.90
CA LYS D 196 -22.09 -6.14 -33.89
C LYS D 196 -21.27 -5.70 -32.67
N ILE D 197 -21.59 -6.23 -31.49
CA ILE D 197 -20.81 -5.92 -30.31
C ILE D 197 -19.33 -6.31 -30.44
N ALA D 198 -19.05 -7.44 -31.06
CA ALA D 198 -17.64 -7.83 -31.26
C ALA D 198 -16.96 -6.95 -32.31
N ILE D 199 -17.67 -6.64 -33.39
CA ILE D 199 -17.14 -5.77 -34.43
C ILE D 199 -16.89 -4.37 -33.88
N ASP D 200 -17.85 -3.81 -33.12
CA ASP D 200 -17.63 -2.55 -32.39
C ASP D 200 -16.45 -2.66 -31.42
N ALA D 201 -16.32 -3.81 -30.77
CA ALA D 201 -15.22 -3.98 -29.82
C ALA D 201 -13.84 -3.84 -30.48
N ILE D 202 -13.69 -4.36 -31.71
CA ILE D 202 -12.40 -4.30 -32.41
C ILE D 202 -12.03 -2.86 -32.73
N GLY D 203 -13.00 -2.10 -33.23
CA GLY D 203 -12.78 -0.69 -33.49
C GLY D 203 -12.42 0.08 -32.24
N ALA D 204 -13.18 -0.12 -31.17
CA ALA D 204 -12.88 0.55 -29.91
C ALA D 204 -11.49 0.25 -29.35
N ALA D 205 -11.18 -1.04 -29.27
CA ALA D 205 -9.92 -1.46 -28.65
C ALA D 205 -8.71 -0.95 -29.41
N SER D 206 -8.90 -0.48 -30.64
CA SER D 206 -7.79 0.06 -31.43
C SER D 206 -7.36 1.42 -30.92
N HIS D 207 -8.18 2.05 -30.09
CA HIS D 207 -7.93 3.40 -29.60
C HIS D 207 -7.41 3.38 -28.19
N SER D 208 -6.76 4.48 -27.83
CA SER D 208 -6.22 4.67 -26.50
C SER D 208 -7.36 4.83 -25.51
N HIS D 209 -7.22 4.22 -24.33
CA HIS D 209 -8.21 4.36 -23.24
C HIS D 209 -7.51 4.58 -21.92
N HIS D 210 -8.32 4.93 -20.94
CA HIS D 210 -7.93 4.97 -19.53
C HIS D 210 -8.78 3.99 -18.77
N PHE D 211 -8.17 3.19 -17.88
CA PHE D 211 -8.90 2.41 -16.90
C PHE D 211 -8.12 2.25 -15.59
N LEU D 212 -8.86 1.95 -14.53
CA LEU D 212 -8.28 1.73 -13.22
C LEU D 212 -7.84 0.29 -13.02
N SER D 213 -6.72 0.14 -12.32
CA SER D 213 -6.08 -1.12 -12.07
C SER D 213 -5.08 -0.90 -10.93
N VAL D 214 -4.12 -1.80 -10.80
CA VAL D 214 -3.06 -1.66 -9.82
C VAL D 214 -1.70 -1.67 -10.51
N THR D 215 -0.76 -0.97 -9.92
CA THR D 215 0.61 -0.99 -10.38
C THR D 215 1.19 -2.38 -10.15
N LYS D 216 2.37 -2.63 -10.67
CA LYS D 216 3.04 -3.90 -10.44
C LYS D 216 3.24 -4.08 -8.93
N ALA D 217 3.44 -2.98 -8.23
CA ALA D 217 3.67 -2.99 -6.77
C ALA D 217 2.38 -3.14 -5.95
N GLY D 218 1.24 -3.26 -6.61
CA GLY D 218 -0.01 -3.63 -5.93
C GLY D 218 -0.89 -2.47 -5.52
N HIS D 219 -0.70 -1.30 -6.09
CA HIS D 219 -1.35 -0.10 -5.59
C HIS D 219 -2.29 0.50 -6.61
N SER D 220 -3.33 1.15 -6.14
CA SER D 220 -4.38 1.63 -7.00
C SER D 220 -3.83 2.57 -8.07
N ALA D 221 -4.23 2.40 -9.33
CA ALA D 221 -3.58 3.02 -10.46
C ALA D 221 -4.52 3.36 -11.58
N ILE D 222 -4.14 4.39 -12.33
CA ILE D 222 -4.77 4.71 -13.59
C ILE D 222 -3.80 4.24 -14.68
N VAL D 223 -4.34 3.52 -15.66
CA VAL D 223 -3.58 2.95 -16.78
C VAL D 223 -4.00 3.67 -18.04
N HIS D 224 -3.01 4.13 -18.83
CA HIS D 224 -3.25 4.82 -20.09
C HIS D 224 -2.73 3.94 -21.24
N THR D 225 -3.64 3.49 -22.08
CA THR D 225 -3.27 2.51 -23.10
C THR D 225 -2.95 3.21 -24.40
N GLY D 226 -2.23 2.49 -25.25
CA GLY D 226 -1.85 2.94 -26.60
C GLY D 226 -2.78 2.49 -27.70
N GLY D 227 -3.68 1.54 -27.43
CA GLY D 227 -4.50 0.96 -28.48
C GLY D 227 -3.95 -0.40 -28.88
N ASN D 228 -4.85 -1.28 -29.31
CA ASN D 228 -4.46 -2.62 -29.72
C ASN D 228 -4.93 -2.87 -31.17
N PRO D 229 -3.98 -2.89 -32.11
CA PRO D 229 -4.33 -3.05 -33.52
C PRO D 229 -4.59 -4.50 -33.90
N ASP D 230 -4.41 -5.43 -32.98
CA ASP D 230 -4.44 -6.83 -33.32
C ASP D 230 -5.63 -7.57 -32.74
N CYS D 231 -6.80 -6.97 -32.86
CA CYS D 231 -8.03 -7.63 -32.39
C CYS D 231 -8.87 -8.20 -33.52
N HIS D 232 -9.63 -9.26 -33.22
CA HIS D 232 -10.48 -9.90 -34.23
C HIS D 232 -11.71 -10.52 -33.60
N VAL D 233 -12.66 -10.95 -34.42
CA VAL D 233 -13.83 -11.62 -33.87
C VAL D 233 -13.64 -13.13 -33.76
N ILE D 234 -14.48 -13.73 -32.94
CA ILE D 234 -14.55 -15.16 -32.69
C ILE D 234 -16.01 -15.54 -32.82
N LEU D 235 -16.33 -16.38 -33.81
CA LEU D 235 -17.68 -16.87 -34.03
C LEU D 235 -17.89 -18.09 -33.13
N ARG D 236 -18.77 -17.93 -32.15
CA ARG D 236 -19.08 -18.96 -31.15
C ARG D 236 -20.55 -19.37 -31.07
N GLY D 237 -21.33 -19.09 -32.11
CA GLY D 237 -22.74 -19.44 -32.08
C GLY D 237 -23.56 -18.39 -31.36
N GLY D 238 -24.84 -18.69 -31.22
CA GLY D 238 -25.81 -17.74 -30.69
C GLY D 238 -27.16 -18.41 -30.75
N LYS D 239 -28.07 -17.82 -31.51
CA LYS D 239 -29.34 -18.46 -31.75
C LYS D 239 -29.11 -19.77 -32.50
N GLU D 240 -28.24 -19.76 -33.50
CA GLU D 240 -27.88 -20.99 -34.19
C GLU D 240 -26.36 -21.01 -34.35
N PRO D 241 -25.79 -22.18 -34.65
CA PRO D 241 -24.37 -22.24 -35.00
C PRO D 241 -23.96 -21.31 -36.17
N ASN D 242 -22.79 -20.69 -36.06
CA ASN D 242 -22.31 -19.72 -37.04
C ASN D 242 -20.94 -20.00 -37.70
N TYR D 243 -20.56 -21.27 -37.77
CA TYR D 243 -19.25 -21.68 -38.28
C TYR D 243 -19.24 -21.90 -39.81
N ASP D 244 -20.42 -22.02 -40.43
CA ASP D 244 -20.47 -22.45 -41.81
C ASP D 244 -20.14 -21.33 -42.79
N ALA D 245 -19.84 -21.70 -44.04
CA ALA D 245 -19.47 -20.77 -45.10
C ALA D 245 -20.37 -19.55 -45.21
N GLU D 246 -21.69 -19.75 -45.16
CA GLU D 246 -22.63 -18.65 -45.20
C GLU D 246 -22.43 -17.70 -44.00
N HIS D 247 -22.25 -18.23 -42.79
CA HIS D 247 -22.08 -17.32 -41.64
C HIS D 247 -20.74 -16.56 -41.71
N VAL D 248 -19.67 -17.25 -42.09
CA VAL D 248 -18.36 -16.63 -42.25
C VAL D 248 -18.40 -15.50 -43.26
N SER D 249 -19.05 -15.71 -44.39
CA SER D 249 -19.14 -14.71 -45.46
C SER D 249 -19.87 -13.46 -44.96
N GLU D 250 -20.96 -13.67 -44.23
CA GLU D 250 -21.76 -12.58 -43.72
C GLU D 250 -20.94 -11.76 -42.70
N ALA D 251 -20.22 -12.46 -41.84
CA ALA D 251 -19.41 -11.76 -40.84
C ALA D 251 -18.30 -10.96 -41.51
N ALA D 252 -17.65 -11.58 -42.48
CA ALA D 252 -16.61 -10.91 -43.24
C ALA D 252 -17.16 -9.66 -43.89
N GLU D 253 -18.36 -9.76 -44.46
CA GLU D 253 -19.02 -8.61 -45.06
C GLU D 253 -19.18 -7.45 -44.07
N GLN D 254 -19.72 -7.75 -42.88
CA GLN D 254 -19.91 -6.73 -41.85
C GLN D 254 -18.59 -6.14 -41.37
N LEU D 255 -17.58 -6.98 -41.27
CA LEU D 255 -16.28 -6.52 -40.81
C LEU D 255 -15.72 -5.50 -41.78
N ARG D 256 -15.76 -5.81 -43.06
CA ARG D 256 -15.26 -4.87 -44.05
C ARG D 256 -16.04 -3.57 -43.97
N ALA D 257 -17.37 -3.65 -43.87
CA ALA D 257 -18.19 -2.42 -43.80
C ALA D 257 -17.72 -1.53 -42.67
N ALA D 258 -17.32 -2.12 -41.54
CA ALA D 258 -16.86 -1.36 -40.38
C ALA D 258 -15.40 -0.93 -40.49
N GLY D 259 -14.73 -1.34 -41.56
CA GLY D 259 -13.35 -0.93 -41.79
C GLY D 259 -12.36 -1.58 -40.85
N VAL D 260 -12.64 -2.81 -40.42
CA VAL D 260 -11.71 -3.58 -39.57
C VAL D 260 -11.41 -4.93 -40.18
N THR D 261 -10.45 -5.65 -39.61
CA THR D 261 -9.99 -6.88 -40.26
C THR D 261 -11.12 -7.88 -40.46
N ASP D 262 -11.18 -8.43 -41.67
CA ASP D 262 -12.20 -9.42 -41.98
C ASP D 262 -11.69 -10.86 -41.85
N LYS D 263 -10.61 -11.04 -41.09
CA LYS D 263 -10.07 -12.37 -40.75
C LYS D 263 -10.57 -12.71 -39.36
N LEU D 264 -11.10 -13.91 -39.19
CA LEU D 264 -11.79 -14.25 -37.95
C LEU D 264 -11.49 -15.66 -37.49
N MET D 265 -11.91 -15.98 -36.26
CA MET D 265 -11.69 -17.25 -35.64
C MET D 265 -13.02 -17.91 -35.36
N ILE D 266 -13.06 -19.24 -35.43
CA ILE D 266 -14.30 -19.98 -35.25
C ILE D 266 -14.13 -20.96 -34.09
N ASP D 267 -14.97 -20.87 -33.07
CA ASP D 267 -14.96 -21.86 -31.99
C ASP D 267 -15.63 -23.16 -32.49
N CYS D 268 -14.90 -24.26 -32.43
CA CYS D 268 -15.46 -25.59 -32.75
C CYS D 268 -16.22 -26.17 -31.57
N SER D 269 -16.04 -25.59 -30.38
CA SER D 269 -16.65 -26.08 -29.14
C SER D 269 -17.83 -25.24 -28.68
N HIS D 270 -18.40 -25.57 -27.53
CA HIS D 270 -19.50 -24.75 -26.97
C HIS D 270 -20.71 -24.75 -27.90
N ALA D 271 -21.32 -23.60 -28.17
CA ALA D 271 -22.61 -23.62 -28.87
C ALA D 271 -22.50 -24.14 -30.33
N ASN D 272 -21.36 -23.96 -30.96
CA ASN D 272 -21.21 -24.43 -32.33
C ASN D 272 -21.22 -25.96 -32.43
N SER D 273 -20.86 -26.65 -31.35
CA SER D 273 -20.90 -28.11 -31.30
C SER D 273 -22.18 -28.60 -30.63
N ARG D 274 -23.10 -27.70 -30.36
CA ARG D 274 -24.31 -28.00 -29.60
C ARG D 274 -23.97 -28.54 -28.21
N LYS D 275 -22.93 -27.98 -27.62
CA LYS D 275 -22.38 -28.45 -26.33
C LYS D 275 -22.14 -29.98 -26.31
N ASP D 276 -21.76 -30.53 -27.45
CA ASP D 276 -21.48 -31.96 -27.55
C ASP D 276 -20.05 -32.11 -28.06
N TYR D 277 -19.16 -32.58 -27.20
CA TYR D 277 -17.75 -32.67 -27.60
C TYR D 277 -17.50 -33.52 -28.83
N THR D 278 -18.35 -34.52 -29.05
CA THR D 278 -18.16 -35.41 -30.18
C THR D 278 -18.47 -34.72 -31.52
N ARG D 279 -19.01 -33.50 -31.48
CA ARG D 279 -19.31 -32.74 -32.69
C ARG D 279 -18.31 -31.63 -33.02
N GLN D 280 -17.29 -31.42 -32.20
CA GLN D 280 -16.23 -30.50 -32.59
C GLN D 280 -15.57 -30.92 -33.90
N MET D 281 -15.46 -32.24 -34.08
CA MET D 281 -14.87 -32.80 -35.29
C MET D 281 -15.71 -32.44 -36.53
N GLU D 282 -17.02 -32.52 -36.35
CA GLU D 282 -18.00 -32.14 -37.34
C GLU D 282 -17.80 -30.69 -37.82
N VAL D 283 -17.63 -29.77 -36.87
CA VAL D 283 -17.35 -28.35 -37.18
C VAL D 283 -15.99 -28.18 -37.90
N ALA D 284 -14.98 -28.91 -37.42
CA ALA D 284 -13.65 -28.85 -38.00
C ALA D 284 -13.65 -29.37 -39.44
N GLN D 285 -14.45 -30.40 -39.69
CA GLN D 285 -14.59 -30.94 -41.04
C GLN D 285 -15.25 -29.91 -41.95
N ASP D 286 -16.29 -29.24 -41.44
CA ASP D 286 -16.93 -28.16 -42.18
C ASP D 286 -15.93 -27.03 -42.50
N ILE D 287 -15.15 -26.68 -41.51
CA ILE D 287 -14.08 -25.70 -41.67
C ILE D 287 -13.02 -26.22 -42.65
N ALA D 288 -12.66 -27.49 -42.57
CA ALA D 288 -11.66 -28.06 -43.48
C ALA D 288 -12.12 -27.87 -44.93
N ALA D 289 -13.40 -28.14 -45.17
CA ALA D 289 -14.01 -28.00 -46.50
C ALA D 289 -13.97 -26.54 -46.98
N GLN D 290 -14.20 -25.60 -46.08
CA GLN D 290 -14.08 -24.19 -46.45
C GLN D 290 -12.67 -23.85 -46.90
N LEU D 291 -11.67 -24.33 -46.16
CA LEU D 291 -10.27 -24.04 -46.48
C LEU D 291 -9.90 -24.65 -47.82
N GLU D 292 -10.44 -25.83 -48.11
CA GLU D 292 -10.20 -26.45 -49.41
C GLU D 292 -10.85 -25.68 -50.58
N GLN D 293 -12.12 -25.28 -50.43
CA GLN D 293 -12.83 -24.54 -51.48
C GLN D 293 -12.26 -23.12 -51.61
N ASP D 294 -12.11 -22.43 -50.48
CA ASP D 294 -11.59 -21.05 -50.43
C ASP D 294 -11.16 -20.63 -48.99
N GLY D 295 -12.14 -20.35 -48.13
CA GLY D 295 -11.89 -20.00 -46.72
C GLY D 295 -10.94 -18.86 -46.42
N GLY D 296 -10.77 -17.92 -47.35
CA GLY D 296 -9.86 -16.78 -47.15
C GLY D 296 -10.04 -15.97 -45.86
N ASN D 297 -11.28 -15.91 -45.34
CA ASN D 297 -11.57 -15.10 -44.14
C ASN D 297 -11.30 -15.79 -42.80
N ILE D 298 -10.86 -17.05 -42.83
CA ILE D 298 -10.63 -17.81 -41.62
C ILE D 298 -9.15 -17.73 -41.23
N MET D 299 -8.88 -17.27 -40.02
CA MET D 299 -7.51 -17.20 -39.55
C MET D 299 -7.25 -18.07 -38.34
N GLY D 300 -8.29 -18.67 -37.76
CA GLY D 300 -8.08 -19.48 -36.55
C GLY D 300 -9.30 -20.27 -36.13
N VAL D 301 -9.06 -21.24 -35.27
CA VAL D 301 -10.12 -22.05 -34.68
C VAL D 301 -9.82 -22.30 -33.21
N MET D 302 -10.84 -22.70 -32.46
CA MET D 302 -10.65 -23.06 -31.07
C MET D 302 -11.23 -24.45 -30.83
N VAL D 303 -10.50 -25.26 -30.08
CA VAL D 303 -10.91 -26.65 -29.84
C VAL D 303 -10.72 -26.93 -28.35
N GLU D 304 -11.64 -27.67 -27.76
CA GLU D 304 -11.51 -28.11 -26.38
C GLU D 304 -11.12 -29.59 -26.33
N SER D 305 -9.88 -29.80 -25.86
CA SER D 305 -9.15 -31.06 -25.94
C SER D 305 -8.42 -31.34 -24.64
N HIS D 306 -8.28 -32.61 -24.27
CA HIS D 306 -7.57 -32.99 -23.05
C HIS D 306 -6.98 -34.40 -23.25
N LEU D 307 -6.23 -34.89 -22.30
CA LEU D 307 -5.61 -36.21 -22.39
C LEU D 307 -6.69 -37.29 -22.46
N VAL D 308 -7.77 -37.12 -21.71
CA VAL D 308 -8.85 -38.11 -21.68
C VAL D 308 -10.12 -37.38 -22.06
N GLU D 309 -10.91 -37.96 -22.95
CA GLU D 309 -12.16 -37.39 -23.41
C GLU D 309 -13.27 -37.34 -22.33
N GLY D 310 -14.29 -36.55 -22.60
CA GLY D 310 -15.50 -36.51 -21.77
C GLY D 310 -15.38 -35.47 -20.65
N ARG D 311 -16.16 -35.66 -19.61
CA ARG D 311 -16.08 -34.80 -18.41
C ARG D 311 -16.43 -35.61 -17.18
N GLN D 312 -16.09 -35.03 -16.05
CA GLN D 312 -16.45 -35.61 -14.76
C GLN D 312 -16.78 -34.41 -13.88
N ASP D 313 -17.42 -34.63 -12.74
CA ASP D 313 -17.79 -33.46 -11.95
C ASP D 313 -16.92 -33.31 -10.68
N LYS D 314 -15.98 -34.23 -10.49
CA LYS D 314 -14.95 -34.14 -9.45
C LYS D 314 -13.67 -34.70 -10.07
N PRO D 315 -12.50 -34.20 -9.64
CA PRO D 315 -11.24 -34.52 -10.30
C PRO D 315 -10.71 -35.92 -9.96
N GLU D 316 -11.42 -36.97 -10.34
CA GLU D 316 -10.98 -38.33 -10.03
C GLU D 316 -10.09 -38.94 -11.11
N VAL D 317 -10.51 -38.83 -12.36
CA VAL D 317 -9.73 -39.33 -13.48
C VAL D 317 -8.69 -38.29 -13.89
N TYR D 318 -7.44 -38.73 -13.94
CA TYR D 318 -6.31 -37.91 -14.34
C TYR D 318 -6.55 -37.42 -15.77
N GLY D 319 -6.36 -36.13 -16.00
CA GLY D 319 -6.38 -35.63 -17.37
C GLY D 319 -7.73 -35.55 -18.05
N LYS D 320 -8.78 -35.51 -17.25
CA LYS D 320 -10.15 -35.44 -17.73
C LYS D 320 -10.82 -34.19 -17.20
N SER D 321 -11.54 -33.47 -18.05
CA SER D 321 -12.14 -32.17 -17.69
C SER D 321 -13.15 -32.26 -16.55
N ILE D 322 -13.12 -31.28 -15.63
CA ILE D 322 -14.18 -31.14 -14.63
C ILE D 322 -15.13 -30.00 -15.01
N THR D 323 -14.97 -29.41 -16.19
CA THR D 323 -15.91 -28.39 -16.68
C THR D 323 -16.53 -28.93 -17.98
N ASP D 324 -16.44 -28.22 -19.09
CA ASP D 324 -17.03 -28.73 -20.33
C ASP D 324 -16.28 -30.01 -20.81
N ALA D 325 -17.02 -30.91 -21.44
CA ALA D 325 -16.46 -32.15 -22.00
C ALA D 325 -15.47 -31.80 -23.12
N CYS D 326 -14.35 -32.53 -23.21
CA CYS D 326 -13.34 -32.31 -24.23
C CYS D 326 -13.14 -33.57 -25.06
N ILE D 327 -12.66 -33.38 -26.29
CA ILE D 327 -12.14 -34.49 -27.05
C ILE D 327 -10.85 -35.01 -26.41
N GLY D 328 -10.66 -36.33 -26.49
CA GLY D 328 -9.48 -36.99 -26.02
C GLY D 328 -8.33 -36.85 -27.01
N TRP D 329 -7.21 -37.50 -26.70
CA TRP D 329 -6.01 -37.27 -27.47
C TRP D 329 -6.07 -37.85 -28.89
N GLY D 330 -6.54 -39.08 -29.02
CA GLY D 330 -6.76 -39.67 -30.32
C GLY D 330 -7.54 -38.74 -31.27
N ALA D 331 -8.71 -38.28 -30.84
CA ALA D 331 -9.53 -37.39 -31.68
C ALA D 331 -8.81 -36.08 -31.96
N THR D 332 -8.03 -35.62 -30.99
CA THR D 332 -7.19 -34.43 -31.16
C THR D 332 -6.20 -34.62 -32.31
N GLU D 333 -5.54 -35.77 -32.37
CA GLU D 333 -4.57 -36.02 -33.42
C GLU D 333 -5.26 -36.01 -34.77
N GLU D 334 -6.40 -36.67 -34.83
CA GLU D 334 -7.21 -36.73 -36.04
C GLU D 334 -7.71 -35.35 -36.50
N LEU D 335 -8.17 -34.52 -35.56
CA LEU D 335 -8.70 -33.21 -35.92
C LEU D 335 -7.58 -32.28 -36.43
N LEU D 336 -6.44 -32.31 -35.77
CA LEU D 336 -5.31 -31.48 -36.19
C LEU D 336 -4.73 -31.94 -37.53
N ALA D 337 -4.62 -33.25 -37.74
CA ALA D 337 -4.17 -33.78 -39.04
C ALA D 337 -5.09 -33.26 -40.12
N LEU D 338 -6.40 -33.33 -39.87
CA LEU D 338 -7.42 -32.86 -40.81
C LEU D 338 -7.23 -31.40 -41.22
N LEU D 339 -7.06 -30.51 -40.24
CA LEU D 339 -6.91 -29.08 -40.51
C LEU D 339 -5.58 -28.75 -41.14
N ALA D 340 -4.53 -29.47 -40.74
CA ALA D 340 -3.21 -29.28 -41.36
C ALA D 340 -3.24 -29.64 -42.84
N GLY D 341 -3.90 -30.77 -43.15
CA GLY D 341 -4.05 -31.24 -44.53
C GLY D 341 -4.82 -30.24 -45.36
N ALA D 342 -5.98 -29.83 -44.87
CA ALA D 342 -6.80 -28.89 -45.58
C ALA D 342 -6.11 -27.55 -45.78
N ASN D 343 -5.45 -27.04 -44.75
CA ASN D 343 -4.86 -25.69 -44.86
C ASN D 343 -3.59 -25.70 -45.71
N LYS D 344 -2.93 -26.85 -45.83
CA LYS D 344 -1.77 -26.98 -46.75
C LYS D 344 -2.21 -26.60 -48.17
N LYS D 345 -3.36 -27.13 -48.56
CA LYS D 345 -3.93 -26.84 -49.87
C LYS D 345 -4.30 -25.36 -50.01
N ARG D 346 -4.95 -24.79 -48.99
CA ARG D 346 -5.27 -23.36 -49.06
C ARG D 346 -4.01 -22.55 -49.28
N MET D 347 -3.00 -22.82 -48.47
CA MET D 347 -1.76 -22.04 -48.55
C MET D 347 -1.09 -22.18 -49.94
N ALA D 348 -1.21 -23.35 -50.54
CA ALA D 348 -0.60 -23.61 -51.85
C ALA D 348 -1.14 -22.75 -53.04
N ARG D 349 -2.28 -22.09 -52.90
CA ARG D 349 -2.85 -21.35 -54.03
C ARG D 349 -2.06 -20.09 -54.42
MN MN E . 12.56 21.97 25.78
N PHE F . 12.79 13.79 2.42
CA PHE F . 13.83 14.06 3.44
C PHE F . 14.47 15.40 3.19
O PHE F . 14.24 16.00 2.09
CB PHE F . 14.88 12.96 3.37
CG PHE F . 14.32 11.60 3.65
CD1 PHE F . 14.08 11.22 4.95
CD2 PHE F . 13.97 10.75 2.63
CE1 PHE F . 13.55 10.00 5.24
CE2 PHE F . 13.46 9.50 2.90
CZ PHE F . 13.24 9.13 4.21
OXT PHE F . 15.24 15.91 4.03
MN MN G . 30.46 -7.87 18.01
N PHE H . 5.95 -7.66 14.60
CA PHE H . 6.75 -7.35 15.81
C PHE H . 6.80 -8.53 16.78
O PHE H . 7.62 -8.47 17.70
CB PHE H . 6.23 -6.13 16.54
CG PHE H . 6.23 -4.92 15.68
CD1 PHE H . 7.39 -4.20 15.49
CD2 PHE H . 5.09 -4.54 15.00
CE1 PHE H . 7.41 -3.12 14.64
CE2 PHE H . 5.10 -3.46 14.13
CZ PHE H . 6.26 -2.75 13.97
OXT PHE H . 6.02 -9.47 16.62
MN MN I . -27.56 9.72 -20.81
CL CL J . -29.29 3.33 -21.33
N PHE K . -17.28 -0.06 -0.55
CA PHE K . -18.37 -0.57 -1.43
C PHE K . -19.75 -0.21 -0.83
O PHE K . -19.90 0.15 0.37
CB PHE K . -18.24 -2.11 -1.64
CG PHE K . -16.97 -2.50 -2.36
CD1 PHE K . -16.84 -2.29 -3.73
CD2 PHE K . -15.89 -3.01 -1.67
CE1 PHE K . -15.67 -2.59 -4.37
CE2 PHE K . -14.73 -3.35 -2.31
CZ PHE K . -14.61 -3.13 -3.67
OXT PHE K . -20.73 -0.34 -1.57
MN MN L . -15.52 -24.71 -22.17
CL CL M . -13.76 -20.22 -25.23
CL CL N . -17.99 -16.44 -23.26
N PHE O . 0.53 -5.72 -18.18
CA PHE O . -0.53 -5.94 -19.20
C PHE O . 0.11 -6.44 -20.49
O PHE O . 1.33 -6.38 -20.67
CB PHE O . -1.36 -4.65 -19.45
CG PHE O . -2.03 -4.10 -18.21
CD1 PHE O . -3.21 -4.64 -17.74
CD2 PHE O . -1.44 -3.09 -17.49
CE1 PHE O . -3.78 -4.18 -16.56
CE2 PHE O . -2.02 -2.62 -16.31
CZ PHE O . -3.20 -3.15 -15.86
OXT PHE O . -0.59 -6.92 -21.38
#